data_5QSA
# 
_entry.id   5QSA 
# 
_audit_conform.dict_name       mmcif_pdbx.dic 
_audit_conform.dict_version    5.387 
_audit_conform.dict_location   http://mmcif.pdb.org/dictionaries/ascii/mmcif_pdbx.dic 
# 
loop_
_database_2.database_id 
_database_2.database_code 
_database_2.pdbx_database_accession 
_database_2.pdbx_DOI 
PDB   5QSA         pdb_00005qsa 10.2210/pdb5qsa/pdb 
WWPDB D_1001402343 ?            ?                   
# 
loop_
_pdbx_audit_revision_history.ordinal 
_pdbx_audit_revision_history.data_content_type 
_pdbx_audit_revision_history.major_revision 
_pdbx_audit_revision_history.minor_revision 
_pdbx_audit_revision_history.revision_date 
1 'Structure model' 1 0 2019-08-21 
2 'Structure model' 1 1 2024-03-06 
# 
_pdbx_audit_revision_details.ordinal             1 
_pdbx_audit_revision_details.revision_ordinal    1 
_pdbx_audit_revision_details.data_content_type   'Structure model' 
_pdbx_audit_revision_details.provider            repository 
_pdbx_audit_revision_details.type                'Initial release' 
_pdbx_audit_revision_details.description         ? 
_pdbx_audit_revision_details.details             ? 
# 
loop_
_pdbx_audit_revision_group.ordinal 
_pdbx_audit_revision_group.revision_ordinal 
_pdbx_audit_revision_group.data_content_type 
_pdbx_audit_revision_group.group 
1 2 'Structure model' 'Data collection'     
2 2 'Structure model' 'Database references' 
# 
loop_
_pdbx_audit_revision_category.ordinal 
_pdbx_audit_revision_category.revision_ordinal 
_pdbx_audit_revision_category.data_content_type 
_pdbx_audit_revision_category.category 
1 2 'Structure model' chem_comp_atom 
2 2 'Structure model' chem_comp_bond 
3 2 'Structure model' database_2     
# 
loop_
_pdbx_audit_revision_item.ordinal 
_pdbx_audit_revision_item.revision_ordinal 
_pdbx_audit_revision_item.data_content_type 
_pdbx_audit_revision_item.item 
1 2 'Structure model' '_database_2.pdbx_DOI'                
2 2 'Structure model' '_database_2.pdbx_database_accession' 
# 
_pdbx_database_status.entry_id                        5QSA 
_pdbx_database_status.status_code                     REL 
_pdbx_database_status.status_code_sf                  REL 
_pdbx_database_status.status_code_mr                  ? 
_pdbx_database_status.status_code_cs                  ? 
_pdbx_database_status.recvd_initial_deposition_date   2019-05-25 
_pdbx_database_status.deposit_site                    RCSB 
_pdbx_database_status.process_site                    RCSB 
_pdbx_database_status.SG_entry                        ? 
_pdbx_database_status.pdb_format_compatible           Y 
_pdbx_database_status.methods_development_category    ? 
_pdbx_database_status.status_code_nmr_data            ? 
# 
loop_
_audit_author.name 
_audit_author.pdbx_ordinal 
'Newman, J.A.'        1 
'Gavard, A.E.'        2 
'Sherestha, L.'       3 
'Burgess-Brown, N.A.' 4 
'von Delft, F.'       5 
'Arrowsmith, C.H.'    6 
'Edwards, A.'         7 
'Bountra, C.'         8 
'Gileadi, O.'         9 
# 
_citation.id                        primary 
_citation.title                     'PanDDA analysis group deposition' 
_citation.journal_abbrev            'To Be Published' 
_citation.journal_volume            ? 
_citation.page_first                ? 
_citation.page_last                 ? 
_citation.year                      ? 
_citation.journal_id_ASTM           ? 
_citation.country                   ? 
_citation.journal_id_ISSN           ? 
_citation.journal_id_CSD            0353 
_citation.book_publisher            ? 
_citation.pdbx_database_id_PubMed   ? 
_citation.pdbx_database_id_DOI      ? 
# 
loop_
_citation_author.citation_id 
_citation_author.name 
_citation_author.identifier_ORCID 
_citation_author.ordinal 
primary 'Newman, J.A.'        ? 1 
primary 'Gavard, A.E.'        ? 2 
primary 'Sherestha, L.'       ? 3 
primary 'Burgess-Brown, N.A.' ? 4 
primary 'von Delft, F.'       ? 5 
primary 'Arrowsmith, C.H.'    ? 6 
primary 'Edwards, A.'         ? 7 
primary 'Bountra, C.'         ? 8 
primary 'Gileadi, O.'         ? 9 
# 
loop_
_entity.id 
_entity.type 
_entity.src_method 
_entity.pdbx_description 
_entity.formula_weight 
_entity.pdbx_number_of_molecules 
_entity.pdbx_ec 
_entity.pdbx_mutation 
_entity.pdbx_fragment 
_entity.details 
1 polymer     man 'T-box transcription factor T'     19655.623 1   ? G177D ? ? 
2 non-polymer syn '2-(trifluoromethoxy)benzoic acid' 206.119   1   ? ?     ? ? 
3 water       nat water                              18.015    157 ? ?     ? ? 
# 
_entity_name_com.entity_id   1 
_entity_name_com.name        'Brachyury protein,Protein T' 
# 
_entity_poly.entity_id                      1 
_entity_poly.type                           'polypeptide(L)' 
_entity_poly.nstd_linkage                   no 
_entity_poly.nstd_monomer                   no 
_entity_poly.pdbx_seq_one_letter_code       
;GELRVGLEESELWLRFKELTNEMIVTKNGRRMFPVLKVNVSGLDPNAMYSFLLDFVAADNHRWKYVNGEWVPGGKPEPQA
PSCVYIHPDSPNFGAHWMKAPVSFSKVKLTNKLNGGGQIMLNSLHKYEPRIHIVRVGDPQRMITSHCFPETQFIAVTAYQ
NEEITALKIKYN
;
_entity_poly.pdbx_seq_one_letter_code_can   
;GELRVGLEESELWLRFKELTNEMIVTKNGRRMFPVLKVNVSGLDPNAMYSFLLDFVAADNHRWKYVNGEWVPGGKPEPQA
PSCVYIHPDSPNFGAHWMKAPVSFSKVKLTNKLNGGGQIMLNSLHKYEPRIHIVRVGDPQRMITSHCFPETQFIAVTAYQ
NEEITALKIKYN
;
_entity_poly.pdbx_strand_id                 A 
_entity_poly.pdbx_target_identifier         ? 
# 
loop_
_pdbx_entity_nonpoly.entity_id 
_pdbx_entity_nonpoly.name 
_pdbx_entity_nonpoly.comp_id 
2 '2-(trifluoromethoxy)benzoic acid' K2P 
3 water                              HOH 
# 
loop_
_entity_poly_seq.entity_id 
_entity_poly_seq.num 
_entity_poly_seq.mon_id 
_entity_poly_seq.hetero 
1 1   GLY n 
1 2   GLU n 
1 3   LEU n 
1 4   ARG n 
1 5   VAL n 
1 6   GLY n 
1 7   LEU n 
1 8   GLU n 
1 9   GLU n 
1 10  SER n 
1 11  GLU n 
1 12  LEU n 
1 13  TRP n 
1 14  LEU n 
1 15  ARG n 
1 16  PHE n 
1 17  LYS n 
1 18  GLU n 
1 19  LEU n 
1 20  THR n 
1 21  ASN n 
1 22  GLU n 
1 23  MET n 
1 24  ILE n 
1 25  VAL n 
1 26  THR n 
1 27  LYS n 
1 28  ASN n 
1 29  GLY n 
1 30  ARG n 
1 31  ARG n 
1 32  MET n 
1 33  PHE n 
1 34  PRO n 
1 35  VAL n 
1 36  LEU n 
1 37  LYS n 
1 38  VAL n 
1 39  ASN n 
1 40  VAL n 
1 41  SER n 
1 42  GLY n 
1 43  LEU n 
1 44  ASP n 
1 45  PRO n 
1 46  ASN n 
1 47  ALA n 
1 48  MET n 
1 49  TYR n 
1 50  SER n 
1 51  PHE n 
1 52  LEU n 
1 53  LEU n 
1 54  ASP n 
1 55  PHE n 
1 56  VAL n 
1 57  ALA n 
1 58  ALA n 
1 59  ASP n 
1 60  ASN n 
1 61  HIS n 
1 62  ARG n 
1 63  TRP n 
1 64  LYS n 
1 65  TYR n 
1 66  VAL n 
1 67  ASN n 
1 68  GLY n 
1 69  GLU n 
1 70  TRP n 
1 71  VAL n 
1 72  PRO n 
1 73  GLY n 
1 74  GLY n 
1 75  LYS n 
1 76  PRO n 
1 77  GLU n 
1 78  PRO n 
1 79  GLN n 
1 80  ALA n 
1 81  PRO n 
1 82  SER n 
1 83  CYS n 
1 84  VAL n 
1 85  TYR n 
1 86  ILE n 
1 87  HIS n 
1 88  PRO n 
1 89  ASP n 
1 90  SER n 
1 91  PRO n 
1 92  ASN n 
1 93  PHE n 
1 94  GLY n 
1 95  ALA n 
1 96  HIS n 
1 97  TRP n 
1 98  MET n 
1 99  LYS n 
1 100 ALA n 
1 101 PRO n 
1 102 VAL n 
1 103 SER n 
1 104 PHE n 
1 105 SER n 
1 106 LYS n 
1 107 VAL n 
1 108 LYS n 
1 109 LEU n 
1 110 THR n 
1 111 ASN n 
1 112 LYS n 
1 113 LEU n 
1 114 ASN n 
1 115 GLY n 
1 116 GLY n 
1 117 GLY n 
1 118 GLN n 
1 119 ILE n 
1 120 MET n 
1 121 LEU n 
1 122 ASN n 
1 123 SER n 
1 124 LEU n 
1 125 HIS n 
1 126 LYS n 
1 127 TYR n 
1 128 GLU n 
1 129 PRO n 
1 130 ARG n 
1 131 ILE n 
1 132 HIS n 
1 133 ILE n 
1 134 VAL n 
1 135 ARG n 
1 136 VAL n 
1 137 GLY n 
1 138 ASP n 
1 139 PRO n 
1 140 GLN n 
1 141 ARG n 
1 142 MET n 
1 143 ILE n 
1 144 THR n 
1 145 SER n 
1 146 HIS n 
1 147 CYS n 
1 148 PHE n 
1 149 PRO n 
1 150 GLU n 
1 151 THR n 
1 152 GLN n 
1 153 PHE n 
1 154 ILE n 
1 155 ALA n 
1 156 VAL n 
1 157 THR n 
1 158 ALA n 
1 159 TYR n 
1 160 GLN n 
1 161 ASN n 
1 162 GLU n 
1 163 GLU n 
1 164 ILE n 
1 165 THR n 
1 166 ALA n 
1 167 LEU n 
1 168 LYS n 
1 169 ILE n 
1 170 LYS n 
1 171 TYR n 
1 172 ASN n 
# 
_entity_src_gen.entity_id                          1 
_entity_src_gen.pdbx_src_id                        1 
_entity_src_gen.pdbx_alt_source_flag               sample 
_entity_src_gen.pdbx_seq_type                      'Biological sequence' 
_entity_src_gen.pdbx_beg_seq_num                   1 
_entity_src_gen.pdbx_end_seq_num                   172 
_entity_src_gen.gene_src_common_name               Human 
_entity_src_gen.gene_src_genus                     ? 
_entity_src_gen.pdbx_gene_src_gene                 'TBXT, T' 
_entity_src_gen.gene_src_species                   ? 
_entity_src_gen.gene_src_strain                    ? 
_entity_src_gen.gene_src_tissue                    ? 
_entity_src_gen.gene_src_tissue_fraction           ? 
_entity_src_gen.gene_src_details                   ? 
_entity_src_gen.pdbx_gene_src_fragment             ? 
_entity_src_gen.pdbx_gene_src_scientific_name      'Homo sapiens' 
_entity_src_gen.pdbx_gene_src_ncbi_taxonomy_id     9606 
_entity_src_gen.pdbx_gene_src_variant              ? 
_entity_src_gen.pdbx_gene_src_cell_line            ? 
_entity_src_gen.pdbx_gene_src_atcc                 ? 
_entity_src_gen.pdbx_gene_src_organ                ? 
_entity_src_gen.pdbx_gene_src_organelle            ? 
_entity_src_gen.pdbx_gene_src_cell                 ? 
_entity_src_gen.pdbx_gene_src_cellular_location    ? 
_entity_src_gen.host_org_common_name               ? 
_entity_src_gen.pdbx_host_org_scientific_name      'Escherichia coli' 
_entity_src_gen.pdbx_host_org_ncbi_taxonomy_id     562 
_entity_src_gen.host_org_genus                     ? 
_entity_src_gen.pdbx_host_org_gene                 ? 
_entity_src_gen.pdbx_host_org_organ                ? 
_entity_src_gen.host_org_species                   ? 
_entity_src_gen.pdbx_host_org_tissue               ? 
_entity_src_gen.pdbx_host_org_tissue_fraction      ? 
_entity_src_gen.pdbx_host_org_strain               ? 
_entity_src_gen.pdbx_host_org_variant              ? 
_entity_src_gen.pdbx_host_org_cell_line            ? 
_entity_src_gen.pdbx_host_org_atcc                 ? 
_entity_src_gen.pdbx_host_org_culture_collection   ? 
_entity_src_gen.pdbx_host_org_cell                 ? 
_entity_src_gen.pdbx_host_org_organelle            ? 
_entity_src_gen.pdbx_host_org_cellular_location    ? 
_entity_src_gen.pdbx_host_org_vector_type          ? 
_entity_src_gen.pdbx_host_org_vector               ? 
_entity_src_gen.host_org_details                   ? 
_entity_src_gen.expression_system_id               ? 
_entity_src_gen.plasmid_name                       ? 
_entity_src_gen.plasmid_details                    ? 
_entity_src_gen.pdbx_description                   ? 
# 
loop_
_chem_comp.id 
_chem_comp.type 
_chem_comp.mon_nstd_flag 
_chem_comp.name 
_chem_comp.pdbx_synonyms 
_chem_comp.formula 
_chem_comp.formula_weight 
ALA 'L-peptide linking' y ALANINE                            ? 'C3 H7 N O2'     89.093  
ARG 'L-peptide linking' y ARGININE                           ? 'C6 H15 N4 O2 1' 175.209 
ASN 'L-peptide linking' y ASPARAGINE                         ? 'C4 H8 N2 O3'    132.118 
ASP 'L-peptide linking' y 'ASPARTIC ACID'                    ? 'C4 H7 N O4'     133.103 
CYS 'L-peptide linking' y CYSTEINE                           ? 'C3 H7 N O2 S'   121.158 
GLN 'L-peptide linking' y GLUTAMINE                          ? 'C5 H10 N2 O3'   146.144 
GLU 'L-peptide linking' y 'GLUTAMIC ACID'                    ? 'C5 H9 N O4'     147.129 
GLY 'peptide linking'   y GLYCINE                            ? 'C2 H5 N O2'     75.067  
HIS 'L-peptide linking' y HISTIDINE                          ? 'C6 H10 N3 O2 1' 156.162 
HOH non-polymer         . WATER                              ? 'H2 O'           18.015  
ILE 'L-peptide linking' y ISOLEUCINE                         ? 'C6 H13 N O2'    131.173 
K2P non-polymer         . '2-(trifluoromethoxy)benzoic acid' ? 'C8 H5 F3 O3'    206.119 
LEU 'L-peptide linking' y LEUCINE                            ? 'C6 H13 N O2'    131.173 
LYS 'L-peptide linking' y LYSINE                             ? 'C6 H15 N2 O2 1' 147.195 
MET 'L-peptide linking' y METHIONINE                         ? 'C5 H11 N O2 S'  149.211 
PHE 'L-peptide linking' y PHENYLALANINE                      ? 'C9 H11 N O2'    165.189 
PRO 'L-peptide linking' y PROLINE                            ? 'C5 H9 N O2'     115.130 
SER 'L-peptide linking' y SERINE                             ? 'C3 H7 N O3'     105.093 
THR 'L-peptide linking' y THREONINE                          ? 'C4 H9 N O3'     119.119 
TRP 'L-peptide linking' y TRYPTOPHAN                         ? 'C11 H12 N2 O2'  204.225 
TYR 'L-peptide linking' y TYROSINE                           ? 'C9 H11 N O3'    181.189 
VAL 'L-peptide linking' y VALINE                             ? 'C5 H11 N O2'    117.146 
# 
loop_
_pdbx_poly_seq_scheme.asym_id 
_pdbx_poly_seq_scheme.entity_id 
_pdbx_poly_seq_scheme.seq_id 
_pdbx_poly_seq_scheme.mon_id 
_pdbx_poly_seq_scheme.ndb_seq_num 
_pdbx_poly_seq_scheme.pdb_seq_num 
_pdbx_poly_seq_scheme.auth_seq_num 
_pdbx_poly_seq_scheme.pdb_mon_id 
_pdbx_poly_seq_scheme.auth_mon_id 
_pdbx_poly_seq_scheme.pdb_strand_id 
_pdbx_poly_seq_scheme.pdb_ins_code 
_pdbx_poly_seq_scheme.hetero 
A 1 1   GLY 1   40  ?   ?   ?   A . n 
A 1 2   GLU 2   41  41  GLU GLU A . n 
A 1 3   LEU 3   42  42  LEU LEU A . n 
A 1 4   ARG 4   43  43  ARG ARG A . n 
A 1 5   VAL 5   44  44  VAL VAL A . n 
A 1 6   GLY 6   45  45  GLY GLY A . n 
A 1 7   LEU 7   46  46  LEU LEU A . n 
A 1 8   GLU 8   47  47  GLU GLU A . n 
A 1 9   GLU 9   48  48  GLU GLU A . n 
A 1 10  SER 10  49  49  SER SER A . n 
A 1 11  GLU 11  50  50  GLU GLU A . n 
A 1 12  LEU 12  51  51  LEU LEU A . n 
A 1 13  TRP 13  52  52  TRP TRP A . n 
A 1 14  LEU 14  53  53  LEU LEU A . n 
A 1 15  ARG 15  54  54  ARG ARG A . n 
A 1 16  PHE 16  55  55  PHE PHE A . n 
A 1 17  LYS 17  56  56  LYS LYS A . n 
A 1 18  GLU 18  57  57  GLU GLU A . n 
A 1 19  LEU 19  58  58  LEU LEU A . n 
A 1 20  THR 20  59  59  THR THR A . n 
A 1 21  ASN 21  60  60  ASN ASN A . n 
A 1 22  GLU 22  61  61  GLU GLU A . n 
A 1 23  MET 23  62  62  MET MET A . n 
A 1 24  ILE 24  63  63  ILE ILE A . n 
A 1 25  VAL 25  64  64  VAL VAL A . n 
A 1 26  THR 26  65  65  THR THR A . n 
A 1 27  LYS 27  66  66  LYS LYS A . n 
A 1 28  ASN 28  67  67  ASN ASN A . n 
A 1 29  GLY 29  68  68  GLY GLY A . n 
A 1 30  ARG 30  69  69  ARG ARG A . n 
A 1 31  ARG 31  70  70  ARG ARG A . n 
A 1 32  MET 32  71  71  MET MET A . n 
A 1 33  PHE 33  72  72  PHE PHE A . n 
A 1 34  PRO 34  73  73  PRO PRO A . n 
A 1 35  VAL 35  74  74  VAL VAL A . n 
A 1 36  LEU 36  75  75  LEU LEU A . n 
A 1 37  LYS 37  76  76  LYS LYS A . n 
A 1 38  VAL 38  77  77  VAL VAL A . n 
A 1 39  ASN 39  78  78  ASN ASN A . n 
A 1 40  VAL 40  79  79  VAL VAL A . n 
A 1 41  SER 41  80  80  SER SER A . n 
A 1 42  GLY 42  81  81  GLY GLY A . n 
A 1 43  LEU 43  82  82  LEU LEU A . n 
A 1 44  ASP 44  83  83  ASP ASP A . n 
A 1 45  PRO 45  84  84  PRO PRO A . n 
A 1 46  ASN 46  85  85  ASN ASN A . n 
A 1 47  ALA 47  86  86  ALA ALA A . n 
A 1 48  MET 48  87  87  MET MET A . n 
A 1 49  TYR 49  88  88  TYR TYR A . n 
A 1 50  SER 50  89  89  SER SER A . n 
A 1 51  PHE 51  90  90  PHE PHE A . n 
A 1 52  LEU 52  91  91  LEU LEU A . n 
A 1 53  LEU 53  92  92  LEU LEU A . n 
A 1 54  ASP 54  93  93  ASP ASP A . n 
A 1 55  PHE 55  94  94  PHE PHE A . n 
A 1 56  VAL 56  95  95  VAL VAL A . n 
A 1 57  ALA 57  96  96  ALA ALA A . n 
A 1 58  ALA 58  97  97  ALA ALA A . n 
A 1 59  ASP 59  98  98  ASP ASP A . n 
A 1 60  ASN 60  99  99  ASN ASN A . n 
A 1 61  HIS 61  100 100 HIS HIS A . n 
A 1 62  ARG 62  101 101 ARG ARG A . n 
A 1 63  TRP 63  102 102 TRP TRP A . n 
A 1 64  LYS 64  103 103 LYS LYS A . n 
A 1 65  TYR 65  104 104 TYR TYR A . n 
A 1 66  VAL 66  105 105 VAL VAL A . n 
A 1 67  ASN 67  106 106 ASN ASN A . n 
A 1 68  GLY 68  107 107 GLY GLY A . n 
A 1 69  GLU 69  108 108 GLU GLU A . n 
A 1 70  TRP 70  109 109 TRP TRP A . n 
A 1 71  VAL 71  110 110 VAL VAL A . n 
A 1 72  PRO 72  111 111 PRO PRO A . n 
A 1 73  GLY 73  112 112 GLY GLY A . n 
A 1 74  GLY 74  113 113 GLY GLY A . n 
A 1 75  LYS 75  114 114 LYS LYS A . n 
A 1 76  PRO 76  115 115 PRO PRO A . n 
A 1 77  GLU 77  116 116 GLU GLU A . n 
A 1 78  PRO 78  117 117 PRO PRO A . n 
A 1 79  GLN 79  118 118 GLN GLN A . n 
A 1 80  ALA 80  119 119 ALA ALA A . n 
A 1 81  PRO 81  120 120 PRO PRO A . n 
A 1 82  SER 82  121 121 SER SER A . n 
A 1 83  CYS 83  122 122 CYS CYS A . n 
A 1 84  VAL 84  123 123 VAL VAL A . n 
A 1 85  TYR 85  124 124 TYR TYR A . n 
A 1 86  ILE 86  125 125 ILE ILE A . n 
A 1 87  HIS 87  126 126 HIS HIS A . n 
A 1 88  PRO 88  127 127 PRO PRO A . n 
A 1 89  ASP 89  128 128 ASP ASP A . n 
A 1 90  SER 90  129 129 SER SER A . n 
A 1 91  PRO 91  130 130 PRO PRO A . n 
A 1 92  ASN 92  131 131 ASN ASN A . n 
A 1 93  PHE 93  132 132 PHE PHE A . n 
A 1 94  GLY 94  133 133 GLY GLY A . n 
A 1 95  ALA 95  134 134 ALA ALA A . n 
A 1 96  HIS 96  135 135 HIS HIS A . n 
A 1 97  TRP 97  136 136 TRP TRP A . n 
A 1 98  MET 98  137 137 MET MET A . n 
A 1 99  LYS 99  138 138 LYS LYS A . n 
A 1 100 ALA 100 139 139 ALA ALA A . n 
A 1 101 PRO 101 140 140 PRO PRO A . n 
A 1 102 VAL 102 141 141 VAL VAL A . n 
A 1 103 SER 103 142 142 SER SER A . n 
A 1 104 PHE 104 143 143 PHE PHE A . n 
A 1 105 SER 105 144 144 SER SER A . n 
A 1 106 LYS 106 145 145 LYS LYS A . n 
A 1 107 VAL 107 146 146 VAL VAL A . n 
A 1 108 LYS 108 147 147 LYS LYS A . n 
A 1 109 LEU 109 148 148 LEU LEU A . n 
A 1 110 THR 110 149 149 THR THR A . n 
A 1 111 ASN 111 150 150 ASN ASN A . n 
A 1 112 LYS 112 151 151 LYS LYS A . n 
A 1 113 LEU 113 152 152 LEU LEU A . n 
A 1 114 ASN 114 153 153 ASN ASN A . n 
A 1 115 GLY 115 154 154 GLY GLY A . n 
A 1 116 GLY 116 155 155 GLY GLY A . n 
A 1 117 GLY 117 156 156 GLY GLY A . n 
A 1 118 GLN 118 157 157 GLN GLN A . n 
A 1 119 ILE 119 158 158 ILE ILE A . n 
A 1 120 MET 120 159 159 MET MET A . n 
A 1 121 LEU 121 160 160 LEU LEU A . n 
A 1 122 ASN 122 161 161 ASN ASN A . n 
A 1 123 SER 123 162 162 SER SER A . n 
A 1 124 LEU 124 163 163 LEU LEU A . n 
A 1 125 HIS 125 164 164 HIS HIS A . n 
A 1 126 LYS 126 165 165 LYS LYS A . n 
A 1 127 TYR 127 166 166 TYR TYR A . n 
A 1 128 GLU 128 167 167 GLU GLU A . n 
A 1 129 PRO 129 168 168 PRO PRO A . n 
A 1 130 ARG 130 169 169 ARG ARG A . n 
A 1 131 ILE 131 170 170 ILE ILE A . n 
A 1 132 HIS 132 171 171 HIS HIS A . n 
A 1 133 ILE 133 172 172 ILE ILE A . n 
A 1 134 VAL 134 173 173 VAL VAL A . n 
A 1 135 ARG 135 174 174 ARG ARG A . n 
A 1 136 VAL 136 175 175 VAL VAL A . n 
A 1 137 GLY 137 176 176 GLY GLY A . n 
A 1 138 ASP 138 177 177 ASP ASP A . n 
A 1 139 PRO 139 178 178 PRO PRO A . n 
A 1 140 GLN 140 179 179 GLN GLN A . n 
A 1 141 ARG 141 180 180 ARG ARG A . n 
A 1 142 MET 142 181 181 MET MET A . n 
A 1 143 ILE 143 182 182 ILE ILE A . n 
A 1 144 THR 144 183 183 THR THR A . n 
A 1 145 SER 145 184 184 SER SER A . n 
A 1 146 HIS 146 185 185 HIS HIS A . n 
A 1 147 CYS 147 186 186 CYS CYS A . n 
A 1 148 PHE 148 187 187 PHE PHE A . n 
A 1 149 PRO 149 188 188 PRO PRO A . n 
A 1 150 GLU 150 189 189 GLU GLU A . n 
A 1 151 THR 151 190 190 THR THR A . n 
A 1 152 GLN 152 191 191 GLN GLN A . n 
A 1 153 PHE 153 192 192 PHE PHE A . n 
A 1 154 ILE 154 193 193 ILE ILE A . n 
A 1 155 ALA 155 194 194 ALA ALA A . n 
A 1 156 VAL 156 195 195 VAL VAL A . n 
A 1 157 THR 157 196 196 THR THR A . n 
A 1 158 ALA 158 197 197 ALA ALA A . n 
A 1 159 TYR 159 198 198 TYR TYR A . n 
A 1 160 GLN 160 199 199 GLN GLN A . n 
A 1 161 ASN 161 200 200 ASN ASN A . n 
A 1 162 GLU 162 201 201 GLU GLU A . n 
A 1 163 GLU 163 202 202 GLU GLU A . n 
A 1 164 ILE 164 203 203 ILE ILE A . n 
A 1 165 THR 165 204 204 THR THR A . n 
A 1 166 ALA 166 205 205 ALA ALA A . n 
A 1 167 LEU 167 206 206 LEU LEU A . n 
A 1 168 LYS 168 207 207 LYS LYS A . n 
A 1 169 ILE 169 208 208 ILE ILE A . n 
A 1 170 LYS 170 209 209 LYS LYS A . n 
A 1 171 TYR 171 210 210 TYR TYR A . n 
A 1 172 ASN 172 211 211 ASN ASN A . n 
# 
loop_
_pdbx_nonpoly_scheme.asym_id 
_pdbx_nonpoly_scheme.entity_id 
_pdbx_nonpoly_scheme.mon_id 
_pdbx_nonpoly_scheme.ndb_seq_num 
_pdbx_nonpoly_scheme.pdb_seq_num 
_pdbx_nonpoly_scheme.auth_seq_num 
_pdbx_nonpoly_scheme.pdb_mon_id 
_pdbx_nonpoly_scheme.auth_mon_id 
_pdbx_nonpoly_scheme.pdb_strand_id 
_pdbx_nonpoly_scheme.pdb_ins_code 
B 2 K2P 1   301 301 K2P LIG A . 
C 3 HOH 1   401 77  HOH HOH A . 
C 3 HOH 2   402 174 HOH HOH A . 
C 3 HOH 3   403 32  HOH HOH A . 
C 3 HOH 4   404 165 HOH HOH A . 
C 3 HOH 5   405 113 HOH HOH A . 
C 3 HOH 6   406 166 HOH HOH A . 
C 3 HOH 7   407 14  HOH HOH A . 
C 3 HOH 8   408 106 HOH HOH A . 
C 3 HOH 9   409 170 HOH HOH A . 
C 3 HOH 10  410 98  HOH HOH A . 
C 3 HOH 11  411 162 HOH HOH A . 
C 3 HOH 12  412 104 HOH HOH A . 
C 3 HOH 13  413 133 HOH HOH A . 
C 3 HOH 14  414 118 HOH HOH A . 
C 3 HOH 15  415 27  HOH HOH A . 
C 3 HOH 16  416 150 HOH HOH A . 
C 3 HOH 17  417 46  HOH HOH A . 
C 3 HOH 18  418 31  HOH HOH A . 
C 3 HOH 19  419 68  HOH HOH A . 
C 3 HOH 20  420 231 HOH HOH A . 
C 3 HOH 21  421 176 HOH HOH A . 
C 3 HOH 22  422 67  HOH HOH A . 
C 3 HOH 23  423 111 HOH HOH A . 
C 3 HOH 24  424 44  HOH HOH A . 
C 3 HOH 25  425 89  HOH HOH A . 
C 3 HOH 26  426 17  HOH HOH A . 
C 3 HOH 27  427 23  HOH HOH A . 
C 3 HOH 28  428 88  HOH HOH A . 
C 3 HOH 29  429 152 HOH HOH A . 
C 3 HOH 30  430 122 HOH HOH A . 
C 3 HOH 31  431 26  HOH HOH A . 
C 3 HOH 32  432 195 HOH HOH A . 
C 3 HOH 33  433 151 HOH HOH A . 
C 3 HOH 34  434 167 HOH HOH A . 
C 3 HOH 35  435 34  HOH HOH A . 
C 3 HOH 36  436 22  HOH HOH A . 
C 3 HOH 37  437 81  HOH HOH A . 
C 3 HOH 38  438 96  HOH HOH A . 
C 3 HOH 39  439 207 HOH HOH A . 
C 3 HOH 40  440 16  HOH HOH A . 
C 3 HOH 41  441 5   HOH HOH A . 
C 3 HOH 42  442 180 HOH HOH A . 
C 3 HOH 43  443 191 HOH HOH A . 
C 3 HOH 44  444 30  HOH HOH A . 
C 3 HOH 45  445 92  HOH HOH A . 
C 3 HOH 46  446 149 HOH HOH A . 
C 3 HOH 47  447 209 HOH HOH A . 
C 3 HOH 48  448 164 HOH HOH A . 
C 3 HOH 49  449 158 HOH HOH A . 
C 3 HOH 50  450 61  HOH HOH A . 
C 3 HOH 51  451 4   HOH HOH A . 
C 3 HOH 52  452 188 HOH HOH A . 
C 3 HOH 53  453 237 HOH HOH A . 
C 3 HOH 54  454 35  HOH HOH A . 
C 3 HOH 55  455 72  HOH HOH A . 
C 3 HOH 56  456 70  HOH HOH A . 
C 3 HOH 57  457 50  HOH HOH A . 
C 3 HOH 58  458 159 HOH HOH A . 
C 3 HOH 59  459 76  HOH HOH A . 
C 3 HOH 60  460 171 HOH HOH A . 
C 3 HOH 61  461 125 HOH HOH A . 
C 3 HOH 62  462 9   HOH HOH A . 
C 3 HOH 63  463 181 HOH HOH A . 
C 3 HOH 64  464 45  HOH HOH A . 
C 3 HOH 65  465 60  HOH HOH A . 
C 3 HOH 66  466 1   HOH HOH A . 
C 3 HOH 67  467 15  HOH HOH A . 
C 3 HOH 68  468 213 HOH HOH A . 
C 3 HOH 69  469 56  HOH HOH A . 
C 3 HOH 70  470 3   HOH HOH A . 
C 3 HOH 71  471 57  HOH HOH A . 
C 3 HOH 72  472 41  HOH HOH A . 
C 3 HOH 73  473 33  HOH HOH A . 
C 3 HOH 74  474 13  HOH HOH A . 
C 3 HOH 75  475 20  HOH HOH A . 
C 3 HOH 76  476 103 HOH HOH A . 
C 3 HOH 77  477 6   HOH HOH A . 
C 3 HOH 78  478 11  HOH HOH A . 
C 3 HOH 79  479 86  HOH HOH A . 
C 3 HOH 80  480 199 HOH HOH A . 
C 3 HOH 81  481 47  HOH HOH A . 
C 3 HOH 82  482 42  HOH HOH A . 
C 3 HOH 83  483 175 HOH HOH A . 
C 3 HOH 84  484 82  HOH HOH A . 
C 3 HOH 85  485 66  HOH HOH A . 
C 3 HOH 86  486 39  HOH HOH A . 
C 3 HOH 87  487 24  HOH HOH A . 
C 3 HOH 88  488 124 HOH HOH A . 
C 3 HOH 89  489 36  HOH HOH A . 
C 3 HOH 90  490 78  HOH HOH A . 
C 3 HOH 91  491 38  HOH HOH A . 
C 3 HOH 92  492 43  HOH HOH A . 
C 3 HOH 93  493 25  HOH HOH A . 
C 3 HOH 94  494 216 HOH HOH A . 
C 3 HOH 95  495 54  HOH HOH A . 
C 3 HOH 96  496 142 HOH HOH A . 
C 3 HOH 97  497 7   HOH HOH A . 
C 3 HOH 98  498 28  HOH HOH A . 
C 3 HOH 99  499 161 HOH HOH A . 
C 3 HOH 100 500 64  HOH HOH A . 
C 3 HOH 101 501 143 HOH HOH A . 
C 3 HOH 102 502 192 HOH HOH A . 
C 3 HOH 103 503 138 HOH HOH A . 
C 3 HOH 104 504 194 HOH HOH A . 
C 3 HOH 105 505 73  HOH HOH A . 
C 3 HOH 106 506 85  HOH HOH A . 
C 3 HOH 107 507 178 HOH HOH A . 
C 3 HOH 108 508 87  HOH HOH A . 
C 3 HOH 109 509 58  HOH HOH A . 
C 3 HOH 110 510 51  HOH HOH A . 
C 3 HOH 111 511 184 HOH HOH A . 
C 3 HOH 112 512 117 HOH HOH A . 
C 3 HOH 113 513 12  HOH HOH A . 
C 3 HOH 114 514 2   HOH HOH A . 
C 3 HOH 115 515 37  HOH HOH A . 
C 3 HOH 116 516 222 HOH HOH A . 
C 3 HOH 117 517 224 HOH HOH A . 
C 3 HOH 118 518 179 HOH HOH A . 
C 3 HOH 119 519 163 HOH HOH A . 
C 3 HOH 120 520 80  HOH HOH A . 
C 3 HOH 121 521 154 HOH HOH A . 
C 3 HOH 122 522 172 HOH HOH A . 
C 3 HOH 123 523 206 HOH HOH A . 
C 3 HOH 124 524 121 HOH HOH A . 
C 3 HOH 125 525 94  HOH HOH A . 
C 3 HOH 126 526 177 HOH HOH A . 
C 3 HOH 127 527 29  HOH HOH A . 
C 3 HOH 128 528 214 HOH HOH A . 
C 3 HOH 129 529 99  HOH HOH A . 
C 3 HOH 130 530 200 HOH HOH A . 
C 3 HOH 131 531 135 HOH HOH A . 
C 3 HOH 132 532 131 HOH HOH A . 
C 3 HOH 133 533 208 HOH HOH A . 
C 3 HOH 134 534 90  HOH HOH A . 
C 3 HOH 135 535 182 HOH HOH A . 
C 3 HOH 136 536 173 HOH HOH A . 
C 3 HOH 137 537 238 HOH HOH A . 
C 3 HOH 138 538 84  HOH HOH A . 
C 3 HOH 139 539 19  HOH HOH A . 
C 3 HOH 140 540 187 HOH HOH A . 
C 3 HOH 141 541 210 HOH HOH A . 
C 3 HOH 142 542 136 HOH HOH A . 
C 3 HOH 143 543 129 HOH HOH A . 
C 3 HOH 144 544 116 HOH HOH A . 
C 3 HOH 145 545 107 HOH HOH A . 
C 3 HOH 146 546 21  HOH HOH A . 
C 3 HOH 147 547 55  HOH HOH A . 
C 3 HOH 148 548 75  HOH HOH A . 
C 3 HOH 149 549 110 HOH HOH A . 
C 3 HOH 150 550 156 HOH HOH A . 
C 3 HOH 151 551 65  HOH HOH A . 
C 3 HOH 152 552 137 HOH HOH A . 
C 3 HOH 153 553 71  HOH HOH A . 
C 3 HOH 154 554 49  HOH HOH A . 
C 3 HOH 155 555 153 HOH HOH A . 
C 3 HOH 156 556 102 HOH HOH A . 
C 3 HOH 157 557 211 HOH HOH A . 
# 
loop_
_software.pdbx_ordinal 
_software.name 
_software.version 
_software.date 
_software.type 
_software.contact_author 
_software.contact_author_email 
_software.classification 
_software.location 
_software.language 
_software.citation_id 
1 REFMAC      5.8.0238 ?               program 'Garib N. Murshudov' garib@ysbl.york.ac.uk    refinement        
http://www.ccp4.ac.uk/dist/html/refmac5.html        Fortran_77 ? 
2 Aimless     0.7.3    15/08/18        program 'Phil Evans'         ?                        'data scaling'    
http://www.mrc-lmb.cam.ac.uk/harry/pre/aimless.html ?          ? 
3 PDB_EXTRACT 3.23     'SEP. 23, 2016' package PDB                  deposit@deposit.rcsb.org 'data extraction' 
http://sw-tools.pdb.org/apps/PDB_EXTRACT/           C++        ? 
4 XDS         .        ?               program ?                    ?                        'data reduction'  ? ?          ? 
5 REFMAC      .        ?               program ?                    ?                        phasing           ? ?          ? 
# 
_cell.entry_id           5QSA 
_cell.length_a           99.425 
_cell.length_b           99.425 
_cell.length_c           100.913 
_cell.angle_alpha        90.000 
_cell.angle_beta         90.000 
_cell.angle_gamma        120.000 
_cell.Z_PDB              18 
_cell.pdbx_unique_axis   ? 
# 
_symmetry.entry_id                         5QSA 
_symmetry.Int_Tables_number                155 
_symmetry.space_group_name_H-M             'H 3 2' 
_symmetry.pdbx_full_space_group_name_H-M   ? 
_symmetry.cell_setting                     ? 
# 
_exptl.crystals_number   1 
_exptl.entry_id          5QSA 
_exptl.method            'X-RAY DIFFRACTION' 
# 
_exptl_crystal.id                    1 
_exptl_crystal.pdbx_mosaicity        0.000 
_exptl_crystal.pdbx_mosaicity_esd    ? 
_exptl_crystal.density_Matthews      2.44 
_exptl_crystal.density_diffrn        ? 
_exptl_crystal.density_meas          ? 
_exptl_crystal.density_meas_temp     ? 
_exptl_crystal.density_percent_sol   49.63 
_exptl_crystal.size_max              ? 
_exptl_crystal.size_mid              ? 
_exptl_crystal.size_min              ? 
_exptl_crystal.size_rad              ? 
_exptl_crystal.description           ? 
# 
_exptl_crystal_grow.crystal_id      1 
_exptl_crystal_grow.method          'VAPOR DIFFUSION, SITTING DROP' 
_exptl_crystal_grow.pH              7 
_exptl_crystal_grow.temp            298 
_exptl_crystal_grow.pdbx_details    '0.1 M SPG pH 7.0, 30 % PEG 1000' 
_exptl_crystal_grow.temp_details    ? 
_exptl_crystal_grow.pdbx_pH_range   ? 
# 
_diffrn.id                               1 
_diffrn.ambient_temp                     100 
_diffrn.crystal_id                       1 
_diffrn.ambient_temp_details             ? 
_diffrn.pdbx_serial_crystal_experiment   ? 
# 
_diffrn_detector.detector               PIXEL 
_diffrn_detector.type                   'DECTRIS PILATUS 6M' 
_diffrn_detector.pdbx_collection_date   2018-12-08 
_diffrn_detector.diffrn_id              1 
_diffrn_detector.details                ? 
# 
_diffrn_radiation.diffrn_id                        1 
_diffrn_radiation.wavelength_id                    1 
_diffrn_radiation.pdbx_diffrn_protocol             'SINGLE WAVELENGTH' 
_diffrn_radiation.pdbx_monochromatic_or_laue_m_l   M 
_diffrn_radiation.monochromator                    ? 
_diffrn_radiation.pdbx_scattering_type             x-ray 
# 
_diffrn_radiation_wavelength.id           1 
_diffrn_radiation_wavelength.wavelength   0.91587 
_diffrn_radiation_wavelength.wt           1.0 
# 
_diffrn_source.diffrn_id                   1 
_diffrn_source.source                      SYNCHROTRON 
_diffrn_source.type                        'DIAMOND BEAMLINE I04-1' 
_diffrn_source.pdbx_wavelength_list        0.91587 
_diffrn_source.pdbx_synchrotron_site       Diamond 
_diffrn_source.pdbx_synchrotron_beamline   I04-1 
_diffrn_source.pdbx_wavelength             ? 
# 
_reflns.entry_id                     5QSA 
_reflns.pdbx_diffrn_id               1 
_reflns.pdbx_ordinal                 1 
_reflns.observed_criterion_sigma_I   ? 
_reflns.observed_criterion_sigma_F   ? 
_reflns.d_resolution_low             49.730 
_reflns.d_resolution_high            1.550 
_reflns.number_obs                   27982 
_reflns.number_all                   ? 
_reflns.percent_possible_obs         100.000 
_reflns.pdbx_Rmerge_I_obs            0.070 
_reflns.pdbx_Rsym_value              ? 
_reflns.pdbx_netI_over_sigmaI        12.500 
_reflns.B_iso_Wilson_estimate        ? 
_reflns.pdbx_redundancy              8.900 
_reflns.pdbx_Rrim_I_all              0.074 
_reflns.pdbx_Rpim_I_all              0.024 
_reflns.pdbx_CC_half                 0.999 
_reflns.pdbx_netI_over_av_sigmaI     ? 
_reflns.pdbx_number_measured_all     249089 
_reflns.pdbx_scaling_rejects         238 
_reflns.pdbx_chi_squared             ? 
_reflns.Rmerge_F_all                 ? 
_reflns.Rmerge_F_obs                 ? 
_reflns.observed_criterion_F_max     ? 
_reflns.observed_criterion_F_min     ? 
_reflns.observed_criterion_I_max     ? 
_reflns.observed_criterion_I_min     ? 
_reflns.pdbx_d_res_high_opt          ? 
_reflns.pdbx_d_res_low_opt           ? 
_reflns.details                      ? 
# 
loop_
_reflns_shell.pdbx_diffrn_id 
_reflns_shell.pdbx_ordinal 
_reflns_shell.d_res_high 
_reflns_shell.d_res_low 
_reflns_shell.number_measured_obs 
_reflns_shell.number_measured_all 
_reflns_shell.number_unique_obs 
_reflns_shell.pdbx_rejects 
_reflns_shell.Rmerge_I_obs 
_reflns_shell.meanI_over_sigI_obs 
_reflns_shell.pdbx_Rsym_value 
_reflns_shell.pdbx_chi_squared 
_reflns_shell.pdbx_redundancy 
_reflns_shell.percent_possible_obs 
_reflns_shell.pdbx_netI_over_sigmaI_obs 
_reflns_shell.number_possible 
_reflns_shell.number_unique_all 
_reflns_shell.Rmerge_F_all 
_reflns_shell.Rmerge_F_obs 
_reflns_shell.Rmerge_I_all 
_reflns_shell.meanI_over_sigI_all 
_reflns_shell.percent_possible_all 
_reflns_shell.pdbx_Rrim_I_all 
_reflns_shell.pdbx_Rpim_I_all 
_reflns_shell.pdbx_CC_half 
1 1 1.550 1.590  ? 12621 ? ? 1.343 ? ? ? 6.200 ? 1.100  ? 2038 ? ? ? ? 100.000 1.467 0.584 0.627 
1 2 6.930 49.730 ? 3142  ? ? 0.042 ? ? ? 8.800 ? 49.200 ? 357  ? ? ? ? 99.800  0.044 0.015 0.999 
# 
_refine.entry_id                                 5QSA 
_refine.pdbx_refine_id                           'X-RAY DIFFRACTION' 
_refine.ls_d_res_high                            1.5500 
_refine.ls_d_res_low                             49.7100 
_refine.pdbx_ls_sigma_F                          0.000 
_refine.pdbx_data_cutoff_high_absF               ? 
_refine.pdbx_data_cutoff_low_absF                ? 
_refine.ls_percent_reflns_obs                    99.8700 
_refine.ls_number_reflns_obs                     26529 
_refine.ls_number_reflns_all                     ? 
_refine.pdbx_ls_cross_valid_method               THROUGHOUT 
_refine.ls_matrix_type                           ? 
_refine.pdbx_R_Free_selection_details            RANDOM 
_refine.details                                  
'HYDROGENS HAVE BEEN ADDED IN THE RIDING POSITIONS U VALUES      : REFINED INDIVIDUALLY' 
_refine.ls_R_factor_all                          ? 
_refine.ls_R_factor_obs                          0.2122 
_refine.ls_R_factor_R_work                       0.2102 
_refine.ls_wR_factor_R_work                      ? 
_refine.ls_R_factor_R_free                       0.2491 
_refine.ls_wR_factor_R_free                      ? 
_refine.ls_percent_reflns_R_free                 5.1000 
_refine.ls_number_reflns_R_free                  1433 
_refine.ls_number_reflns_R_work                  ? 
_refine.ls_R_factor_R_free_error                 ? 
_refine.B_iso_mean                               26.5230 
_refine.solvent_model_param_bsol                 ? 
_refine.solvent_model_param_ksol                 ? 
_refine.pdbx_isotropic_thermal_model             ? 
_refine.aniso_B[1][1]                            -1.2200 
_refine.aniso_B[2][2]                            -1.2200 
_refine.aniso_B[3][3]                            3.9700 
_refine.aniso_B[1][2]                            -0.6100 
_refine.aniso_B[1][3]                            -0.0000 
_refine.aniso_B[2][3]                            -0.0000 
_refine.correlation_coeff_Fo_to_Fc               0.9650 
_refine.correlation_coeff_Fo_to_Fc_free          0.9520 
_refine.overall_SU_R_Cruickshank_DPI             ? 
_refine.pdbx_overall_SU_R_free_Cruickshank_DPI   ? 
_refine.pdbx_overall_SU_R_Blow_DPI               ? 
_refine.pdbx_overall_SU_R_free_Blow_DPI          ? 
_refine.overall_SU_R_free                        ? 
_refine.pdbx_overall_ESU_R                       0.1110 
_refine.pdbx_overall_ESU_R_Free                  0.1090 
_refine.overall_SU_ML                            0.1210 
_refine.overall_SU_B                             3.7570 
_refine.solvent_model_details                    MASK 
_refine.pdbx_solvent_vdw_probe_radii             1.2000 
_refine.pdbx_solvent_ion_probe_radii             0.8000 
_refine.pdbx_solvent_shrinkage_radii             0.8000 
_refine.ls_number_parameters                     ? 
_refine.ls_number_restraints                     ? 
_refine.pdbx_starting_model                      6f58 
_refine.pdbx_method_to_determine_struct          'FOURIER SYNTHESIS' 
_refine.pdbx_stereochemistry_target_values       'MAXIMUM LIKELIHOOD' 
_refine.pdbx_stereochem_target_val_spec_case     ? 
_refine.overall_FOM_work_R_set                   ? 
_refine.B_iso_max                                84.230 
_refine.B_iso_min                                16.770 
_refine.pdbx_overall_phase_error                 ? 
_refine.occupancy_max                            ? 
_refine.occupancy_min                            ? 
_refine.pdbx_diffrn_id                           1 
_refine.pdbx_TLS_residual_ADP_flag               ? 
_refine.pdbx_ls_sigma_I                          ? 
_refine.pdbx_data_cutoff_high_rms_absF           ? 
_refine.ls_R_factor_R_free_error_details         ? 
# 
_refine_hist.cycle_id                         final 
_refine_hist.pdbx_refine_id                   'X-RAY DIFFRACTION' 
_refine_hist.d_res_high                       1.5500 
_refine_hist.d_res_low                        49.7100 
_refine_hist.pdbx_number_atoms_ligand         14 
_refine_hist.number_atoms_solvent             157 
_refine_hist.number_atoms_total               1551 
_refine_hist.pdbx_number_residues_total       171 
_refine_hist.pdbx_B_iso_mean_ligand           23.76 
_refine_hist.pdbx_B_iso_mean_solvent          36.32 
_refine_hist.pdbx_number_atoms_protein        1380 
_refine_hist.pdbx_number_atoms_nucleic_acid   0 
# 
loop_
_refine_ls_restr.pdbx_refine_id 
_refine_ls_restr.type 
_refine_ls_restr.number 
_refine_ls_restr.dev_ideal 
_refine_ls_restr.dev_ideal_target 
_refine_ls_restr.weight 
_refine_ls_restr.pdbx_restraint_function 
'X-RAY DIFFRACTION' r_bond_refined_d       2208 0.009  0.014  ? ? 
'X-RAY DIFFRACTION' r_bond_other_d         1761 0.002  0.017  ? ? 
'X-RAY DIFFRACTION' r_angle_refined_deg    2616 1.485  1.668  ? ? 
'X-RAY DIFFRACTION' r_angle_other_deg      4103 1.296  1.579  ? ? 
'X-RAY DIFFRACTION' r_dihedral_angle_1_deg 236  6.897  5.000  ? ? 
'X-RAY DIFFRACTION' r_dihedral_angle_2_deg 98   27.868 21.224 ? ? 
'X-RAY DIFFRACTION' r_dihedral_angle_3_deg 327  14.619 15.000 ? ? 
'X-RAY DIFFRACTION' r_dihedral_angle_4_deg 14   20.851 15.000 ? ? 
'X-RAY DIFFRACTION' r_chiral_restr         241  0.065  0.200  ? ? 
'X-RAY DIFFRACTION' r_gen_planes_refined   2237 0.007  0.020  ? ? 
'X-RAY DIFFRACTION' r_gen_planes_other     417  0.001  0.020  ? ? 
'X-RAY DIFFRACTION' r_mcbond_it            1064 1.880  2.538  ? ? 
'X-RAY DIFFRACTION' r_mcbond_other         1054 1.869  2.533  ? ? 
'X-RAY DIFFRACTION' r_mcangle_it           1164 2.960  3.818  ? ? 
# 
_refine_ls_shell.d_res_high                       1.5490 
_refine_ls_shell.d_res_low                        1.5890 
_refine_ls_shell.pdbx_total_number_of_bins_used   20 
_refine_ls_shell.percent_reflns_obs               99.0700 
_refine_ls_shell.number_reflns_R_work             1921 
_refine_ls_shell.R_factor_all                     ? 
_refine_ls_shell.R_factor_R_work                  0.3770 
_refine_ls_shell.R_factor_R_free                  0.4380 
_refine_ls_shell.percent_reflns_R_free            ? 
_refine_ls_shell.number_reflns_R_free             96 
_refine_ls_shell.R_factor_R_free_error            ? 
_refine_ls_shell.number_reflns_all                2017 
_refine_ls_shell.number_reflns_obs                ? 
_refine_ls_shell.pdbx_refine_id                   'X-RAY DIFFRACTION' 
# 
_struct.entry_id                  5QSA 
_struct.title                     
'PanDDA analysis group deposition -- Crystal Structure of human Brachyury G177D variant in complex with Z2856434778' 
_struct.pdbx_model_details        ? 
_struct.pdbx_CASP_flag            ? 
_struct.pdbx_model_type_details   ? 
# 
_struct_keywords.entry_id        5QSA 
_struct_keywords.text            'SGC - Diamond I04-1 fragment screening, PanDDA, XChemExplorer, TRANSCRIPTION' 
_struct_keywords.pdbx_keywords   TRANSCRIPTION 
# 
loop_
_struct_asym.id 
_struct_asym.pdbx_blank_PDB_chainid_flag 
_struct_asym.pdbx_modified 
_struct_asym.entity_id 
_struct_asym.details 
A N N 1 ? 
B N N 2 ? 
C N N 3 ? 
# 
_struct_ref.id                         1 
_struct_ref.db_name                    UNP 
_struct_ref.db_code                    TBXT_HUMAN 
_struct_ref.pdbx_db_accession          O15178 
_struct_ref.pdbx_db_isoform            ? 
_struct_ref.entity_id                  1 
_struct_ref.pdbx_seq_one_letter_code   
;ELRVGLEESELWLRFKELTNEMIVTKNGRRMFPVLKVNVSGLDPNAMYSFLLDFVAADNHRWKYVNGEWVPGGKPEPQAP
SCVYIHPDSPNFGAHWMKAPVSFSKVKLTNKLNGGGQIMLNSLHKYEPRIHIVRVGGPQRMITSHCFPETQFIAVTAYQN
EEITALKIKYN
;
_struct_ref.pdbx_align_begin           41 
# 
_struct_ref_seq.align_id                      1 
_struct_ref_seq.ref_id                        1 
_struct_ref_seq.pdbx_PDB_id_code              5QSA 
_struct_ref_seq.pdbx_strand_id                A 
_struct_ref_seq.seq_align_beg                 2 
_struct_ref_seq.pdbx_seq_align_beg_ins_code   ? 
_struct_ref_seq.seq_align_end                 172 
_struct_ref_seq.pdbx_seq_align_end_ins_code   ? 
_struct_ref_seq.pdbx_db_accession             O15178 
_struct_ref_seq.db_align_beg                  41 
_struct_ref_seq.pdbx_db_align_beg_ins_code    ? 
_struct_ref_seq.db_align_end                  211 
_struct_ref_seq.pdbx_db_align_end_ins_code    ? 
_struct_ref_seq.pdbx_auth_seq_align_beg       41 
_struct_ref_seq.pdbx_auth_seq_align_end       211 
# 
loop_
_struct_ref_seq_dif.align_id 
_struct_ref_seq_dif.pdbx_pdb_id_code 
_struct_ref_seq_dif.mon_id 
_struct_ref_seq_dif.pdbx_pdb_strand_id 
_struct_ref_seq_dif.seq_num 
_struct_ref_seq_dif.pdbx_pdb_ins_code 
_struct_ref_seq_dif.pdbx_seq_db_name 
_struct_ref_seq_dif.pdbx_seq_db_accession_code 
_struct_ref_seq_dif.db_mon_id 
_struct_ref_seq_dif.pdbx_seq_db_seq_num 
_struct_ref_seq_dif.details 
_struct_ref_seq_dif.pdbx_auth_seq_num 
_struct_ref_seq_dif.pdbx_ordinal 
1 5QSA GLY A 1   ? UNP O15178 ?   ?   'expression tag'      40  1 
1 5QSA ASP A 138 ? UNP O15178 GLY 177 'engineered mutation' 177 2 
# 
_pdbx_struct_assembly.id                   1 
_pdbx_struct_assembly.details              author_and_software_defined_assembly 
_pdbx_struct_assembly.method_details       PISA 
_pdbx_struct_assembly.oligomeric_details   monomeric 
_pdbx_struct_assembly.oligomeric_count     1 
# 
_pdbx_struct_assembly_gen.assembly_id       1 
_pdbx_struct_assembly_gen.oper_expression   1 
_pdbx_struct_assembly_gen.asym_id_list      A,B,C 
# 
_pdbx_struct_oper_list.id                   1 
_pdbx_struct_oper_list.type                 'identity operation' 
_pdbx_struct_oper_list.name                 1_555 
_pdbx_struct_oper_list.symmetry_operation   x,y,z 
_pdbx_struct_oper_list.matrix[1][1]         1.0000000000 
_pdbx_struct_oper_list.matrix[1][2]         0.0000000000 
_pdbx_struct_oper_list.matrix[1][3]         0.0000000000 
_pdbx_struct_oper_list.vector[1]            0.0000000000 
_pdbx_struct_oper_list.matrix[2][1]         0.0000000000 
_pdbx_struct_oper_list.matrix[2][2]         1.0000000000 
_pdbx_struct_oper_list.matrix[2][3]         0.0000000000 
_pdbx_struct_oper_list.vector[2]            0.0000000000 
_pdbx_struct_oper_list.matrix[3][1]         0.0000000000 
_pdbx_struct_oper_list.matrix[3][2]         0.0000000000 
_pdbx_struct_oper_list.matrix[3][3]         1.0000000000 
_pdbx_struct_oper_list.vector[3]            0.0000000000 
# 
loop_
_struct_conf.conf_type_id 
_struct_conf.id 
_struct_conf.pdbx_PDB_helix_id 
_struct_conf.beg_label_comp_id 
_struct_conf.beg_label_asym_id 
_struct_conf.beg_label_seq_id 
_struct_conf.pdbx_beg_PDB_ins_code 
_struct_conf.end_label_comp_id 
_struct_conf.end_label_asym_id 
_struct_conf.end_label_seq_id 
_struct_conf.pdbx_end_PDB_ins_code 
_struct_conf.beg_auth_comp_id 
_struct_conf.beg_auth_asym_id 
_struct_conf.beg_auth_seq_id 
_struct_conf.end_auth_comp_id 
_struct_conf.end_auth_asym_id 
_struct_conf.end_auth_seq_id 
_struct_conf.pdbx_PDB_helix_class 
_struct_conf.details 
_struct_conf.pdbx_PDB_helix_length 
HELX_P HELX_P1 AA1 GLU A 9   ? THR A 20  ? GLU A 48  THR A 59  1 ? 12 
HELX_P HELX_P2 AA2 GLY A 94  ? ALA A 100 ? GLY A 133 ALA A 139 1 ? 7  
HELX_P HELX_P3 AA3 PRO A 149 ? THR A 151 ? PRO A 188 THR A 190 5 ? 3  
HELX_P HELX_P4 AA4 ASN A 161 ? ASN A 172 ? ASN A 200 ASN A 211 1 ? 12 
# 
_struct_conf_type.id          HELX_P 
_struct_conf_type.criteria    ? 
_struct_conf_type.reference   ? 
# 
loop_
_struct_mon_prot_cis.pdbx_id 
_struct_mon_prot_cis.label_comp_id 
_struct_mon_prot_cis.label_seq_id 
_struct_mon_prot_cis.label_asym_id 
_struct_mon_prot_cis.label_alt_id 
_struct_mon_prot_cis.pdbx_PDB_ins_code 
_struct_mon_prot_cis.auth_comp_id 
_struct_mon_prot_cis.auth_seq_id 
_struct_mon_prot_cis.auth_asym_id 
_struct_mon_prot_cis.pdbx_label_comp_id_2 
_struct_mon_prot_cis.pdbx_label_seq_id_2 
_struct_mon_prot_cis.pdbx_label_asym_id_2 
_struct_mon_prot_cis.pdbx_PDB_ins_code_2 
_struct_mon_prot_cis.pdbx_auth_comp_id_2 
_struct_mon_prot_cis.pdbx_auth_seq_id_2 
_struct_mon_prot_cis.pdbx_auth_asym_id_2 
_struct_mon_prot_cis.pdbx_PDB_model_num 
_struct_mon_prot_cis.pdbx_omega_angle 
1 PHE 33 A . ? PHE 72  A PRO 34 A ? PRO 73  A 1 -6.56  
2 SER 90 A . ? SER 129 A PRO 91 A ? PRO 130 A 1 -14.40 
# 
loop_
_struct_sheet.id 
_struct_sheet.type 
_struct_sheet.number_strands 
_struct_sheet.details 
AA1 ? 3 ? 
AA2 ? 5 ? 
AA3 ? 4 ? 
AA4 ? 3 ? 
AA5 ? 2 ? 
# 
loop_
_struct_sheet_order.sheet_id 
_struct_sheet_order.range_id_1 
_struct_sheet_order.range_id_2 
_struct_sheet_order.offset 
_struct_sheet_order.sense 
AA1 1 2 ? anti-parallel 
AA1 2 3 ? anti-parallel 
AA2 1 2 ? parallel      
AA2 2 3 ? anti-parallel 
AA2 3 4 ? anti-parallel 
AA2 4 5 ? anti-parallel 
AA3 1 2 ? anti-parallel 
AA3 2 3 ? anti-parallel 
AA3 3 4 ? anti-parallel 
AA4 1 2 ? anti-parallel 
AA4 2 3 ? parallel      
AA5 1 2 ? anti-parallel 
# 
loop_
_struct_sheet_range.sheet_id 
_struct_sheet_range.id 
_struct_sheet_range.beg_label_comp_id 
_struct_sheet_range.beg_label_asym_id 
_struct_sheet_range.beg_label_seq_id 
_struct_sheet_range.pdbx_beg_PDB_ins_code 
_struct_sheet_range.end_label_comp_id 
_struct_sheet_range.end_label_asym_id 
_struct_sheet_range.end_label_seq_id 
_struct_sheet_range.pdbx_end_PDB_ins_code 
_struct_sheet_range.beg_auth_comp_id 
_struct_sheet_range.beg_auth_asym_id 
_struct_sheet_range.beg_auth_seq_id 
_struct_sheet_range.end_auth_comp_id 
_struct_sheet_range.end_auth_asym_id 
_struct_sheet_range.end_auth_seq_id 
AA1 1 ARG A 4   ? LEU A 7   ? ARG A 43  LEU A 46  
AA1 2 LYS A 37  ? SER A 41  ? LYS A 76  SER A 80  
AA1 3 VAL A 102 ? SER A 103 ? VAL A 141 SER A 142 
AA2 1 ASN A 21  ? ILE A 24  ? ASN A 60  ILE A 63  
AA2 2 PHE A 153 ? VAL A 156 ? PHE A 192 VAL A 195 
AA2 3 LYS A 126 ? ARG A 135 ? LYS A 165 ARG A 174 
AA2 4 MET A 48  ? ALA A 57  ? MET A 87  ALA A 96  
AA2 5 ASN A 92  ? PHE A 93  ? ASN A 131 PHE A 132 
AA3 1 TYR A 85  ? ILE A 86  ? TYR A 124 ILE A 125 
AA3 2 MET A 48  ? ALA A 57  ? MET A 87  ALA A 96  
AA3 3 LYS A 126 ? ARG A 135 ? LYS A 165 ARG A 174 
AA3 4 ILE A 143 ? CYS A 147 ? ILE A 182 CYS A 186 
AA4 1 ARG A 30  ? ARG A 31  ? ARG A 69  ARG A 70  
AA4 2 LYS A 108 ? THR A 110 ? LYS A 147 THR A 149 
AA4 3 ILE A 119 ? MET A 120 ? ILE A 158 MET A 159 
AA5 1 ARG A 62  ? VAL A 66  ? ARG A 101 VAL A 105 
AA5 2 GLU A 69  ? GLY A 74  ? GLU A 108 GLY A 113 
# 
loop_
_pdbx_struct_sheet_hbond.sheet_id 
_pdbx_struct_sheet_hbond.range_id_1 
_pdbx_struct_sheet_hbond.range_id_2 
_pdbx_struct_sheet_hbond.range_1_label_atom_id 
_pdbx_struct_sheet_hbond.range_1_label_comp_id 
_pdbx_struct_sheet_hbond.range_1_label_asym_id 
_pdbx_struct_sheet_hbond.range_1_label_seq_id 
_pdbx_struct_sheet_hbond.range_1_PDB_ins_code 
_pdbx_struct_sheet_hbond.range_1_auth_atom_id 
_pdbx_struct_sheet_hbond.range_1_auth_comp_id 
_pdbx_struct_sheet_hbond.range_1_auth_asym_id 
_pdbx_struct_sheet_hbond.range_1_auth_seq_id 
_pdbx_struct_sheet_hbond.range_2_label_atom_id 
_pdbx_struct_sheet_hbond.range_2_label_comp_id 
_pdbx_struct_sheet_hbond.range_2_label_asym_id 
_pdbx_struct_sheet_hbond.range_2_label_seq_id 
_pdbx_struct_sheet_hbond.range_2_PDB_ins_code 
_pdbx_struct_sheet_hbond.range_2_auth_atom_id 
_pdbx_struct_sheet_hbond.range_2_auth_comp_id 
_pdbx_struct_sheet_hbond.range_2_auth_asym_id 
_pdbx_struct_sheet_hbond.range_2_auth_seq_id 
AA1 1 2 N GLY A 6   ? N GLY A 45  O ASN A 39  ? O ASN A 78  
AA1 2 3 N VAL A 38  ? N VAL A 77  O VAL A 102 ? O VAL A 141 
AA2 1 2 N ASN A 21  ? N ASN A 60  O ILE A 154 ? O ILE A 193 
AA2 2 3 O PHE A 153 ? O PHE A 192 N TYR A 127 ? N TYR A 166 
AA2 3 4 O HIS A 132 ? O HIS A 171 N LEU A 52  ? N LEU A 91  
AA2 4 5 N TYR A 49  ? N TYR A 88  O ASN A 92  ? O ASN A 131 
AA3 1 2 O TYR A 85  ? O TYR A 124 N LEU A 53  ? N LEU A 92  
AA3 2 3 N LEU A 52  ? N LEU A 91  O HIS A 132 ? O HIS A 171 
AA3 3 4 N ILE A 131 ? N ILE A 170 O HIS A 146 ? O HIS A 185 
AA4 1 2 N ARG A 30  ? N ARG A 69  O LEU A 109 ? O LEU A 148 
AA4 2 3 N THR A 110 ? N THR A 149 O ILE A 119 ? O ILE A 158 
AA5 1 2 N LYS A 64  ? N LYS A 103 O VAL A 71  ? O VAL A 110 
# 
_struct_site.id                   AC1 
_struct_site.pdbx_evidence_code   Software 
_struct_site.pdbx_auth_asym_id    A 
_struct_site.pdbx_auth_comp_id    K2P 
_struct_site.pdbx_auth_seq_id     301 
_struct_site.pdbx_auth_ins_code   ? 
_struct_site.pdbx_num_residues    8 
_struct_site.details              'binding site for residue K2P A 301' 
# 
loop_
_struct_site_gen.id 
_struct_site_gen.site_id 
_struct_site_gen.pdbx_num_res 
_struct_site_gen.label_comp_id 
_struct_site_gen.label_asym_id 
_struct_site_gen.label_seq_id 
_struct_site_gen.pdbx_auth_ins_code 
_struct_site_gen.auth_comp_id 
_struct_site_gen.auth_asym_id 
_struct_site_gen.auth_seq_id 
_struct_site_gen.label_atom_id 
_struct_site_gen.label_alt_id 
_struct_site_gen.symmetry 
_struct_site_gen.details 
1 AC1 8 GLU A 2   ? GLU A 41  . ? 6_555 ? 
2 AC1 8 LEU A 3   ? LEU A 42  . ? 1_555 ? 
3 AC1 8 GLY A 42  ? GLY A 81  . ? 1_555 ? 
4 AC1 8 LEU A 43  ? LEU A 82  . ? 1_555 ? 
5 AC1 8 TYR A 49  ? TYR A 88  . ? 1_555 ? 
6 AC1 8 ARG A 135 ? ARG A 174 . ? 1_555 ? 
7 AC1 8 MET A 142 ? MET A 181 . ? 1_555 ? 
8 AC1 8 THR A 144 ? THR A 183 . ? 1_555 ? 
# 
loop_
_pdbx_validate_torsion.id 
_pdbx_validate_torsion.PDB_model_num 
_pdbx_validate_torsion.auth_comp_id 
_pdbx_validate_torsion.auth_asym_id 
_pdbx_validate_torsion.auth_seq_id 
_pdbx_validate_torsion.PDB_ins_code 
_pdbx_validate_torsion.label_alt_id 
_pdbx_validate_torsion.phi 
_pdbx_validate_torsion.psi 
1 1 THR A 59  ? ? 76.73  110.96 
2 1 PHE A 143 ? ? -95.70 50.28  
3 1 PHE A 143 ? ? -92.61 50.28  
4 1 LEU A 152 ? ? -65.25 72.71  
# 
_pdbx_struct_special_symmetry.id              1 
_pdbx_struct_special_symmetry.PDB_model_num   1 
_pdbx_struct_special_symmetry.auth_asym_id    A 
_pdbx_struct_special_symmetry.auth_comp_id    HOH 
_pdbx_struct_special_symmetry.auth_seq_id     444 
_pdbx_struct_special_symmetry.PDB_ins_code    ? 
_pdbx_struct_special_symmetry.label_asym_id   C 
_pdbx_struct_special_symmetry.label_comp_id   HOH 
_pdbx_struct_special_symmetry.label_seq_id    . 
# 
_phasing.method   MR 
# 
_pdbx_entry_details.entry_id                 5QSA 
_pdbx_entry_details.has_ligand_of_interest   Y 
_pdbx_entry_details.compound_details         ? 
_pdbx_entry_details.source_details           ? 
_pdbx_entry_details.nonpolymer_details       ? 
_pdbx_entry_details.sequence_details         ? 
# 
_pdbx_unobs_or_zero_occ_residues.id               1 
_pdbx_unobs_or_zero_occ_residues.PDB_model_num    1 
_pdbx_unobs_or_zero_occ_residues.polymer_flag     Y 
_pdbx_unobs_or_zero_occ_residues.occupancy_flag   1 
_pdbx_unobs_or_zero_occ_residues.auth_asym_id     A 
_pdbx_unobs_or_zero_occ_residues.auth_comp_id     GLY 
_pdbx_unobs_or_zero_occ_residues.auth_seq_id      40 
_pdbx_unobs_or_zero_occ_residues.PDB_ins_code     ? 
_pdbx_unobs_or_zero_occ_residues.label_asym_id    A 
_pdbx_unobs_or_zero_occ_residues.label_comp_id    GLY 
_pdbx_unobs_or_zero_occ_residues.label_seq_id     1 
# 
loop_
_chem_comp_atom.comp_id 
_chem_comp_atom.atom_id 
_chem_comp_atom.type_symbol 
_chem_comp_atom.pdbx_aromatic_flag 
_chem_comp_atom.pdbx_stereo_config 
_chem_comp_atom.pdbx_ordinal 
ALA N    N N N 1   
ALA CA   C N S 2   
ALA C    C N N 3   
ALA O    O N N 4   
ALA CB   C N N 5   
ALA OXT  O N N 6   
ALA H    H N N 7   
ALA H2   H N N 8   
ALA HA   H N N 9   
ALA HB1  H N N 10  
ALA HB2  H N N 11  
ALA HB3  H N N 12  
ALA HXT  H N N 13  
ARG N    N N N 14  
ARG CA   C N S 15  
ARG C    C N N 16  
ARG O    O N N 17  
ARG CB   C N N 18  
ARG CG   C N N 19  
ARG CD   C N N 20  
ARG NE   N N N 21  
ARG CZ   C N N 22  
ARG NH1  N N N 23  
ARG NH2  N N N 24  
ARG OXT  O N N 25  
ARG H    H N N 26  
ARG H2   H N N 27  
ARG HA   H N N 28  
ARG HB2  H N N 29  
ARG HB3  H N N 30  
ARG HG2  H N N 31  
ARG HG3  H N N 32  
ARG HD2  H N N 33  
ARG HD3  H N N 34  
ARG HE   H N N 35  
ARG HH11 H N N 36  
ARG HH12 H N N 37  
ARG HH21 H N N 38  
ARG HH22 H N N 39  
ARG HXT  H N N 40  
ASN N    N N N 41  
ASN CA   C N S 42  
ASN C    C N N 43  
ASN O    O N N 44  
ASN CB   C N N 45  
ASN CG   C N N 46  
ASN OD1  O N N 47  
ASN ND2  N N N 48  
ASN OXT  O N N 49  
ASN H    H N N 50  
ASN H2   H N N 51  
ASN HA   H N N 52  
ASN HB2  H N N 53  
ASN HB3  H N N 54  
ASN HD21 H N N 55  
ASN HD22 H N N 56  
ASN HXT  H N N 57  
ASP N    N N N 58  
ASP CA   C N S 59  
ASP C    C N N 60  
ASP O    O N N 61  
ASP CB   C N N 62  
ASP CG   C N N 63  
ASP OD1  O N N 64  
ASP OD2  O N N 65  
ASP OXT  O N N 66  
ASP H    H N N 67  
ASP H2   H N N 68  
ASP HA   H N N 69  
ASP HB2  H N N 70  
ASP HB3  H N N 71  
ASP HD2  H N N 72  
ASP HXT  H N N 73  
CYS N    N N N 74  
CYS CA   C N R 75  
CYS C    C N N 76  
CYS O    O N N 77  
CYS CB   C N N 78  
CYS SG   S N N 79  
CYS OXT  O N N 80  
CYS H    H N N 81  
CYS H2   H N N 82  
CYS HA   H N N 83  
CYS HB2  H N N 84  
CYS HB3  H N N 85  
CYS HG   H N N 86  
CYS HXT  H N N 87  
GLN N    N N N 88  
GLN CA   C N S 89  
GLN C    C N N 90  
GLN O    O N N 91  
GLN CB   C N N 92  
GLN CG   C N N 93  
GLN CD   C N N 94  
GLN OE1  O N N 95  
GLN NE2  N N N 96  
GLN OXT  O N N 97  
GLN H    H N N 98  
GLN H2   H N N 99  
GLN HA   H N N 100 
GLN HB2  H N N 101 
GLN HB3  H N N 102 
GLN HG2  H N N 103 
GLN HG3  H N N 104 
GLN HE21 H N N 105 
GLN HE22 H N N 106 
GLN HXT  H N N 107 
GLU N    N N N 108 
GLU CA   C N S 109 
GLU C    C N N 110 
GLU O    O N N 111 
GLU CB   C N N 112 
GLU CG   C N N 113 
GLU CD   C N N 114 
GLU OE1  O N N 115 
GLU OE2  O N N 116 
GLU OXT  O N N 117 
GLU H    H N N 118 
GLU H2   H N N 119 
GLU HA   H N N 120 
GLU HB2  H N N 121 
GLU HB3  H N N 122 
GLU HG2  H N N 123 
GLU HG3  H N N 124 
GLU HE2  H N N 125 
GLU HXT  H N N 126 
GLY N    N N N 127 
GLY CA   C N N 128 
GLY C    C N N 129 
GLY O    O N N 130 
GLY OXT  O N N 131 
GLY H    H N N 132 
GLY H2   H N N 133 
GLY HA2  H N N 134 
GLY HA3  H N N 135 
GLY HXT  H N N 136 
HIS N    N N N 137 
HIS CA   C N S 138 
HIS C    C N N 139 
HIS O    O N N 140 
HIS CB   C N N 141 
HIS CG   C Y N 142 
HIS ND1  N Y N 143 
HIS CD2  C Y N 144 
HIS CE1  C Y N 145 
HIS NE2  N Y N 146 
HIS OXT  O N N 147 
HIS H    H N N 148 
HIS H2   H N N 149 
HIS HA   H N N 150 
HIS HB2  H N N 151 
HIS HB3  H N N 152 
HIS HD1  H N N 153 
HIS HD2  H N N 154 
HIS HE1  H N N 155 
HIS HE2  H N N 156 
HIS HXT  H N N 157 
HOH O    O N N 158 
HOH H1   H N N 159 
HOH H2   H N N 160 
ILE N    N N N 161 
ILE CA   C N S 162 
ILE C    C N N 163 
ILE O    O N N 164 
ILE CB   C N S 165 
ILE CG1  C N N 166 
ILE CG2  C N N 167 
ILE CD1  C N N 168 
ILE OXT  O N N 169 
ILE H    H N N 170 
ILE H2   H N N 171 
ILE HA   H N N 172 
ILE HB   H N N 173 
ILE HG12 H N N 174 
ILE HG13 H N N 175 
ILE HG21 H N N 176 
ILE HG22 H N N 177 
ILE HG23 H N N 178 
ILE HD11 H N N 179 
ILE HD12 H N N 180 
ILE HD13 H N N 181 
ILE HXT  H N N 182 
K2P C4   C Y N 183 
K2P C5   C Y N 184 
K2P C6   C Y N 185 
K2P C7   C N N 186 
K2P C    C N N 187 
K2P O    O N N 188 
K2P C1   C Y N 189 
K2P C2   C Y N 190 
K2P C3   C Y N 191 
K2P F    F N N 192 
K2P F1   F N N 193 
K2P F2   F N N 194 
K2P O1   O N N 195 
K2P O2   O N N 196 
K2P H1   H N N 197 
K2P H2   H N N 198 
K2P H3   H N N 199 
K2P H4   H N N 200 
K2P H5   H N N 201 
LEU N    N N N 202 
LEU CA   C N S 203 
LEU C    C N N 204 
LEU O    O N N 205 
LEU CB   C N N 206 
LEU CG   C N N 207 
LEU CD1  C N N 208 
LEU CD2  C N N 209 
LEU OXT  O N N 210 
LEU H    H N N 211 
LEU H2   H N N 212 
LEU HA   H N N 213 
LEU HB2  H N N 214 
LEU HB3  H N N 215 
LEU HG   H N N 216 
LEU HD11 H N N 217 
LEU HD12 H N N 218 
LEU HD13 H N N 219 
LEU HD21 H N N 220 
LEU HD22 H N N 221 
LEU HD23 H N N 222 
LEU HXT  H N N 223 
LYS N    N N N 224 
LYS CA   C N S 225 
LYS C    C N N 226 
LYS O    O N N 227 
LYS CB   C N N 228 
LYS CG   C N N 229 
LYS CD   C N N 230 
LYS CE   C N N 231 
LYS NZ   N N N 232 
LYS OXT  O N N 233 
LYS H    H N N 234 
LYS H2   H N N 235 
LYS HA   H N N 236 
LYS HB2  H N N 237 
LYS HB3  H N N 238 
LYS HG2  H N N 239 
LYS HG3  H N N 240 
LYS HD2  H N N 241 
LYS HD3  H N N 242 
LYS HE2  H N N 243 
LYS HE3  H N N 244 
LYS HZ1  H N N 245 
LYS HZ2  H N N 246 
LYS HZ3  H N N 247 
LYS HXT  H N N 248 
MET N    N N N 249 
MET CA   C N S 250 
MET C    C N N 251 
MET O    O N N 252 
MET CB   C N N 253 
MET CG   C N N 254 
MET SD   S N N 255 
MET CE   C N N 256 
MET OXT  O N N 257 
MET H    H N N 258 
MET H2   H N N 259 
MET HA   H N N 260 
MET HB2  H N N 261 
MET HB3  H N N 262 
MET HG2  H N N 263 
MET HG3  H N N 264 
MET HE1  H N N 265 
MET HE2  H N N 266 
MET HE3  H N N 267 
MET HXT  H N N 268 
PHE N    N N N 269 
PHE CA   C N S 270 
PHE C    C N N 271 
PHE O    O N N 272 
PHE CB   C N N 273 
PHE CG   C Y N 274 
PHE CD1  C Y N 275 
PHE CD2  C Y N 276 
PHE CE1  C Y N 277 
PHE CE2  C Y N 278 
PHE CZ   C Y N 279 
PHE OXT  O N N 280 
PHE H    H N N 281 
PHE H2   H N N 282 
PHE HA   H N N 283 
PHE HB2  H N N 284 
PHE HB3  H N N 285 
PHE HD1  H N N 286 
PHE HD2  H N N 287 
PHE HE1  H N N 288 
PHE HE2  H N N 289 
PHE HZ   H N N 290 
PHE HXT  H N N 291 
PRO N    N N N 292 
PRO CA   C N S 293 
PRO C    C N N 294 
PRO O    O N N 295 
PRO CB   C N N 296 
PRO CG   C N N 297 
PRO CD   C N N 298 
PRO OXT  O N N 299 
PRO H    H N N 300 
PRO HA   H N N 301 
PRO HB2  H N N 302 
PRO HB3  H N N 303 
PRO HG2  H N N 304 
PRO HG3  H N N 305 
PRO HD2  H N N 306 
PRO HD3  H N N 307 
PRO HXT  H N N 308 
SER N    N N N 309 
SER CA   C N S 310 
SER C    C N N 311 
SER O    O N N 312 
SER CB   C N N 313 
SER OG   O N N 314 
SER OXT  O N N 315 
SER H    H N N 316 
SER H2   H N N 317 
SER HA   H N N 318 
SER HB2  H N N 319 
SER HB3  H N N 320 
SER HG   H N N 321 
SER HXT  H N N 322 
THR N    N N N 323 
THR CA   C N S 324 
THR C    C N N 325 
THR O    O N N 326 
THR CB   C N R 327 
THR OG1  O N N 328 
THR CG2  C N N 329 
THR OXT  O N N 330 
THR H    H N N 331 
THR H2   H N N 332 
THR HA   H N N 333 
THR HB   H N N 334 
THR HG1  H N N 335 
THR HG21 H N N 336 
THR HG22 H N N 337 
THR HG23 H N N 338 
THR HXT  H N N 339 
TRP N    N N N 340 
TRP CA   C N S 341 
TRP C    C N N 342 
TRP O    O N N 343 
TRP CB   C N N 344 
TRP CG   C Y N 345 
TRP CD1  C Y N 346 
TRP CD2  C Y N 347 
TRP NE1  N Y N 348 
TRP CE2  C Y N 349 
TRP CE3  C Y N 350 
TRP CZ2  C Y N 351 
TRP CZ3  C Y N 352 
TRP CH2  C Y N 353 
TRP OXT  O N N 354 
TRP H    H N N 355 
TRP H2   H N N 356 
TRP HA   H N N 357 
TRP HB2  H N N 358 
TRP HB3  H N N 359 
TRP HD1  H N N 360 
TRP HE1  H N N 361 
TRP HE3  H N N 362 
TRP HZ2  H N N 363 
TRP HZ3  H N N 364 
TRP HH2  H N N 365 
TRP HXT  H N N 366 
TYR N    N N N 367 
TYR CA   C N S 368 
TYR C    C N N 369 
TYR O    O N N 370 
TYR CB   C N N 371 
TYR CG   C Y N 372 
TYR CD1  C Y N 373 
TYR CD2  C Y N 374 
TYR CE1  C Y N 375 
TYR CE2  C Y N 376 
TYR CZ   C Y N 377 
TYR OH   O N N 378 
TYR OXT  O N N 379 
TYR H    H N N 380 
TYR H2   H N N 381 
TYR HA   H N N 382 
TYR HB2  H N N 383 
TYR HB3  H N N 384 
TYR HD1  H N N 385 
TYR HD2  H N N 386 
TYR HE1  H N N 387 
TYR HE2  H N N 388 
TYR HH   H N N 389 
TYR HXT  H N N 390 
VAL N    N N N 391 
VAL CA   C N S 392 
VAL C    C N N 393 
VAL O    O N N 394 
VAL CB   C N N 395 
VAL CG1  C N N 396 
VAL CG2  C N N 397 
VAL OXT  O N N 398 
VAL H    H N N 399 
VAL H2   H N N 400 
VAL HA   H N N 401 
VAL HB   H N N 402 
VAL HG11 H N N 403 
VAL HG12 H N N 404 
VAL HG13 H N N 405 
VAL HG21 H N N 406 
VAL HG22 H N N 407 
VAL HG23 H N N 408 
VAL HXT  H N N 409 
# 
loop_
_chem_comp_bond.comp_id 
_chem_comp_bond.atom_id_1 
_chem_comp_bond.atom_id_2 
_chem_comp_bond.value_order 
_chem_comp_bond.pdbx_aromatic_flag 
_chem_comp_bond.pdbx_stereo_config 
_chem_comp_bond.pdbx_ordinal 
ALA N   CA   sing N N 1   
ALA N   H    sing N N 2   
ALA N   H2   sing N N 3   
ALA CA  C    sing N N 4   
ALA CA  CB   sing N N 5   
ALA CA  HA   sing N N 6   
ALA C   O    doub N N 7   
ALA C   OXT  sing N N 8   
ALA CB  HB1  sing N N 9   
ALA CB  HB2  sing N N 10  
ALA CB  HB3  sing N N 11  
ALA OXT HXT  sing N N 12  
ARG N   CA   sing N N 13  
ARG N   H    sing N N 14  
ARG N   H2   sing N N 15  
ARG CA  C    sing N N 16  
ARG CA  CB   sing N N 17  
ARG CA  HA   sing N N 18  
ARG C   O    doub N N 19  
ARG C   OXT  sing N N 20  
ARG CB  CG   sing N N 21  
ARG CB  HB2  sing N N 22  
ARG CB  HB3  sing N N 23  
ARG CG  CD   sing N N 24  
ARG CG  HG2  sing N N 25  
ARG CG  HG3  sing N N 26  
ARG CD  NE   sing N N 27  
ARG CD  HD2  sing N N 28  
ARG CD  HD3  sing N N 29  
ARG NE  CZ   sing N N 30  
ARG NE  HE   sing N N 31  
ARG CZ  NH1  sing N N 32  
ARG CZ  NH2  doub N N 33  
ARG NH1 HH11 sing N N 34  
ARG NH1 HH12 sing N N 35  
ARG NH2 HH21 sing N N 36  
ARG NH2 HH22 sing N N 37  
ARG OXT HXT  sing N N 38  
ASN N   CA   sing N N 39  
ASN N   H    sing N N 40  
ASN N   H2   sing N N 41  
ASN CA  C    sing N N 42  
ASN CA  CB   sing N N 43  
ASN CA  HA   sing N N 44  
ASN C   O    doub N N 45  
ASN C   OXT  sing N N 46  
ASN CB  CG   sing N N 47  
ASN CB  HB2  sing N N 48  
ASN CB  HB3  sing N N 49  
ASN CG  OD1  doub N N 50  
ASN CG  ND2  sing N N 51  
ASN ND2 HD21 sing N N 52  
ASN ND2 HD22 sing N N 53  
ASN OXT HXT  sing N N 54  
ASP N   CA   sing N N 55  
ASP N   H    sing N N 56  
ASP N   H2   sing N N 57  
ASP CA  C    sing N N 58  
ASP CA  CB   sing N N 59  
ASP CA  HA   sing N N 60  
ASP C   O    doub N N 61  
ASP C   OXT  sing N N 62  
ASP CB  CG   sing N N 63  
ASP CB  HB2  sing N N 64  
ASP CB  HB3  sing N N 65  
ASP CG  OD1  doub N N 66  
ASP CG  OD2  sing N N 67  
ASP OD2 HD2  sing N N 68  
ASP OXT HXT  sing N N 69  
CYS N   CA   sing N N 70  
CYS N   H    sing N N 71  
CYS N   H2   sing N N 72  
CYS CA  C    sing N N 73  
CYS CA  CB   sing N N 74  
CYS CA  HA   sing N N 75  
CYS C   O    doub N N 76  
CYS C   OXT  sing N N 77  
CYS CB  SG   sing N N 78  
CYS CB  HB2  sing N N 79  
CYS CB  HB3  sing N N 80  
CYS SG  HG   sing N N 81  
CYS OXT HXT  sing N N 82  
GLN N   CA   sing N N 83  
GLN N   H    sing N N 84  
GLN N   H2   sing N N 85  
GLN CA  C    sing N N 86  
GLN CA  CB   sing N N 87  
GLN CA  HA   sing N N 88  
GLN C   O    doub N N 89  
GLN C   OXT  sing N N 90  
GLN CB  CG   sing N N 91  
GLN CB  HB2  sing N N 92  
GLN CB  HB3  sing N N 93  
GLN CG  CD   sing N N 94  
GLN CG  HG2  sing N N 95  
GLN CG  HG3  sing N N 96  
GLN CD  OE1  doub N N 97  
GLN CD  NE2  sing N N 98  
GLN NE2 HE21 sing N N 99  
GLN NE2 HE22 sing N N 100 
GLN OXT HXT  sing N N 101 
GLU N   CA   sing N N 102 
GLU N   H    sing N N 103 
GLU N   H2   sing N N 104 
GLU CA  C    sing N N 105 
GLU CA  CB   sing N N 106 
GLU CA  HA   sing N N 107 
GLU C   O    doub N N 108 
GLU C   OXT  sing N N 109 
GLU CB  CG   sing N N 110 
GLU CB  HB2  sing N N 111 
GLU CB  HB3  sing N N 112 
GLU CG  CD   sing N N 113 
GLU CG  HG2  sing N N 114 
GLU CG  HG3  sing N N 115 
GLU CD  OE1  doub N N 116 
GLU CD  OE2  sing N N 117 
GLU OE2 HE2  sing N N 118 
GLU OXT HXT  sing N N 119 
GLY N   CA   sing N N 120 
GLY N   H    sing N N 121 
GLY N   H2   sing N N 122 
GLY CA  C    sing N N 123 
GLY CA  HA2  sing N N 124 
GLY CA  HA3  sing N N 125 
GLY C   O    doub N N 126 
GLY C   OXT  sing N N 127 
GLY OXT HXT  sing N N 128 
HIS N   CA   sing N N 129 
HIS N   H    sing N N 130 
HIS N   H2   sing N N 131 
HIS CA  C    sing N N 132 
HIS CA  CB   sing N N 133 
HIS CA  HA   sing N N 134 
HIS C   O    doub N N 135 
HIS C   OXT  sing N N 136 
HIS CB  CG   sing N N 137 
HIS CB  HB2  sing N N 138 
HIS CB  HB3  sing N N 139 
HIS CG  ND1  sing Y N 140 
HIS CG  CD2  doub Y N 141 
HIS ND1 CE1  doub Y N 142 
HIS ND1 HD1  sing N N 143 
HIS CD2 NE2  sing Y N 144 
HIS CD2 HD2  sing N N 145 
HIS CE1 NE2  sing Y N 146 
HIS CE1 HE1  sing N N 147 
HIS NE2 HE2  sing N N 148 
HIS OXT HXT  sing N N 149 
HOH O   H1   sing N N 150 
HOH O   H2   sing N N 151 
ILE N   CA   sing N N 152 
ILE N   H    sing N N 153 
ILE N   H2   sing N N 154 
ILE CA  C    sing N N 155 
ILE CA  CB   sing N N 156 
ILE CA  HA   sing N N 157 
ILE C   O    doub N N 158 
ILE C   OXT  sing N N 159 
ILE CB  CG1  sing N N 160 
ILE CB  CG2  sing N N 161 
ILE CB  HB   sing N N 162 
ILE CG1 CD1  sing N N 163 
ILE CG1 HG12 sing N N 164 
ILE CG1 HG13 sing N N 165 
ILE CG2 HG21 sing N N 166 
ILE CG2 HG22 sing N N 167 
ILE CG2 HG23 sing N N 168 
ILE CD1 HD11 sing N N 169 
ILE CD1 HD12 sing N N 170 
ILE CD1 HD13 sing N N 171 
ILE OXT HXT  sing N N 172 
K2P F   C7   sing N N 173 
K2P F1  C7   sing N N 174 
K2P C7  O2   sing N N 175 
K2P C7  F2   sing N N 176 
K2P O2  C6   sing N N 177 
K2P C6  C5   doub Y N 178 
K2P C6  C1   sing Y N 179 
K2P C5  C4   sing Y N 180 
K2P O   C    doub N N 181 
K2P C1  C    sing N N 182 
K2P C1  C2   doub Y N 183 
K2P C   O1   sing N N 184 
K2P C4  C3   doub Y N 185 
K2P C2  C3   sing Y N 186 
K2P C4  H1   sing N N 187 
K2P C5  H2   sing N N 188 
K2P C2  H3   sing N N 189 
K2P C3  H4   sing N N 190 
K2P O1  H5   sing N N 191 
LEU N   CA   sing N N 192 
LEU N   H    sing N N 193 
LEU N   H2   sing N N 194 
LEU CA  C    sing N N 195 
LEU CA  CB   sing N N 196 
LEU CA  HA   sing N N 197 
LEU C   O    doub N N 198 
LEU C   OXT  sing N N 199 
LEU CB  CG   sing N N 200 
LEU CB  HB2  sing N N 201 
LEU CB  HB3  sing N N 202 
LEU CG  CD1  sing N N 203 
LEU CG  CD2  sing N N 204 
LEU CG  HG   sing N N 205 
LEU CD1 HD11 sing N N 206 
LEU CD1 HD12 sing N N 207 
LEU CD1 HD13 sing N N 208 
LEU CD2 HD21 sing N N 209 
LEU CD2 HD22 sing N N 210 
LEU CD2 HD23 sing N N 211 
LEU OXT HXT  sing N N 212 
LYS N   CA   sing N N 213 
LYS N   H    sing N N 214 
LYS N   H2   sing N N 215 
LYS CA  C    sing N N 216 
LYS CA  CB   sing N N 217 
LYS CA  HA   sing N N 218 
LYS C   O    doub N N 219 
LYS C   OXT  sing N N 220 
LYS CB  CG   sing N N 221 
LYS CB  HB2  sing N N 222 
LYS CB  HB3  sing N N 223 
LYS CG  CD   sing N N 224 
LYS CG  HG2  sing N N 225 
LYS CG  HG3  sing N N 226 
LYS CD  CE   sing N N 227 
LYS CD  HD2  sing N N 228 
LYS CD  HD3  sing N N 229 
LYS CE  NZ   sing N N 230 
LYS CE  HE2  sing N N 231 
LYS CE  HE3  sing N N 232 
LYS NZ  HZ1  sing N N 233 
LYS NZ  HZ2  sing N N 234 
LYS NZ  HZ3  sing N N 235 
LYS OXT HXT  sing N N 236 
MET N   CA   sing N N 237 
MET N   H    sing N N 238 
MET N   H2   sing N N 239 
MET CA  C    sing N N 240 
MET CA  CB   sing N N 241 
MET CA  HA   sing N N 242 
MET C   O    doub N N 243 
MET C   OXT  sing N N 244 
MET CB  CG   sing N N 245 
MET CB  HB2  sing N N 246 
MET CB  HB3  sing N N 247 
MET CG  SD   sing N N 248 
MET CG  HG2  sing N N 249 
MET CG  HG3  sing N N 250 
MET SD  CE   sing N N 251 
MET CE  HE1  sing N N 252 
MET CE  HE2  sing N N 253 
MET CE  HE3  sing N N 254 
MET OXT HXT  sing N N 255 
PHE N   CA   sing N N 256 
PHE N   H    sing N N 257 
PHE N   H2   sing N N 258 
PHE CA  C    sing N N 259 
PHE CA  CB   sing N N 260 
PHE CA  HA   sing N N 261 
PHE C   O    doub N N 262 
PHE C   OXT  sing N N 263 
PHE CB  CG   sing N N 264 
PHE CB  HB2  sing N N 265 
PHE CB  HB3  sing N N 266 
PHE CG  CD1  doub Y N 267 
PHE CG  CD2  sing Y N 268 
PHE CD1 CE1  sing Y N 269 
PHE CD1 HD1  sing N N 270 
PHE CD2 CE2  doub Y N 271 
PHE CD2 HD2  sing N N 272 
PHE CE1 CZ   doub Y N 273 
PHE CE1 HE1  sing N N 274 
PHE CE2 CZ   sing Y N 275 
PHE CE2 HE2  sing N N 276 
PHE CZ  HZ   sing N N 277 
PHE OXT HXT  sing N N 278 
PRO N   CA   sing N N 279 
PRO N   CD   sing N N 280 
PRO N   H    sing N N 281 
PRO CA  C    sing N N 282 
PRO CA  CB   sing N N 283 
PRO CA  HA   sing N N 284 
PRO C   O    doub N N 285 
PRO C   OXT  sing N N 286 
PRO CB  CG   sing N N 287 
PRO CB  HB2  sing N N 288 
PRO CB  HB3  sing N N 289 
PRO CG  CD   sing N N 290 
PRO CG  HG2  sing N N 291 
PRO CG  HG3  sing N N 292 
PRO CD  HD2  sing N N 293 
PRO CD  HD3  sing N N 294 
PRO OXT HXT  sing N N 295 
SER N   CA   sing N N 296 
SER N   H    sing N N 297 
SER N   H2   sing N N 298 
SER CA  C    sing N N 299 
SER CA  CB   sing N N 300 
SER CA  HA   sing N N 301 
SER C   O    doub N N 302 
SER C   OXT  sing N N 303 
SER CB  OG   sing N N 304 
SER CB  HB2  sing N N 305 
SER CB  HB3  sing N N 306 
SER OG  HG   sing N N 307 
SER OXT HXT  sing N N 308 
THR N   CA   sing N N 309 
THR N   H    sing N N 310 
THR N   H2   sing N N 311 
THR CA  C    sing N N 312 
THR CA  CB   sing N N 313 
THR CA  HA   sing N N 314 
THR C   O    doub N N 315 
THR C   OXT  sing N N 316 
THR CB  OG1  sing N N 317 
THR CB  CG2  sing N N 318 
THR CB  HB   sing N N 319 
THR OG1 HG1  sing N N 320 
THR CG2 HG21 sing N N 321 
THR CG2 HG22 sing N N 322 
THR CG2 HG23 sing N N 323 
THR OXT HXT  sing N N 324 
TRP N   CA   sing N N 325 
TRP N   H    sing N N 326 
TRP N   H2   sing N N 327 
TRP CA  C    sing N N 328 
TRP CA  CB   sing N N 329 
TRP CA  HA   sing N N 330 
TRP C   O    doub N N 331 
TRP C   OXT  sing N N 332 
TRP CB  CG   sing N N 333 
TRP CB  HB2  sing N N 334 
TRP CB  HB3  sing N N 335 
TRP CG  CD1  doub Y N 336 
TRP CG  CD2  sing Y N 337 
TRP CD1 NE1  sing Y N 338 
TRP CD1 HD1  sing N N 339 
TRP CD2 CE2  doub Y N 340 
TRP CD2 CE3  sing Y N 341 
TRP NE1 CE2  sing Y N 342 
TRP NE1 HE1  sing N N 343 
TRP CE2 CZ2  sing Y N 344 
TRP CE3 CZ3  doub Y N 345 
TRP CE3 HE3  sing N N 346 
TRP CZ2 CH2  doub Y N 347 
TRP CZ2 HZ2  sing N N 348 
TRP CZ3 CH2  sing Y N 349 
TRP CZ3 HZ3  sing N N 350 
TRP CH2 HH2  sing N N 351 
TRP OXT HXT  sing N N 352 
TYR N   CA   sing N N 353 
TYR N   H    sing N N 354 
TYR N   H2   sing N N 355 
TYR CA  C    sing N N 356 
TYR CA  CB   sing N N 357 
TYR CA  HA   sing N N 358 
TYR C   O    doub N N 359 
TYR C   OXT  sing N N 360 
TYR CB  CG   sing N N 361 
TYR CB  HB2  sing N N 362 
TYR CB  HB3  sing N N 363 
TYR CG  CD1  doub Y N 364 
TYR CG  CD2  sing Y N 365 
TYR CD1 CE1  sing Y N 366 
TYR CD1 HD1  sing N N 367 
TYR CD2 CE2  doub Y N 368 
TYR CD2 HD2  sing N N 369 
TYR CE1 CZ   doub Y N 370 
TYR CE1 HE1  sing N N 371 
TYR CE2 CZ   sing Y N 372 
TYR CE2 HE2  sing N N 373 
TYR CZ  OH   sing N N 374 
TYR OH  HH   sing N N 375 
TYR OXT HXT  sing N N 376 
VAL N   CA   sing N N 377 
VAL N   H    sing N N 378 
VAL N   H2   sing N N 379 
VAL CA  C    sing N N 380 
VAL CA  CB   sing N N 381 
VAL CA  HA   sing N N 382 
VAL C   O    doub N N 383 
VAL C   OXT  sing N N 384 
VAL CB  CG1  sing N N 385 
VAL CB  CG2  sing N N 386 
VAL CB  HB   sing N N 387 
VAL CG1 HG11 sing N N 388 
VAL CG1 HG12 sing N N 389 
VAL CG1 HG13 sing N N 390 
VAL CG2 HG21 sing N N 391 
VAL CG2 HG22 sing N N 392 
VAL CG2 HG23 sing N N 393 
VAL OXT HXT  sing N N 394 
# 
_pdbx_deposit_group.group_id            G_1002081 
_pdbx_deposit_group.group_description   
;Human Brachyury G177D variant screened against the DSI-poised Fragment Library by X-ray Crystallography at the XChem facility of Diamond Light Source beamline I04-1
;
_pdbx_deposit_group.group_title         'PanDDA analysis group deposition' 
_pdbx_deposit_group.group_type          'changed state' 
# 
_pdbx_entity_instance_feature.ordinal        1 
_pdbx_entity_instance_feature.comp_id        K2P 
_pdbx_entity_instance_feature.asym_id        ? 
_pdbx_entity_instance_feature.seq_num        ? 
_pdbx_entity_instance_feature.auth_comp_id   K2P 
_pdbx_entity_instance_feature.auth_asym_id   ? 
_pdbx_entity_instance_feature.auth_seq_num   ? 
_pdbx_entity_instance_feature.feature_type   'SUBJECT OF INVESTIGATION' 
_pdbx_entity_instance_feature.details        ? 
# 
_atom_sites.entry_id                    5QSA 
_atom_sites.fract_transf_matrix[1][1]   0.00698432 
_atom_sites.fract_transf_matrix[1][2]   -0.00696737 
_atom_sites.fract_transf_matrix[1][3]   0.00612859 
_atom_sites.fract_transf_matrix[2][1]   0.00789410 
_atom_sites.fract_transf_matrix[2][2]   -0.00655359 
_atom_sites.fract_transf_matrix[2][3]   -0.00544231 
_atom_sites.fract_transf_matrix[3][1]   0.00662424 
_atom_sites.fract_transf_matrix[3][2]   0.00732902 
_atom_sites.fract_transf_matrix[3][3]   0.00078293 
_atom_sites.fract_transf_vector[1]      -0.180570 
_atom_sites.fract_transf_vector[2]      -0.365606 
_atom_sites.fract_transf_vector[3]      -0.017800 
# 
loop_
_atom_type.symbol 
C 
F 
N 
O 
S 
# 
loop_
_atom_site.group_PDB 
_atom_site.id 
_atom_site.type_symbol 
_atom_site.label_atom_id 
_atom_site.label_alt_id 
_atom_site.label_comp_id 
_atom_site.label_asym_id 
_atom_site.label_entity_id 
_atom_site.label_seq_id 
_atom_site.pdbx_PDB_ins_code 
_atom_site.Cartn_x 
_atom_site.Cartn_y 
_atom_site.Cartn_z 
_atom_site.occupancy 
_atom_site.B_iso_or_equiv 
_atom_site.pdbx_formal_charge 
_atom_site.auth_seq_id 
_atom_site.auth_comp_id 
_atom_site.auth_asym_id 
_atom_site.auth_atom_id 
_atom_site.pdbx_PDB_model_num 
ATOM   1    N N   . GLU A 1 2   ? 18.719  -12.186 -10.956 1.00 42.57 ?  41  GLU A N   1 
ATOM   2    C CA  . GLU A 1 2   ? 18.553  -11.183 -9.883  1.00 39.46 ?  41  GLU A CA  1 
ATOM   3    C C   . GLU A 1 2   ? 17.047  -10.936 -9.681  1.00 31.00 ?  41  GLU A C   1 
ATOM   4    O O   . GLU A 1 2   ? 16.364  -10.646 -10.693 1.00 26.81 ?  41  GLU A O   1 
ATOM   5    C CB  . GLU A 1 2   ? 19.276  -9.887  -10.268 1.00 51.78 ?  41  GLU A CB  1 
ATOM   6    C CG  . GLU A 1 2   ? 19.571  -8.961  -9.095  1.00 58.14 ?  41  GLU A CG  1 
ATOM   7    C CD  . GLU A 1 2   ? 20.839  -9.277  -8.317  1.00 66.95 ?  41  GLU A CD  1 
ATOM   8    O OE1 . GLU A 1 2   ? 21.299  -10.444 -8.364  1.00 78.31 ?  41  GLU A OE1 1 
ATOM   9    O OE2 . GLU A 1 2   ? 21.362  -8.347  -7.667  1.00 56.27 ?  41  GLU A OE2 1 
ATOM   10   N N   . LEU A 1 3   ? 16.544  -11.031 -8.445  1.00 25.84 ?  42  LEU A N   1 
ATOM   11   C CA  . LEU A 1 3   ? 15.144  -10.628 -8.137  1.00 25.02 ?  42  LEU A CA  1 
ATOM   12   C C   . LEU A 1 3   ? 15.025  -9.126  -8.393  1.00 24.90 ?  42  LEU A C   1 
ATOM   13   O O   . LEU A 1 3   ? 15.853  -8.359  -7.867  1.00 26.85 ?  42  LEU A O   1 
ATOM   14   C CB  . LEU A 1 3   ? 14.764  -10.938 -6.688  1.00 24.00 ?  42  LEU A CB  1 
ATOM   15   C CG  . LEU A 1 3   ? 13.358  -10.512 -6.283  1.00 24.73 ?  42  LEU A CG  1 
ATOM   16   C CD1 . LEU A 1 3   ? 12.292  -11.146 -7.181  1.00 25.30 ?  42  LEU A CD1 1 
ATOM   17   C CD2 . LEU A 1 3   ? 13.093  -10.842 -4.819  1.00 27.50 ?  42  LEU A CD2 1 
ATOM   18   N N   . ARG A 1 4   ? 14.043  -8.728  -9.173  1.00 23.77 ?  43  ARG A N   1 
ATOM   19   C CA  . ARG A 1 4   ? 13.767  -7.300  -9.466  1.00 26.56 ?  43  ARG A CA  1 
ATOM   20   C C   . ARG A 1 4   ? 12.271  -7.075  -9.317  1.00 24.20 ?  43  ARG A C   1 
ATOM   21   O O   . ARG A 1 4   ? 11.492  -7.786  -9.981  1.00 22.59 ?  43  ARG A O   1 
ATOM   22   C CB  . ARG A 1 4   ? 14.207  -6.928  -10.886 1.00 30.66 ?  43  ARG A CB  1 
ATOM   23   C CG  . ARG A 1 4   ? 15.712  -6.754  -11.055 1.00 37.08 ?  43  ARG A CG  1 
ATOM   24   C CD  . ARG A 1 4   ? 16.114  -6.600  -12.513 1.00 43.05 ?  43  ARG A CD  1 
ATOM   25   N NE  . ARG A 1 4   ? 15.587  -5.366  -13.085 1.00 44.54 ?  43  ARG A NE  1 
ATOM   26   C CZ  . ARG A 1 4   ? 16.300  -4.274  -13.375 1.00 52.58 ?  43  ARG A CZ  1 
ATOM   27   N NH1 . ARG A 1 4   ? 15.697  -3.213  -13.888 1.00 53.19 ?  43  ARG A NH1 1 
ATOM   28   N NH2 . ARG A 1 4   ? 17.608  -4.240  -13.169 1.00 52.19 ?  43  ARG A NH2 1 
ATOM   29   N N   . VAL A 1 5   ? 11.883  -6.158  -8.444  1.00 22.32 ?  44  VAL A N   1 
ATOM   30   C CA  . VAL A 1 5   ? 10.451  -5.795  -8.248  1.00 22.02 ?  44  VAL A CA  1 
ATOM   31   C C   . VAL A 1 5   ? 10.337  -4.325  -8.617  1.00 24.97 ?  44  VAL A C   1 
ATOM   32   O O   . VAL A 1 5   ? 11.074  -3.523  -8.015  1.00 27.50 ?  44  VAL A O   1 
ATOM   33   C CB  . VAL A 1 5   ? 9.965   -6.086  -6.821  1.00 22.46 ?  44  VAL A CB  1 
ATOM   34   C CG1 . VAL A 1 5   ? 8.493   -5.728  -6.647  1.00 22.13 ?  44  VAL A CG1 1 
ATOM   35   C CG2 . VAL A 1 5   ? 10.192  -7.546  -6.457  1.00 19.92 ?  44  VAL A CG2 1 
ATOM   36   N N   . GLY A 1 6   ? 9.510   -4.026  -9.616  1.00 23.41 ?  45  GLY A N   1 
ATOM   37   C CA  . GLY A 1 6   ? 9.377   -2.665  -10.177 1.00 22.03 ?  45  GLY A CA  1 
ATOM   38   C C   . GLY A 1 6   ? 7.982   -2.123  -9.994  1.00 20.51 ?  45  GLY A C   1 
ATOM   39   O O   . GLY A 1 6   ? 7.029   -2.846  -10.222 1.00 22.74 ?  45  GLY A O   1 
ATOM   40   N N   . LEU A 1 7   ? 7.870   -0.860  -9.602  1.00 21.41 ?  46  LEU A N   1 
ATOM   41   C CA  . LEU A 1 7   ? 6.559   -0.189  -9.442  1.00 21.07 ?  46  LEU A CA  1 
ATOM   42   C C   . LEU A 1 7   ? 6.009   0.115   -10.842 1.00 21.29 ?  46  LEU A C   1 
ATOM   43   O O   . LEU A 1 7   ? 6.731   0.688   -11.658 1.00 23.07 ?  46  LEU A O   1 
ATOM   44   C CB  . LEU A 1 7   ? 6.724   1.088   -8.627  1.00 23.00 ?  46  LEU A CB  1 
ATOM   45   C CG  . LEU A 1 7   ? 5.434   1.880   -8.399  1.00 21.78 ?  46  LEU A CG  1 
ATOM   46   C CD1 . LEU A 1 7   ? 4.440   1.088   -7.586  1.00 21.23 ?  46  LEU A CD1 1 
ATOM   47   C CD2 . LEU A 1 7   ? 5.756   3.195   -7.732  1.00 23.64 ?  46  LEU A CD2 1 
ATOM   48   N N   . GLU A 1 8   ? 4.807   -0.353  -11.106 1.00 22.54 ?  47  GLU A N   1 
ATOM   49   C CA  . GLU A 1 8   ? 4.021   0.010   -12.301 1.00 23.68 ?  47  GLU A CA  1 
ATOM   50   C C   . GLU A 1 8   ? 3.377   1.389   -12.095 1.00 24.06 ?  47  GLU A C   1 
ATOM   51   O O   . GLU A 1 8   ? 3.105   1.761   -10.945 1.00 20.89 ?  47  GLU A O   1 
ATOM   52   C CB  . GLU A 1 8   ? 2.938   -1.027  -12.545 1.00 23.36 ?  47  GLU A CB  1 
ATOM   53   C CG  . GLU A 1 8   ? 3.478   -2.356  -12.981 1.00 25.26 ?  47  GLU A CG  1 
ATOM   54   C CD  . GLU A 1 8   ? 3.746   -2.415  -14.477 1.00 27.51 ?  47  GLU A CD  1 
ATOM   55   O OE1 . GLU A 1 8   ? 4.660   -3.170  -14.873 1.00 26.55 ?  47  GLU A OE1 1 
ATOM   56   O OE2 . GLU A 1 8   ? 3.032   -1.702  -15.241 1.00 28.62 ?  47  GLU A OE2 1 
ATOM   57   N N   . GLU A 1 9   ? 3.198   2.148   -13.181 1.00 24.75 ?  48  GLU A N   1 
ATOM   58   C CA  . GLU A 1 9   ? 2.440   3.434   -13.156 1.00 24.55 ?  48  GLU A CA  1 
ATOM   59   C C   . GLU A 1 9   ? 3.127   4.376   -12.181 1.00 22.08 ?  48  GLU A C   1 
ATOM   60   O O   . GLU A 1 9   ? 2.433   5.119   -11.467 1.00 22.20 ?  48  GLU A O   1 
ATOM   61   C CB  . GLU A 1 9   ? 0.980   3.171   -12.793 1.00 25.69 ?  48  GLU A CB  1 
ATOM   62   C CG  . GLU A 1 9   ? 0.307   2.345   -13.859 1.00 28.51 ?  48  GLU A CG  1 
ATOM   63   C CD  . GLU A 1 9   ? -1.152  1.988   -13.672 1.00 38.04 ?  48  GLU A CD  1 
ATOM   64   O OE1 . GLU A 1 9   ? -1.818  2.599   -12.798 1.00 40.86 ?  48  GLU A OE1 1 
ATOM   65   O OE2 . GLU A 1 9   ? -1.619  1.083   -14.416 1.00 43.62 ?  48  GLU A OE2 1 
ATOM   66   N N   . SER A 1 10  ? 4.453   4.355   -12.133 1.00 24.03 ?  49  SER A N   1 
ATOM   67   C CA  . SER A 1 10  ? 5.215   5.193   -11.192 1.00 25.59 ?  49  SER A CA  1 
ATOM   68   C C   . SER A 1 10  ? 4.926   6.675   -11.459 1.00 26.91 ?  49  SER A C   1 
ATOM   69   O O   . SER A 1 10  ? 4.864   7.440   -10.496 1.00 25.56 ?  49  SER A O   1 
ATOM   70   C CB  . SER A 1 10  ? 6.670   4.866   -11.256 1.00 26.93 ?  49  SER A CB  1 
ATOM   71   O OG  . SER A 1 10  ? 7.179   5.199   -12.522 1.00 28.81 ?  49  SER A OG  1 
ATOM   72   N N   . GLU A 1 11  ? 4.778   7.079   -12.718 1.00 25.98 ?  50  GLU A N   1 
ATOM   73   C CA  . GLU A 1 11  ? 4.491   8.490   -13.064 1.00 28.03 ?  50  GLU A CA  1 
ATOM   74   C C   . GLU A 1 11  ? 3.145   8.893   -12.444 1.00 24.66 ?  50  GLU A C   1 
ATOM   75   O O   . GLU A 1 11  ? 3.041   10.005  -11.918 1.00 23.68 ?  50  GLU A O   1 
ATOM   76   C CB  . GLU A 1 11  ? 4.503   8.634   -14.585 1.00 32.43 ?  50  GLU A CB  1 
ATOM   77   C CG  . GLU A 1 11  ? 4.374   10.052  -15.079 1.00 39.60 ?  50  GLU A CG  1 
ATOM   78   C CD  . GLU A 1 11  ? 4.551   10.135  -16.593 1.00 44.27 ?  50  GLU A CD  1 
ATOM   79   O OE1 . GLU A 1 11  ? 5.483   9.468   -17.129 1.00 47.34 ?  50  GLU A OE1 1 
ATOM   80   O OE2 . GLU A 1 11  ? 3.729   10.824  -17.235 1.00 58.44 ?  50  GLU A OE2 1 
ATOM   81   N N   . LEU A 1 12  ? 2.137   8.033   -12.520 1.00 21.54 ?  51  LEU A N   1 
ATOM   82   C CA  . LEU A 1 12  ? 0.793   8.339   -11.921 1.00 22.12 ?  51  LEU A CA  1 
ATOM   83   C C   . LEU A 1 12  ? 0.927   8.510   -10.399 1.00 22.54 ?  51  LEU A C   1 
ATOM   84   O O   . LEU A 1 12  ? 0.351   9.481   -9.837  1.00 22.63 ?  51  LEU A O   1 
ATOM   85   C CB  . LEU A 1 12  ? -0.186  7.220   -12.256 1.00 22.98 ?  51  LEU A CB  1 
ATOM   86   C CG  . LEU A 1 12  ? -1.545  7.303   -11.573 1.00 24.73 ?  51  LEU A CG  1 
ATOM   87   C CD1 . LEU A 1 12  ? -2.291  8.565   -11.960 1.00 26.35 ?  51  LEU A CD1 1 
ATOM   88   C CD2 . LEU A 1 12  ? -2.380  6.076   -11.880 1.00 27.76 ?  51  LEU A CD2 1 
ATOM   89   N N   . TRP A 1 13  ? 1.673   7.622   -9.748  1.00 20.22 ?  52  TRP A N   1 
ATOM   90   C CA  . TRP A 1 13  ? 1.858   7.697   -8.277  1.00 21.01 ?  52  TRP A CA  1 
ATOM   91   C C   . TRP A 1 13  ? 2.536   9.028   -7.948  1.00 22.78 ?  52  TRP A C   1 
ATOM   92   O O   . TRP A 1 13  ? 2.170   9.670   -6.953  1.00 21.13 ?  52  TRP A O   1 
ATOM   93   C CB  . TRP A 1 13  ? 2.662   6.507   -7.760  1.00 20.78 ?  52  TRP A CB  1 
ATOM   94   C CG  . TRP A 1 13  ? 1.873   5.264   -7.512  1.00 20.27 ?  52  TRP A CG  1 
ATOM   95   C CD1 . TRP A 1 13  ? 1.877   4.121   -8.249  1.00 21.23 ?  52  TRP A CD1 1 
ATOM   96   C CD2 . TRP A 1 13  ? 1.047   5.008   -6.370  1.00 20.25 ?  52  TRP A CD2 1 
ATOM   97   N NE1 . TRP A 1 13  ? 1.016   3.202   -7.707  1.00 22.18 ?  52  TRP A NE1 1 
ATOM   98   C CE2 . TRP A 1 13  ? 0.528   3.707   -6.525  1.00 21.08 ?  52  TRP A CE2 1 
ATOM   99   C CE3 . TRP A 1 13  ? 0.659   5.776   -5.266  1.00 19.36 ?  52  TRP A CE3 1 
ATOM   100  C CZ2 . TRP A 1 13  ? -0.348  3.158   -5.600  1.00 21.56 ?  52  TRP A CZ2 1 
ATOM   101  C CZ3 . TRP A 1 13  ? -0.183  5.213   -4.339  1.00 20.11 ?  52  TRP A CZ3 1 
ATOM   102  C CH2 . TRP A 1 13  ? -0.705  3.930   -4.520  1.00 21.74 ?  52  TRP A CH2 1 
ATOM   103  N N   . LEU A 1 14  ? 3.505   9.434   -8.759  1.00 23.49 ?  53  LEU A N   1 
ATOM   104  C CA  . LEU A 1 14  ? 4.315   10.640  -8.446  1.00 25.08 ?  53  LEU A CA  1 
ATOM   105  C C   . LEU A 1 14  ? 3.444   11.897  -8.590  1.00 22.66 ?  53  LEU A C   1 
ATOM   106  O O   . LEU A 1 14  ? 3.748   12.888  -7.910  1.00 23.55 ?  53  LEU A O   1 
ATOM   107  C CB  . LEU A 1 14  ? 5.575   10.693  -9.321  1.00 29.47 ?  53  LEU A CB  1 
ATOM   108  C CG  . LEU A 1 14  ? 6.779   9.875   -8.823  1.00 34.60 ?  53  LEU A CG  1 
ATOM   109  C CD1 . LEU A 1 14  ? 7.201   10.262  -7.411  1.00 37.82 ?  53  LEU A CD1 1 
ATOM   110  C CD2 . LEU A 1 14  ? 6.508   8.384   -8.879  1.00 39.97 ?  53  LEU A CD2 1 
ATOM   111  N N   . ARG A 1 15  ? 2.419   11.883  -9.429  1.00 23.88 ?  54  ARG A N   1 
ATOM   112  C CA  . ARG A 1 15  ? 1.473   13.025  -9.566  1.00 25.50 ?  54  ARG A CA  1 
ATOM   113  C C   . ARG A 1 15  ? 0.733   13.212  -8.241  1.00 24.84 ?  54  ARG A C   1 
ATOM   114  O O   . ARG A 1 15  ? 0.514   14.356  -7.814  1.00 24.78 ?  54  ARG A O   1 
ATOM   115  C CB  . ARG A 1 15  ? 0.410   12.748  -10.628 1.00 26.37 ?  54  ARG A CB  1 
ATOM   116  C CG  . ARG A 1 15  ? 0.944   12.702  -12.049 1.00 31.42 ?  54  ARG A CG  1 
ATOM   117  C CD  . ARG A 1 15  ? -0.182  12.505  -13.062 1.00 35.71 ?  54  ARG A CD  1 
ATOM   118  N NE  . ARG A 1 15  ? 0.403   12.151  -14.351 1.00 42.59 ?  54  ARG A NE  1 
ATOM   119  C CZ  . ARG A 1 15  ? 1.045   13.007  -15.149 1.00 47.49 ?  54  ARG A CZ  1 
ATOM   120  N NH1 . ARG A 1 15  ? 1.164   14.280  -14.803 1.00 48.06 ?  54  ARG A NH1 1 
ATOM   121  N NH2 . ARG A 1 15  ? 1.571   12.589  -16.291 1.00 49.96 ?  54  ARG A NH2 1 
ATOM   122  N N   . PHE A 1 16  ? 0.327   12.100  -7.630  1.00 22.62 ?  55  PHE A N   1 
ATOM   123  C CA  . PHE A 1 16  ? -0.355  12.112  -6.319  1.00 23.38 ?  55  PHE A CA  1 
ATOM   124  C C   . PHE A 1 16  ? 0.651   12.482  -5.241  1.00 22.08 ?  55  PHE A C   1 
ATOM   125  O O   . PHE A 1 16  ? 0.304   13.341  -4.424  1.00 23.03 ?  55  PHE A O   1 
ATOM   126  C CB  . PHE A 1 16  ? -0.989  10.774  -6.011  1.00 23.32 ?  55  PHE A CB  1 
ATOM   127  C CG  . PHE A 1 16  ? -2.277  10.553  -6.734  1.00 24.40 ?  55  PHE A CG  1 
ATOM   128  C CD1 . PHE A 1 16  ? -3.479  10.957  -6.172  1.00 25.96 ?  55  PHE A CD1 1 
ATOM   129  C CD2 . PHE A 1 16  ? -2.294  9.971   -7.988  1.00 25.89 ?  55  PHE A CD2 1 
ATOM   130  C CE1 . PHE A 1 16  ? -4.673  10.735  -6.837  1.00 25.76 ?  55  PHE A CE1 1 
ATOM   131  C CE2 . PHE A 1 16  ? -3.488  9.786   -8.667  1.00 25.47 ?  55  PHE A CE2 1 
ATOM   132  C CZ  . PHE A 1 16  ? -4.676  10.184  -8.099  1.00 27.72 ?  55  PHE A CZ  1 
ATOM   133  N N   . LYS A 1 17  ? 1.852   11.902  -5.278  1.00 21.79 ?  56  LYS A N   1 
ATOM   134  C CA  . LYS A 1 17  ? 2.849   12.137  -4.210  1.00 22.42 ?  56  LYS A CA  1 
ATOM   135  C C   . LYS A 1 17  ? 3.218   13.621  -4.215  1.00 22.04 ?  56  LYS A C   1 
ATOM   136  O O   . LYS A 1 17  ? 3.437   14.192  -3.113  1.00 21.72 ?  56  LYS A O   1 
ATOM   137  C CB  . LYS A 1 17  ? 4.102   11.280  -4.374  1.00 23.73 ?  56  LYS A CB  1 
ATOM   138  C CG  . LYS A 1 17  ? 5.046   11.436  -3.199  1.00 27.17 ?  56  LYS A CG  1 
ATOM   139  C CD  . LYS A 1 17  ? 6.181   10.469  -3.150  1.00 30.34 ?  56  LYS A CD  1 
ATOM   140  C CE  . LYS A 1 17  ? 7.062   10.780  -1.959  1.00 30.33 ?  56  LYS A CE  1 
ATOM   141  N NZ  . LYS A 1 17  ? 8.001   9.681   -1.669  1.00 31.99 ?  56  LYS A NZ  1 
ATOM   142  N N   . GLU A 1 18  ? 3.251   14.269  -5.382  1.00 23.06 ?  57  GLU A N   1 
ATOM   143  C CA  . GLU A 1 18  ? 3.719   15.688  -5.383  1.00 26.52 ?  57  GLU A CA  1 
ATOM   144  C C   . GLU A 1 18  ? 2.694   16.583  -4.657  1.00 25.58 ?  57  GLU A C   1 
ATOM   145  O O   . GLU A 1 18  ? 3.142   17.580  -4.091  1.00 27.29 ?  57  GLU A O   1 
ATOM   146  C CB  . GLU A 1 18  ? 4.123   16.175  -6.776  1.00 33.90 ?  57  GLU A CB  1 
ATOM   147  C CG  . GLU A 1 18  ? 2.998   16.655  -7.642  1.00 41.10 ?  57  GLU A CG  1 
ATOM   148  C CD  . GLU A 1 18  ? 3.473   17.186  -8.991  1.00 48.37 ?  57  GLU A CD  1 
ATOM   149  O OE1 . GLU A 1 18  ? 4.116   18.273  -9.012  1.00 50.10 ?  57  GLU A OE1 1 
ATOM   150  O OE2 . GLU A 1 18  ? 3.218   16.500  -10.026 1.00 47.52 ?  57  GLU A OE2 1 
ATOM   151  N N   . LEU A 1 19  ? 1.417   16.193  -4.602  1.00 23.52 ?  58  LEU A N   1 
ATOM   152  C CA  . LEU A 1 19  ? 0.310   16.898  -3.885  1.00 23.92 ?  58  LEU A CA  1 
ATOM   153  C C   . LEU A 1 19  ? 0.250   16.475  -2.414  1.00 23.19 ?  58  LEU A C   1 
ATOM   154  O O   . LEU A 1 19  ? -0.433  17.167  -1.615  1.00 22.44 ?  58  LEU A O   1 
ATOM   155  C CB  . LEU A 1 19  ? -1.022  16.514  -4.535  1.00 25.32 ?  58  LEU A CB  1 
ATOM   156  C CG  . LEU A 1 19  ? -1.213  16.884  -6.002  1.00 28.75 ?  58  LEU A CG  1 
ATOM   157  C CD1 . LEU A 1 19  ? -2.603  16.469  -6.462  1.00 28.81 ?  58  LEU A CD1 1 
ATOM   158  C CD2 . LEU A 1 19  ? -1.003  18.373  -6.223  1.00 31.05 ?  58  LEU A CD2 1 
ATOM   159  N N   . THR A 1 20  ? 0.959   15.391  -2.070  1.00 20.64 ?  59  THR A N   1 
ATOM   160  C CA  . THR A 1 20  ? 0.832   14.585  -0.840  1.00 20.11 ?  59  THR A CA  1 
ATOM   161  C C   . THR A 1 20  ? -0.401  13.719  -1.007  1.00 18.82 ?  59  THR A C   1 
ATOM   162  O O   . THR A 1 20  ? -1.510  14.274  -1.092  1.00 19.85 ?  59  THR A O   1 
ATOM   163  C CB  . THR A 1 20  ? 0.718   15.383  0.468   1.00 21.79 ?  59  THR A CB  1 
ATOM   164  O OG1 . THR A 1 20  ? 1.873   16.229  0.557   1.00 24.18 ?  59  THR A OG1 1 
ATOM   165  C CG2 . THR A 1 20  ? 0.664   14.481  1.681   1.00 21.15 ?  59  THR A CG2 1 
ATOM   166  N N   . ASN A 1 21  ? -0.202  12.409  -1.147  1.00 18.13 ?  60  ASN A N   1 
ATOM   167  C CA  . ASN A 1 21  ? -1.287  11.466  -1.494  1.00 17.20 ?  60  ASN A CA  1 
ATOM   168  C C   . ASN A 1 21  ? -2.139  11.227  -0.239  1.00 18.79 ?  60  ASN A C   1 
ATOM   169  O O   . ASN A 1 21  ? -1.613  11.300  0.885   1.00 18.38 ?  60  ASN A O   1 
ATOM   170  C CB  . ASN A 1 21  ? -0.679  10.199  -2.105  1.00 18.69 ?  60  ASN A CB  1 
ATOM   171  C CG  . ASN A 1 21  ? -1.655  9.356   -2.903  1.00 18.71 ?  60  ASN A CG  1 
ATOM   172  O OD1 . ASN A 1 21  ? -2.843  9.681   -2.978  1.00 19.07 ?  60  ASN A OD1 1 
ATOM   173  N ND2 . ASN A 1 21  ? -1.130  8.290   -3.508  1.00 18.46 ?  60  ASN A ND2 1 
ATOM   174  N N   . GLU A 1 22  ? -3.427  10.943  -0.444  1.00 18.28 ?  61  GLU A N   1 
ATOM   175  C CA  . GLU A 1 22  ? -4.393  10.684  0.631   1.00 18.26 ?  61  GLU A CA  1 
ATOM   176  C C   . GLU A 1 22  ? -5.140  9.421   0.217   1.00 18.15 ?  61  GLU A C   1 
ATOM   177  O O   . GLU A 1 22  ? -5.462  9.277   -1.010  1.00 20.52 ?  61  GLU A O   1 
ATOM   178  C CB  . GLU A 1 22  ? -5.351  11.857  0.799   1.00 18.98 ?  61  GLU A CB  1 
ATOM   179  C CG  . GLU A 1 22  ? -4.694  13.191  1.063   1.00 17.91 ?  61  GLU A CG  1 
ATOM   180  C CD  . GLU A 1 22  ? -5.720  14.299  1.252   1.00 19.99 ?  61  GLU A CD  1 
ATOM   181  O OE1 . GLU A 1 22  ? -5.430  15.453  0.917   1.00 21.35 ?  61  GLU A OE1 1 
ATOM   182  O OE2 . GLU A 1 22  ? -6.791  14.020  1.796   1.00 21.51 ?  61  GLU A OE2 1 
ATOM   183  N N   . MET A 1 23  ? -5.364  8.525   1.160   1.00 20.23 ?  62  MET A N   1 
ATOM   184  C CA  . MET A 1 23  ? -6.287  7.396   0.914   1.00 19.37 ?  62  MET A CA  1 
ATOM   185  C C   . MET A 1 23  ? -7.386  7.455   1.972   1.00 19.65 ?  62  MET A C   1 
ATOM   186  O O   . MET A 1 23  ? -7.076  7.610   3.160   1.00 19.32 ?  62  MET A O   1 
ATOM   187  C CB  . MET A 1 23  ? -5.564  6.053   0.982   1.00 21.45 ?  62  MET A CB  1 
ATOM   188  C CG  . MET A 1 23  ? -4.486  5.878   -0.036  1.00 20.79 ?  62  MET A CG  1 
ATOM   189  S SD  . MET A 1 23  ? -5.117  5.478   -1.695  1.00 21.70 ?  62  MET A SD  1 
ATOM   190  C CE  . MET A 1 23  ? -3.578  5.600   -2.601  1.00 23.75 ?  62  MET A CE  1 
ATOM   191  N N   . ILE A 1 24  ? -8.625  7.278   1.544   1.00 21.55 ?  63  ILE A N   1 
ATOM   192  C CA  . ILE A 1 24  ? -9.781  7.217   2.482   1.00 24.85 ?  63  ILE A CA  1 
ATOM   193  C C   . ILE A 1 24  ? -9.758  5.900   3.246   1.00 23.41 ?  63  ILE A C   1 
ATOM   194  O O   . ILE A 1 24  ? -9.643  4.825   2.603   1.00 27.97 ?  63  ILE A O   1 
ATOM   195  C CB  . ILE A 1 24  ? -11.135 7.365   1.767   1.00 29.54 ?  63  ILE A CB  1 
ATOM   196  C CG1 . ILE A 1 24  ? -11.171 8.497   0.740   1.00 33.94 ?  63  ILE A CG1 1 
ATOM   197  C CG2 . ILE A 1 24  ? -12.217 7.515   2.823   1.00 28.26 ?  63  ILE A CG2 1 
ATOM   198  C CD1 . ILE A 1 24  ? -11.280 9.858   1.354   1.00 35.85 ?  63  ILE A CD1 1 
ATOM   199  N N   . VAL A 1 25  ? -9.943  5.955   4.558   1.00 23.87 ?  64  VAL A N   1 
ATOM   200  C CA  . VAL A 1 25  ? -10.230 4.773   5.411   1.00 24.76 ?  64  VAL A CA  1 
ATOM   201  C C   . VAL A 1 25  ? -11.679 4.900   5.879   1.00 28.05 ?  64  VAL A C   1 
ATOM   202  O O   . VAL A 1 25  ? -12.125 6.032   6.126   1.00 26.87 ?  64  VAL A O   1 
ATOM   203  C CB  . VAL A 1 25  ? -9.226  4.664   6.574   1.00 25.68 ?  64  VAL A CB  1 
ATOM   204  C CG1 . VAL A 1 25  ? -7.816  4.431   6.034   1.00 24.95 ?  64  VAL A CG1 1 
ATOM   205  C CG2 . VAL A 1 25  ? -9.248  5.870   7.495   1.00 24.38 ?  64  VAL A CG2 1 
ATOM   206  N N   . THR A 1 26  ? -12.405 3.785   5.963   1.00 28.12 ?  65  THR A N   1 
ATOM   207  C CA  . THR A 1 26  ? -13.823 3.774   6.415   1.00 30.95 ?  65  THR A CA  1 
ATOM   208  C C   . THR A 1 26  ? -14.056 2.555   7.297   1.00 32.28 ?  65  THR A C   1 
ATOM   209  O O   . THR A 1 26  ? -13.182 1.661   7.345   1.00 29.90 ?  65  THR A O   1 
ATOM   210  C CB  . THR A 1 26  ? -14.833 3.686   5.261   1.00 30.65 ?  65  THR A CB  1 
ATOM   211  O OG1 . THR A 1 26  ? -14.644 2.434   4.604   1.00 32.48 ?  65  THR A OG1 1 
ATOM   212  C CG2 . THR A 1 26  ? -14.718 4.802   4.248   1.00 31.80 ?  65  THR A CG2 1 
ATOM   213  N N   . LYS A 1 27  ? -15.206 2.519   7.967   1.00 33.43 ?  66  LYS A N   1 
ATOM   214  C CA  . LYS A 1 27  ? -15.565 1.415   8.885   1.00 37.39 ?  66  LYS A CA  1 
ATOM   215  C C   . LYS A 1 27  ? -15.426 0.094   8.129   1.00 36.38 ?  66  LYS A C   1 
ATOM   216  O O   . LYS A 1 27  ? -14.778 -0.840  8.672   1.00 38.71 ?  66  LYS A O   1 
ATOM   217  C CB  . LYS A 1 27  ? -17.006 1.560   9.395   1.00 41.23 ?  66  LYS A CB  1 
ATOM   218  C CG  . LYS A 1 27  ? -17.488 0.383   10.235  1.00 49.07 ?  66  LYS A CG  1 
ATOM   219  C CD  . LYS A 1 27  ? -18.965 0.408   10.610  1.00 55.19 ?  66  LYS A CD  1 
ATOM   220  C CE  . LYS A 1 27  ? -19.288 -0.626  11.673  1.00 60.38 ?  66  LYS A CE  1 
ATOM   221  N NZ  . LYS A 1 27  ? -20.751 -0.806  11.857  1.00 67.18 ?  66  LYS A NZ  1 
ATOM   222  N N   . ASN A 1 28  ? -16.033 0.032   6.945   1.00 35.32 ?  67  ASN A N   1 
ATOM   223  C CA  . ASN A 1 28  ? -16.206 -1.227  6.171   1.00 37.78 ?  67  ASN A CA  1 
ATOM   224  C C   . ASN A 1 28  ? -15.070 -1.388  5.150   1.00 37.51 ?  67  ASN A C   1 
ATOM   225  O O   . ASN A 1 28  ? -14.965 -2.473  4.543   1.00 35.86 ?  67  ASN A O   1 
ATOM   226  C CB  . ASN A 1 28  ? -17.572 -1.273  5.488   1.00 41.87 ?  67  ASN A CB  1 
ATOM   227  C CG  . ASN A 1 28  ? -18.713 -1.474  6.466   1.00 44.81 ?  67  ASN A CG  1 
ATOM   228  O OD1 . ASN A 1 28  ? -18.523 -1.986  7.569   1.00 44.04 ?  67  ASN A OD1 1 
ATOM   229  N ND2 . ASN A 1 28  ? -19.900 -1.058  6.071   1.00 43.92 ?  67  ASN A ND2 1 
ATOM   230  N N   . GLY A 1 29  ? -14.260 -0.351  4.963   1.00 33.80 ?  68  GLY A N   1 
ATOM   231  C CA  . GLY A 1 29  ? -13.006 -0.439  4.192   1.00 33.02 ?  68  GLY A CA  1 
ATOM   232  C C   . GLY A 1 29  ? -13.168 0.076   2.783   1.00 31.48 ?  68  GLY A C   1 
ATOM   233  O O   . GLY A 1 29  ? -14.224 -0.137  2.165   1.00 30.67 ?  68  GLY A O   1 
ATOM   234  N N   . ARG A 1 30  ? -12.112 0.672   2.248   1.00 28.11 ?  69  ARG A N   1 
ATOM   235  C CA  . ARG A 1 30  ? -12.127 1.360   0.942   1.00 29.29 ?  69  ARG A CA  1 
ATOM   236  C C   . ARG A 1 30  ? -10.905 0.911   0.134   1.00 29.74 ?  69  ARG A C   1 
ATOM   237  O O   . ARG A 1 30  ? -9.781  0.931   0.691   1.00 24.85 ?  69  ARG A O   1 
ATOM   238  C CB  . ARG A 1 30  ? -12.127 2.875   1.159   1.00 31.83 ?  69  ARG A CB  1 
ATOM   239  C CG  . ARG A 1 30  ? -12.419 3.678   -0.095  1.00 38.32 ?  69  ARG A CG  1 
ATOM   240  C CD  . ARG A 1 30  ? -13.849 3.547   -0.610  1.00 40.72 ?  69  ARG A CD  1 
ATOM   241  N NE  . ARG A 1 30  ? -14.878 4.145   0.238   1.00 41.05 ?  69  ARG A NE  1 
ATOM   242  C CZ  . ARG A 1 30  ? -15.130 5.456   0.348   1.00 39.72 ?  69  ARG A CZ  1 
ATOM   243  N NH1 . ARG A 1 30  ? -16.106 5.874   1.135   1.00 41.12 ?  69  ARG A NH1 1 
ATOM   244  N NH2 . ARG A 1 30  ? -14.396 6.351   -0.293  1.00 41.66 ?  69  ARG A NH2 1 
ATOM   245  N N   . ARG A 1 31  ? -11.132 0.530   -1.126  1.00 28.85 ?  70  ARG A N   1 
ATOM   246  C CA  . ARG A 1 31  ? -10.070 0.180   -2.097  1.00 27.93 ?  70  ARG A CA  1 
ATOM   247  C C   . ARG A 1 31  ? -9.225  1.416   -2.388  1.00 28.60 ?  70  ARG A C   1 
ATOM   248  O O   . ARG A 1 31  ? -9.712  2.553   -2.234  1.00 27.25 ?  70  ARG A O   1 
ATOM   249  C CB  . ARG A 1 31  ? -10.666 -0.398  -3.380  1.00 32.66 ?  70  ARG A CB  1 
ATOM   250  C CG  . ARG A 1 31  ? -11.159 -1.827  -3.194  1.00 35.82 ?  70  ARG A CG  1 
ATOM   251  C CD  . ARG A 1 31  ? -11.677 -2.450  -4.475  1.00 40.96 ?  70  ARG A CD  1 
ATOM   252  N NE  . ARG A 1 31  ? -12.993 -1.918  -4.784  1.00 44.91 ?  70  ARG A NE  1 
ATOM   253  C CZ  . ARG A 1 31  ? -14.126 -2.342  -4.225  1.00 51.08 ?  70  ARG A CZ  1 
ATOM   254  N NH1 . ARG A 1 31  ? -14.106 -3.325  -3.339  1.00 52.93 ?  70  ARG A NH1 1 
ATOM   255  N NH2 . ARG A 1 31  ? -15.279 -1.785  -4.558  1.00 53.61 ?  70  ARG A NH2 1 
ATOM   256  N N   . MET A 1 32  ? -7.974  1.178   -2.751  1.00 25.49 ?  71  MET A N   1 
ATOM   257  C CA  . MET A 1 32  ? -6.989  2.249   -3.000  1.00 24.54 ?  71  MET A CA  1 
ATOM   258  C C   . MET A 1 32  ? -7.137  2.752   -4.419  1.00 24.40 ?  71  MET A C   1 
ATOM   259  O O   . MET A 1 32  ? -7.447  1.943   -5.348  1.00 25.04 ?  71  MET A O   1 
ATOM   260  C CB  . MET A 1 32  ? -5.575  1.707   -2.815  1.00 22.73 ?  71  MET A CB  1 
ATOM   261  C CG  . MET A 1 32  ? -5.299  1.319   -1.367  1.00 24.17 ?  71  MET A CG  1 
ATOM   262  S SD  . MET A 1 32  ? -3.728  0.546   -1.176  1.00 23.57 ?  71  MET A SD  1 
ATOM   263  C CE  . MET A 1 32  ? -2.652  1.934   -1.511  1.00 23.22 ?  71  MET A CE  1 
ATOM   264  N N   . PHE A 1 33  ? -6.811  4.020   -4.626  1.00 22.84 ?  72  PHE A N   1 
ATOM   265  C CA  . PHE A 1 33  ? -6.521  4.532   -5.976  1.00 22.33 ?  72  PHE A CA  1 
ATOM   266  C C   . PHE A 1 33  ? -5.408  5.547   -5.842  1.00 21.80 ?  72  PHE A C   1 
ATOM   267  O O   . PHE A 1 33  ? -5.522  6.409   -4.980  1.00 23.71 ?  72  PHE A O   1 
ATOM   268  C CB  . PHE A 1 33  ? -7.720  5.186   -6.671  1.00 24.66 ?  72  PHE A CB  1 
ATOM   269  C CG  . PHE A 1 33  ? -7.321  5.576   -8.063  1.00 25.17 ?  72  PHE A CG  1 
ATOM   270  C CD1 . PHE A 1 33  ? -7.328  4.626   -9.069  1.00 27.80 ?  72  PHE A CD1 1 
ATOM   271  C CD2 . PHE A 1 33  ? -6.702  6.785   -8.315  1.00 24.75 ?  72  PHE A CD2 1 
ATOM   272  C CE1 . PHE A 1 33  ? -6.876  4.941   -10.336 1.00 26.67 ?  72  PHE A CE1 1 
ATOM   273  C CE2 . PHE A 1 33  ? -6.230  7.095   -9.580  1.00 26.48 ?  72  PHE A CE2 1 
ATOM   274  C CZ  . PHE A 1 33  ? -6.291  6.163   -10.583 1.00 25.73 ?  72  PHE A CZ  1 
ATOM   275  N N   . PRO A 1 34  ? -4.306  5.460   -6.616  1.00 22.04 ?  73  PRO A N   1 
ATOM   276  C CA  . PRO A 1 34  ? -4.023  4.350   -7.517  1.00 22.84 ?  73  PRO A CA  1 
ATOM   277  C C   . PRO A 1 34  ? -3.914  3.011   -6.782  1.00 22.95 ?  73  PRO A C   1 
ATOM   278  O O   . PRO A 1 34  ? -3.769  2.983   -5.574  1.00 20.94 ?  73  PRO A O   1 
ATOM   279  C CB  . PRO A 1 34  ? -2.656  4.676   -8.126  1.00 25.57 ?  73  PRO A CB  1 
ATOM   280  C CG  . PRO A 1 34  ? -2.523  6.168   -7.949  1.00 24.48 ?  73  PRO A CG  1 
ATOM   281  C CD  . PRO A 1 34  ? -3.232  6.467   -6.656  1.00 23.54 ?  73  PRO A CD  1 
ATOM   282  N N   . VAL A 1 35  ? -4.063  1.944   -7.562  1.00 24.64 ?  74  VAL A N   1 
ATOM   283  C CA  . VAL A 1 35  ? -3.842  0.555   -7.117  1.00 24.44 ?  74  VAL A CA  1 
ATOM   284  C C   . VAL A 1 35  ? -2.335  0.295   -7.170  1.00 23.10 ?  74  VAL A C   1 
ATOM   285  O O   . VAL A 1 35  ? -1.661  0.659   -8.174  1.00 24.51 ?  74  VAL A O   1 
ATOM   286  C CB  . VAL A 1 35  ? -4.659  -0.422  -7.976  1.00 27.51 ?  74  VAL A CB  1 
ATOM   287  C CG1 . VAL A 1 35  ? -4.271  -1.869  -7.713  1.00 29.56 ?  74  VAL A CG1 1 
ATOM   288  C CG2 . VAL A 1 35  ? -6.151  -0.181  -7.758  1.00 28.64 ?  74  VAL A CG2 1 
ATOM   289  N N   . LEU A 1 36  ? -1.828  -0.341  -6.122  1.00 23.07 ?  75  LEU A N   1 
ATOM   290  C CA  . LEU A 1 36  ? -0.433  -0.803  -6.116  1.00 22.21 ?  75  LEU A CA  1 
ATOM   291  C C   . LEU A 1 36  ? -0.286  -1.970  -7.080  1.00 21.66 ?  75  LEU A C   1 
ATOM   292  O O   . LEU A 1 36  ? -0.914  -3.040  -6.835  1.00 22.11 ?  75  LEU A O   1 
ATOM   293  C CB  . LEU A 1 36  ? -0.027  -1.235  -4.721  1.00 22.48 ?  75  LEU A CB  1 
ATOM   294  C CG  . LEU A 1 36  ? 1.438   -1.638  -4.617  1.00 23.76 ?  75  LEU A CG  1 
ATOM   295  C CD1 . LEU A 1 36  ? 2.350   -0.487  -5.010  1.00 26.76 ?  75  LEU A CD1 1 
ATOM   296  C CD2 . LEU A 1 36  ? 1.772   -2.113  -3.211  1.00 27.01 ?  75  LEU A CD2 1 
ATOM   297  N N   . LYS A 1 37  ? 0.586   -1.800  -8.056  1.00 21.77 ?  76  LYS A N   1 
ATOM   298  C CA  . LYS A 1 37  ? 0.894   -2.851  -9.061  1.00 23.59 ?  76  LYS A CA  1 
ATOM   299  C C   . LYS A 1 37  ? 2.398   -2.892  -9.245  1.00 21.40 ?  76  LYS A C   1 
ATOM   300  O O   . LYS A 1 37  ? 3.006   -1.818  -9.367  1.00 21.59 ?  76  LYS A O   1 
ATOM   301  C CB  . LYS A 1 37  ? 0.204   -2.570  -10.398 1.00 25.90 ?  76  LYS A CB  1 
ATOM   302  C CG  . LYS A 1 37  ? -1.283  -2.278  -10.311 1.00 29.85 ?  76  LYS A CG  1 
ATOM   303  C CD  . LYS A 1 37  ? -1.876  -1.913  -11.659 1.00 36.68 ?  76  LYS A CD  1 
ATOM   304  C CE  . LYS A 1 37  ? -2.959  -0.853  -11.581 1.00 44.87 ?  76  LYS A CE  1 
ATOM   305  N NZ  . LYS A 1 37  ? -2.433  0.444   -11.084 1.00 50.33 ?  76  LYS A NZ  1 
ATOM   306  N N   . VAL A 1 38  ? 2.960   -4.095  -9.341  1.00 21.85 ?  77  VAL A N   1 
ATOM   307  C CA  . VAL A 1 38  ? 4.419   -4.276  -9.529  1.00 22.38 ?  77  VAL A CA  1 
ATOM   308  C C   . VAL A 1 38  ? 4.683   -5.308  -10.622 1.00 22.65 ?  77  VAL A C   1 
ATOM   309  O O   . VAL A 1 38  ? 3.863   -6.199  -10.853 1.00 25.03 ?  77  VAL A O   1 
ATOM   310  C CB  . VAL A 1 38  ? 5.109   -4.642  -8.199  1.00 23.99 ?  77  VAL A CB  1 
ATOM   311  C CG1 . VAL A 1 38  ? 4.936   -3.529  -7.172  1.00 25.02 ?  77  VAL A CG1 1 
ATOM   312  C CG2 . VAL A 1 38  ? 4.627   -5.963  -7.630  1.00 23.65 ?  77  VAL A CG2 1 
ATOM   313  N N   . ASN A 1 39  ? 5.830   -5.165  -11.256 1.00 22.51 ?  78  ASN A N   1 
ATOM   314  C CA  . ASN A 1 39  ? 6.348   -6.174  -12.200 1.00 22.31 ?  78  ASN A CA  1 
ATOM   315  C C   . ASN A 1 39  ? 7.481   -6.886  -11.464 1.00 22.98 ?  78  ASN A C   1 
ATOM   316  O O   . ASN A 1 39  ? 8.169   -6.264  -10.593 1.00 22.76 ?  78  ASN A O   1 
ATOM   317  C CB  . ASN A 1 39  ? 6.747   -5.574  -13.541 1.00 23.07 ?  78  ASN A CB  1 
ATOM   318  C CG  . ASN A 1 39  ? 7.659   -4.384  -13.405 1.00 25.91 ?  78  ASN A CG  1 
ATOM   319  O OD1 . ASN A 1 39  ? 8.776   -4.517  -12.910 1.00 24.88 ?  78  ASN A OD1 1 
ATOM   320  N ND2 . ASN A 1 39  ? 7.179   -3.212  -13.810 1.00 26.36 ?  78  ASN A ND2 1 
ATOM   321  N N   . VAL A 1 40  ? 7.598   -8.172  -11.739 1.00 22.15 ?  79  VAL A N   1 
ATOM   322  C CA  . VAL A 1 40  ? 8.555   -9.044  -11.023 1.00 22.00 ?  79  VAL A CA  1 
ATOM   323  C C   . VAL A 1 40  ? 9.358   -9.822  -12.050 1.00 21.05 ?  79  VAL A C   1 
ATOM   324  O O   . VAL A 1 40  ? 8.749   -10.415 -12.941 1.00 23.33 ?  79  VAL A O   1 
ATOM   325  C CB  . VAL A 1 40  ? 7.818   -9.985  -10.056 1.00 22.50 ?  79  VAL A CB  1 
ATOM   326  C CG1 . VAL A 1 40  ? 8.795   -10.877 -9.302  1.00 26.98 ?  79  VAL A CG1 1 
ATOM   327  C CG2 . VAL A 1 40  ? 6.950   -9.205  -9.099  1.00 25.70 ?  79  VAL A CG2 1 
ATOM   328  N N   . SER A 1 41  ? 10.670  -9.853  -11.865 1.00 22.54 ?  80  SER A N   1 
ATOM   329  C CA  . SER A 1 41  ? 11.532  -10.820 -12.572 1.00 23.23 ?  80  SER A CA  1 
ATOM   330  C C   . SER A 1 41  ? 12.518  -11.435 -11.588 1.00 21.39 ?  80  SER A C   1 
ATOM   331  O O   . SER A 1 41  ? 12.749  -10.854 -10.507 1.00 22.40 ?  80  SER A O   1 
ATOM   332  C CB  . SER A 1 41  ? 12.235  -10.196 -13.755 1.00 23.34 ?  80  SER A CB  1 
ATOM   333  O OG  . SER A 1 41  ? 13.081  -9.164  -13.317 1.00 26.42 ?  80  SER A OG  1 
ATOM   334  N N   . GLY A 1 42  ? 13.146  -12.538 -12.002 1.00 21.37 ?  81  GLY A N   1 
ATOM   335  C CA  . GLY A 1 42  ? 14.195  -13.197 -11.226 1.00 20.77 ?  81  GLY A CA  1 
ATOM   336  C C   . GLY A 1 42  ? 13.658  -14.124 -10.158 1.00 22.58 ?  81  GLY A C   1 
ATOM   337  O O   . GLY A 1 42  ? 14.501  -14.614 -9.394  1.00 22.68 ?  81  GLY A O   1 
ATOM   338  N N   . LEU A 1 43  ? 12.345  -14.416 -10.104 1.00 20.95 ?  82  LEU A N   1 
ATOM   339  C CA  . LEU A 1 43  ? 11.872  -15.576 -9.305  1.00 20.71 ?  82  LEU A CA  1 
ATOM   340  C C   . LEU A 1 43  ? 12.261  -16.861 -10.029 1.00 20.65 ?  82  LEU A C   1 
ATOM   341  O O   . LEU A 1 43  ? 12.492  -16.840 -11.263 1.00 21.09 ?  82  LEU A O   1 
ATOM   342  C CB  . LEU A 1 43  ? 10.354  -15.542 -9.120  1.00 21.65 ?  82  LEU A CB  1 
ATOM   343  C CG  . LEU A 1 43  ? 9.807   -14.374 -8.297  1.00 20.95 ?  82  LEU A CG  1 
ATOM   344  C CD1 . LEU A 1 43  ? 8.293   -14.403 -8.291  1.00 21.21 ?  82  LEU A CD1 1 
ATOM   345  C CD2 . LEU A 1 43  ? 10.353  -14.439 -6.887  1.00 21.25 ?  82  LEU A CD2 1 
ATOM   346  N N   . ASP A 1 44  ? 12.267  -17.964 -9.292  1.00 20.47 ?  83  ASP A N   1 
ATOM   347  C CA  . ASP A 1 44  ? 12.345  -19.309 -9.921  1.00 21.69 ?  83  ASP A CA  1 
ATOM   348  C C   . ASP A 1 44  ? 10.981  -19.580 -10.534 1.00 20.73 ?  83  ASP A C   1 
ATOM   349  O O   . ASP A 1 44  ? 10.008  -19.656 -9.785  1.00 20.25 ?  83  ASP A O   1 
ATOM   350  C CB  . ASP A 1 44  ? 12.772  -20.342 -8.884  1.00 25.39 ?  83  ASP A CB  1 
ATOM   351  C CG  . ASP A 1 44  ? 12.866  -21.767 -9.393  1.00 27.73 ?  83  ASP A CG  1 
ATOM   352  O OD1 . ASP A 1 44  ? 12.405  -22.054 -10.539 1.00 26.78 ?  83  ASP A OD1 1 
ATOM   353  O OD2 . ASP A 1 44  ? 13.463  -22.576 -8.644  1.00 31.06 ?  83  ASP A OD2 1 
ATOM   354  N N   . PRO A 1 45  ? 10.850  -19.702 -11.882 1.00 21.73 ?  84  PRO A N   1 
ATOM   355  C CA  . PRO A 1 45  ? 9.531   -19.859 -12.497 1.00 20.82 ?  84  PRO A CA  1 
ATOM   356  C C   . PRO A 1 45  ? 8.844   -21.139 -12.003 1.00 20.84 ?  84  PRO A C   1 
ATOM   357  O O   . PRO A 1 45  ? 7.613   -21.207 -12.036 1.00 21.74 ?  84  PRO A O   1 
ATOM   358  C CB  . PRO A 1 45  ? 9.821   -19.939 -14.003 1.00 22.32 ?  84  PRO A CB  1 
ATOM   359  C CG  . PRO A 1 45  ? 11.250  -20.389 -14.067 1.00 24.91 ?  84  PRO A CG  1 
ATOM   360  C CD  . PRO A 1 45  ? 11.926  -19.695 -12.894 1.00 22.93 ?  84  PRO A CD  1 
ATOM   361  N N   . ASN A 1 46  ? 9.650   -22.114 -11.588 1.00 21.75 ?  85  ASN A N   1 
ATOM   362  C CA  . ASN A 1 46  ? 9.212   -23.471 -11.167 1.00 23.75 ?  85  ASN A CA  1 
ATOM   363  C C   . ASN A 1 46  ? 8.712   -23.481 -9.717  1.00 23.21 ?  85  ASN A C   1 
ATOM   364  O O   . ASN A 1 46  ? 7.893   -24.350 -9.385  1.00 22.02 ?  85  ASN A O   1 
ATOM   365  C CB  . ASN A 1 46  ? 10.363  -24.476 -11.271 1.00 25.19 ?  85  ASN A CB  1 
ATOM   366  C CG  . ASN A 1 46  ? 11.013  -24.531 -12.636 1.00 29.52 ?  85  ASN A CG  1 
ATOM   367  O OD1 . ASN A 1 46  ? 10.346  -24.542 -13.668 1.00 28.29 ?  85  ASN A OD1 1 
ATOM   368  N ND2 . ASN A 1 46  ? 12.333  -24.500 -12.653 1.00 32.34 ?  85  ASN A ND2 1 
ATOM   369  N N   . ALA A 1 47  ? 9.164   -22.551 -8.880  1.00 19.70 ?  86  ALA A N   1 
ATOM   370  C CA  . ALA A 1 47  ? 8.874   -22.508 -7.424  1.00 20.35 ?  86  ALA A CA  1 
ATOM   371  C C   . ALA A 1 47  ? 7.498   -21.889 -7.189  1.00 20.68 ?  86  ALA A C   1 
ATOM   372  O O   . ALA A 1 47  ? 6.951   -21.287 -8.125  1.00 21.29 ?  86  ALA A O   1 
ATOM   373  C CB  . ALA A 1 47  ? 9.934   -21.734 -6.689  1.00 21.49 ?  86  ALA A CB  1 
ATOM   374  N N   . MET A 1 48  ? 6.924   -22.108 -6.006  1.00 19.57 ?  87  MET A N   1 
ATOM   375  C CA  . MET A 1 48  ? 5.677   -21.419 -5.641  1.00 19.57 ?  87  MET A CA  1 
ATOM   376  C C   . MET A 1 48  ? 5.970   -20.361 -4.594  1.00 18.83 ?  87  MET A C   1 
ATOM   377  O O   . MET A 1 48  ? 6.829   -20.575 -3.734  1.00 18.83 ?  87  MET A O   1 
ATOM   378  C CB  . MET A 1 48  ? 4.638   -22.421 -5.150  1.00 22.45 ?  87  MET A CB  1 
ATOM   379  C CG  . MET A 1 48  ? 4.317   -23.396 -6.235  1.00 23.24 ?  87  MET A CG  1 
ATOM   380  S SD  . MET A 1 48  ? 2.837   -24.310 -5.859  1.00 27.81 ?  87  MET A SD  1 
ATOM   381  C CE  . MET A 1 48  ? 1.643   -23.065 -6.344  1.00 29.87 ?  87  MET A CE  1 
ATOM   382  N N   . TYR A 1 49  ? 5.236   -19.260 -4.705  1.00 20.59 ?  88  TYR A N   1 
ATOM   383  C CA  . TYR A 1 49  ? 5.414   -18.086 -3.836  1.00 19.29 ?  88  TYR A CA  1 
ATOM   384  C C   . TYR A 1 49  ? 4.065   -17.507 -3.461  1.00 19.29 ?  88  TYR A C   1 
ATOM   385  O O   . TYR A 1 49  ? 3.097   -17.658 -4.192  1.00 20.49 ?  88  TYR A O   1 
ATOM   386  C CB  . TYR A 1 49  ? 6.231   -16.998 -4.528  1.00 19.25 ?  88  TYR A CB  1 
ATOM   387  C CG  . TYR A 1 49  ? 7.587   -17.413 -5.033  1.00 19.04 ?  88  TYR A CG  1 
ATOM   388  C CD1 . TYR A 1 49  ? 8.725   -17.212 -4.273  1.00 18.92 ?  88  TYR A CD1 1 
ATOM   389  C CD2 . TYR A 1 49  ? 7.754   -17.918 -6.308  1.00 19.01 ?  88  TYR A CD2 1 
ATOM   390  C CE1 . TYR A 1 49  ? 9.975   -17.529 -4.759  1.00 19.37 ?  88  TYR A CE1 1 
ATOM   391  C CE2 . TYR A 1 49  ? 8.991   -18.287 -6.802  1.00 18.36 ?  88  TYR A CE2 1 
ATOM   392  C CZ  . TYR A 1 49  ? 10.113  -18.074 -6.027  1.00 19.28 ?  88  TYR A CZ  1 
ATOM   393  O OH  . TYR A 1 49  ? 11.336  -18.362 -6.536  1.00 21.42 ?  88  TYR A OH  1 
ATOM   394  N N   . SER A 1 50  ? 4.032   -16.824 -2.316  1.00 19.49 ?  89  SER A N   1 
ATOM   395  C CA  . SER A 1 50  ? 2.916   -15.959 -1.894  1.00 21.00 ?  89  SER A CA  1 
ATOM   396  C C   . SER A 1 50  ? 3.399   -14.510 -1.883  1.00 20.58 ?  89  SER A C   1 
ATOM   397  O O   . SER A 1 50  ? 4.577   -14.303 -1.576  1.00 19.60 ?  89  SER A O   1 
ATOM   398  C CB  . SER A 1 50  ? 2.385   -16.380 -0.567  1.00 23.45 ?  89  SER A CB  1 
ATOM   399  O OG  . SER A 1 50  ? 1.783   -17.663 -0.666  1.00 23.32 ?  89  SER A OG  1 
ATOM   400  N N   . PHE A 1 51  ? 2.519   -13.582 -2.243  1.00 19.40 ?  90  PHE A N   1 
ATOM   401  C CA  . PHE A 1 51  ? 2.773   -12.122 -2.235  1.00 21.53 ?  90  PHE A CA  1 
ATOM   402  C C   . PHE A 1 51  ? 1.951   -11.531 -1.095  1.00 21.18 ?  90  PHE A C   1 
ATOM   403  O O   . PHE A 1 51  ? 0.734   -11.774 -1.028  1.00 22.35 ?  90  PHE A O   1 
ATOM   404  C CB  . PHE A 1 51  ? 2.459   -11.489 -3.593  1.00 20.29 ?  90  PHE A CB  1 
ATOM   405  C CG  . PHE A 1 51  ? 3.596   -11.538 -4.576  1.00 19.98 ?  90  PHE A CG  1 
ATOM   406  C CD1 . PHE A 1 51  ? 4.150   -10.387 -5.106  1.00 19.11 ?  90  PHE A CD1 1 
ATOM   407  C CD2 . PHE A 1 51  ? 4.131   -12.748 -4.987  1.00 18.82 ?  90  PHE A CD2 1 
ATOM   408  C CE1 . PHE A 1 51  ? 5.199   -10.455 -6.019  1.00 21.00 ?  90  PHE A CE1 1 
ATOM   409  C CE2 . PHE A 1 51  ? 5.195   -12.808 -5.870  1.00 19.86 ?  90  PHE A CE2 1 
ATOM   410  C CZ  . PHE A 1 51  ? 5.707   -11.665 -6.420  1.00 20.36 ?  90  PHE A CZ  1 
ATOM   411  N N   . LEU A 1 52  ? 2.604   -10.788 -0.207  1.00 22.28 ?  91  LEU A N   1 
ATOM   412  C CA  . LEU A 1 52  ? 1.973   -10.198 0.992   1.00 23.09 ?  91  LEU A CA  1 
ATOM   413  C C   . LEU A 1 52  ? 2.125   -8.686  0.901   1.00 23.22 ?  91  LEU A C   1 
ATOM   414  O O   . LEU A 1 52  ? 3.145   -8.205  0.363   1.00 21.74 ?  91  LEU A O   1 
ATOM   415  C CB  . LEU A 1 52  ? 2.688   -10.648 2.268   1.00 26.84 ?  91  LEU A CB  1 
ATOM   416  C CG  . LEU A 1 52  ? 2.373   -12.018 2.858   1.00 35.22 ?  91  LEU A CG  1 
ATOM   417  C CD1 . LEU A 1 52  ? 2.013   -13.048 1.819   1.00 33.66 ?  91  LEU A CD1 1 
ATOM   418  C CD2 . LEU A 1 52  ? 3.543   -12.474 3.737   1.00 34.70 ?  91  LEU A CD2 1 
ATOM   419  N N   . LEU A 1 53  ? 1.185   -7.975  1.492   1.00 21.50 ?  92  LEU A N   1 
ATOM   420  C CA  . LEU A 1 53  ? 1.245   -6.508  1.482   1.00 22.62 ?  92  LEU A CA  1 
ATOM   421  C C   . LEU A 1 53  ? 1.002   -6.033  2.898   1.00 21.51 ?  92  LEU A C   1 
ATOM   422  O O   . LEU A 1 53  ? 0.009   -6.452  3.514   1.00 22.92 ?  92  LEU A O   1 
ATOM   423  C CB  . LEU A 1 53  ? 0.207   -5.987  0.498   1.00 23.04 ?  92  LEU A CB  1 
ATOM   424  C CG  . LEU A 1 53  ? -0.110  -4.499  0.613   1.00 23.02 ?  92  LEU A CG  1 
ATOM   425  C CD1 . LEU A 1 53  ? 1.080   -3.649  0.189   1.00 22.69 ?  92  LEU A CD1 1 
ATOM   426  C CD2 . LEU A 1 53  ? -1.354  -4.175  -0.194  1.00 24.01 ?  92  LEU A CD2 1 
ATOM   427  N N   . ASP A 1 54  ? 1.858   -5.150  3.375   1.00 20.33 ?  93  ASP A N   1 
ATOM   428  C CA  . ASP A 1 54  ? 1.536   -4.427  4.625   1.00 20.78 ?  93  ASP A CA  1 
ATOM   429  C C   . ASP A 1 54  ? 1.897   -2.959  4.446   1.00 20.65 ?  93  ASP A C   1 
ATOM   430  O O   . ASP A 1 54  ? 2.316   -2.565  3.366   1.00 20.51 ?  93  ASP A O   1 
ATOM   431  C CB  . ASP A 1 54  ? 2.170   -5.108  5.835   1.00 22.42 ?  93  ASP A CB  1 
ATOM   432  C CG  . ASP A 1 54  ? 3.683   -5.031  5.983   1.00 24.61 ?  93  ASP A CG  1 
ATOM   433  O OD1 . ASP A 1 54  ? 4.355   -4.586  5.069   1.00 23.00 ?  93  ASP A OD1 1 
ATOM   434  O OD2 . ASP A 1 54  ? 4.159   -5.368  7.080   1.00 33.65 ?  93  ASP A OD2 1 
ATOM   435  N N   . PHE A 1 55  ? 1.639   -2.164  5.483   1.00 20.79 ?  94  PHE A N   1 
ATOM   436  C CA  . PHE A 1 55  ? 1.769   -0.696  5.432   1.00 20.28 ?  94  PHE A CA  1 
ATOM   437  C C   . PHE A 1 55  ? 2.594   -0.251  6.615   1.00 21.77 ?  94  PHE A C   1 
ATOM   438  O O   . PHE A 1 55  ? 2.244   -0.582  7.758   1.00 26.51 ?  94  PHE A O   1 
ATOM   439  C CB  . PHE A 1 55  ? 0.377   -0.077  5.414   1.00 21.06 ?  94  PHE A CB  1 
ATOM   440  C CG  . PHE A 1 55  ? -0.431  -0.352  4.172   1.00 21.56 ?  94  PHE A CG  1 
ATOM   441  C CD1 . PHE A 1 55  ? -0.477  0.565   3.128   1.00 24.10 ?  94  PHE A CD1 1 
ATOM   442  C CD2 . PHE A 1 55  ? -1.132  -1.544  4.021   1.00 23.17 ?  94  PHE A CD2 1 
ATOM   443  C CE1 . PHE A 1 55  ? -1.221  0.319   1.990   1.00 23.34 ?  94  PHE A CE1 1 
ATOM   444  C CE2 . PHE A 1 55  ? -1.877  -1.791  2.882   1.00 24.03 ?  94  PHE A CE2 1 
ATOM   445  C CZ  . PHE A 1 55  ? -1.913  -0.869  1.857   1.00 24.78 ?  94  PHE A CZ  1 
ATOM   446  N N   . VAL A 1 56  ? 3.705   0.413   6.335   1.00 21.50 ?  95  VAL A N   1 
ATOM   447  C CA  . VAL A 1 56  ? 4.649   0.829   7.391   1.00 23.46 ?  95  VAL A CA  1 
ATOM   448  C C   . VAL A 1 56  ? 4.430   2.315   7.681   1.00 23.96 ?  95  VAL A C   1 
ATOM   449  O O   . VAL A 1 56  ? 4.327   3.077   6.731   1.00 23.02 ?  95  VAL A O   1 
ATOM   450  C CB  . VAL A 1 56  ? 6.080   0.502   6.934   1.00 26.44 ?  95  VAL A CB  1 
ATOM   451  C CG1 . VAL A 1 56  ? 7.104   0.882   7.984   1.00 28.83 ?  95  VAL A CG1 1 
ATOM   452  C CG2 . VAL A 1 56  ? 6.197   -0.987  6.606   1.00 28.30 ?  95  VAL A CG2 1 
ATOM   453  N N   . ALA A 1 57  ? 4.414   2.681   8.956   1.00 24.55 ?  96  ALA A N   1 
ATOM   454  C CA  . ALA A 1 57  ? 4.324   4.077   9.424   1.00 26.64 ?  96  ALA A CA  1 
ATOM   455  C C   . ALA A 1 57  ? 5.551   4.827   8.926   1.00 29.05 ?  96  ALA A C   1 
ATOM   456  O O   . ALA A 1 57  ? 6.672   4.335   9.164   1.00 28.75 ?  96  ALA A O   1 
ATOM   457  C CB  . ALA A 1 57  ? 4.214   4.122   10.932  1.00 28.13 ?  96  ALA A CB  1 
ATOM   458  N N   . ALA A 1 58  ? 5.353   5.944   8.227   1.00 25.80 ?  97  ALA A N   1 
ATOM   459  C CA  . ALA A 1 58  ? 6.430   6.671   7.511   1.00 29.37 ?  97  ALA A CA  1 
ATOM   460  C C   . ALA A 1 58  ? 7.072   7.681   8.451   1.00 32.18 ?  97  ALA A C   1 
ATOM   461  O O   . ALA A 1 58  ? 8.193   8.143   8.119   1.00 39.80 ?  97  ALA A O   1 
ATOM   462  C CB  . ALA A 1 58  ? 5.915   7.385   6.287   1.00 31.03 ?  97  ALA A CB  1 
ATOM   463  N N   . ASP A 1 59  ? 6.394   8.006   9.553   1.00 33.80 ?  98  ASP A N   1 
ATOM   464  C CA  . ASP A 1 59  ? 6.691   9.193   10.397  1.00 39.53 ?  98  ASP A CA  1 
ATOM   465  C C   . ASP A 1 59  ? 6.554   8.847   11.865  1.00 34.42 ?  98  ASP A C   1 
ATOM   466  O O   . ASP A 1 59  ? 5.824   7.908   12.165  1.00 44.50 ?  98  ASP A O   1 
ATOM   467  C CB  . ASP A 1 59  ? 5.681   10.312  10.121  1.00 37.70 ?  98  ASP A CB  1 
ATOM   468  C CG  . ASP A 1 59  ? 6.009   10.993  8.821   1.00 38.40 ?  98  ASP A CG  1 
ATOM   469  O OD1 . ASP A 1 59  ? 5.146   11.038  7.967   1.00 41.38 ?  98  ASP A OD1 1 
ATOM   470  O OD2 . ASP A 1 59  ? 7.170   11.404  8.659   1.00 54.26 ?  98  ASP A OD2 1 
ATOM   471  N N   . ASN A 1 60  ? 7.153   9.672   12.723  1.00 39.32 ?  99  ASN A N   1 
ATOM   472  C CA  . ASN A 1 60  ? 7.011   9.593   14.198  1.00 42.17 ?  99  ASN A CA  1 
ATOM   473  C C   . ASN A 1 60  ? 6.121   10.757  14.660  1.00 37.56 ?  99  ASN A C   1 
ATOM   474  O O   . ASN A 1 60  ? 6.389   11.332  15.739  1.00 39.32 ?  99  ASN A O   1 
ATOM   475  C CB  . ASN A 1 60  ? 8.374   9.608   14.900  1.00 47.82 ?  99  ASN A CB  1 
ATOM   476  C CG  . ASN A 1 60  ? 8.864   11.015  15.195  1.00 55.87 ?  99  ASN A CG  1 
ATOM   477  O OD1 . ASN A 1 60  ? 8.973   11.848  14.295  1.00 63.42 ?  99  ASN A OD1 1 
ATOM   478  N ND2 . ASN A 1 60  ? 9.115   11.306  16.462  1.00 60.15 ?  99  ASN A ND2 1 
ATOM   479  N N   . HIS A 1 61  ? 5.096   11.121  13.887  1.00 33.68 ?  100 HIS A N   1 
ATOM   480  C CA  . HIS A 1 61  ? 4.152   12.193  14.305  1.00 30.32 ?  100 HIS A CA  1 
ATOM   481  C C   . HIS A 1 61  ? 2.921   12.148  13.412  1.00 31.01 ?  100 HIS A C   1 
ATOM   482  O O   . HIS A 1 61  ? 2.987   11.534  12.319  1.00 31.27 ?  100 HIS A O   1 
ATOM   483  C CB  . HIS A 1 61  ? 4.828   13.562  14.270  1.00 30.58 ?  100 HIS A CB  1 
ATOM   484  C CG  . HIS A 1 61  ? 5.085   14.065  12.895  1.00 31.75 ?  100 HIS A CG  1 
ATOM   485  N ND1 . HIS A 1 61  ? 6.333   13.961  12.289  1.00 33.28 ?  100 HIS A ND1 1 
ATOM   486  C CD2 . HIS A 1 61  ? 4.266   14.656  11.999  1.00 27.26 ?  100 HIS A CD2 1 
ATOM   487  C CE1 . HIS A 1 61  ? 6.264   14.511  11.098  1.00 29.87 ?  100 HIS A CE1 1 
ATOM   488  N NE2 . HIS A 1 61  ? 5.004   14.945  10.892  1.00 32.17 ?  100 HIS A NE2 1 
ATOM   489  N N   . ARG A 1 62  ? 1.832   12.760  13.842  1.00 26.77 ?  101 ARG A N   1 
ATOM   490  C CA  . ARG A 1 62  ? 0.651   12.786  12.957  1.00 27.24 ?  101 ARG A CA  1 
ATOM   491  C C   . ARG A 1 62  ? 0.615   14.109  12.187  1.00 24.27 ?  101 ARG A C   1 
ATOM   492  O O   . ARG A 1 62  ? 1.476   15.024  12.405  1.00 23.53 ?  101 ARG A O   1 
ATOM   493  C CB  . ARG A 1 62  ? -0.587  12.355  13.729  1.00 33.78 ?  101 ARG A CB  1 
ATOM   494  C CG  . ARG A 1 62  ? -1.234  13.433  14.551  1.00 36.14 ?  101 ARG A CG  1 
ATOM   495  C CD  . ARG A 1 62  ? -2.656  13.056  14.901  1.00 36.90 ?  101 ARG A CD  1 
ATOM   496  N NE  . ARG A 1 62  ? -3.089  14.240  15.593  1.00 34.17 ?  101 ARG A NE  1 
ATOM   497  C CZ  . ARG A 1 62  ? -3.856  14.293  16.668  1.00 33.50 ?  101 ARG A CZ  1 
ATOM   498  N NH1 . ARG A 1 62  ? -4.113  15.474  17.194  1.00 33.50 ?  101 ARG A NH1 1 
ATOM   499  N NH2 . ARG A 1 62  ? -4.353  13.203  17.218  1.00 35.31 ?  101 ARG A NH2 1 
ATOM   500  N N   . TRP A 1 63  ? -0.268  14.148  11.204  1.00 21.25 ?  102 TRP A N   1 
ATOM   501  C CA  . TRP A 1 63  ? -0.297  15.234  10.203  1.00 21.81 ?  102 TRP A CA  1 
ATOM   502  C C   . TRP A 1 63  ? -1.641  15.921  10.261  1.00 20.51 ?  102 TRP A C   1 
ATOM   503  O O   . TRP A 1 63  ? -2.640  15.331  10.712  1.00 22.30 ?  102 TRP A O   1 
ATOM   504  C CB  . TRP A 1 63  ? -0.046  14.717  8.794   1.00 21.01 ?  102 TRP A CB  1 
ATOM   505  C CG  . TRP A 1 63  ? 1.331   14.193  8.578   1.00 22.20 ?  102 TRP A CG  1 
ATOM   506  C CD1 . TRP A 1 63  ? 1.758   12.899  8.705   1.00 22.68 ?  102 TRP A CD1 1 
ATOM   507  C CD2 . TRP A 1 63  ? 2.472   14.958  8.159   1.00 24.43 ?  102 TRP A CD2 1 
ATOM   508  N NE1 . TRP A 1 63  ? 3.086   12.823  8.416   1.00 23.02 ?  102 TRP A NE1 1 
ATOM   509  C CE2 . TRP A 1 63  ? 3.554   14.062  8.066   1.00 23.38 ?  102 TRP A CE2 1 
ATOM   510  C CE3 . TRP A 1 63  ? 2.674   16.311  7.858   1.00 25.86 ?  102 TRP A CE3 1 
ATOM   511  C CZ2 . TRP A 1 63  ? 4.833   14.479  7.684   1.00 25.46 ?  102 TRP A CZ2 1 
ATOM   512  C CZ3 . TRP A 1 63  ? 3.939   16.722  7.482   1.00 27.74 ?  102 TRP A CZ3 1 
ATOM   513  C CH2 . TRP A 1 63  ? 5.006   15.817  7.415   1.00 26.54 ?  102 TRP A CH2 1 
ATOM   514  N N   A LYS A 1 64  ? -1.666  17.181  9.825   0.25 21.96 ?  103 LYS A N   1 
ATOM   515  N N   B LYS A 1 64  ? -1.676  17.166  9.800   0.25 19.95 ?  103 LYS A N   1 
ATOM   516  C CA  A LYS A 1 64  ? -2.913  17.950  9.610   0.25 23.10 ?  103 LYS A CA  1 
ATOM   517  C CA  B LYS A 1 64  ? -2.945  17.873  9.541   0.25 19.77 ?  103 LYS A CA  1 
ATOM   518  C C   A LYS A 1 64  ? -2.712  18.820  8.355   0.25 22.49 ?  103 LYS A C   1 
ATOM   519  C C   B LYS A 1 64  ? -2.717  18.787  8.330   0.25 20.35 ?  103 LYS A C   1 
ATOM   520  O O   A LYS A 1 64  ? -1.522  19.081  7.948   0.25 24.32 ?  103 LYS A O   1 
ATOM   521  O O   B LYS A 1 64  ? -1.519  19.027  7.922   0.25 21.42 ?  103 LYS A O   1 
ATOM   522  C CB  A LYS A 1 64  ? -3.321  18.715  10.878  0.25 25.35 ?  103 LYS A CB  1 
ATOM   523  C CB  B LYS A 1 64  ? -3.453  18.574  10.806  0.25 19.61 ?  103 LYS A CB  1 
ATOM   524  C CG  A LYS A 1 64  ? -2.355  19.772  11.386  0.25 27.99 ?  103 LYS A CG  1 
ATOM   525  C CG  B LYS A 1 64  ? -2.539  19.638  11.378  0.25 19.13 ?  103 LYS A CG  1 
ATOM   526  C CD  A LYS A 1 64  ? -2.992  20.673  12.443  0.25 30.35 ?  103 LYS A CD  1 
ATOM   527  C CD  B LYS A 1 64  ? -3.084  20.244  12.662  0.25 18.79 ?  103 LYS A CD  1 
ATOM   528  C CE  A LYS A 1 64  ? -2.061  21.091  13.565  0.25 32.17 ?  103 LYS A CE  1 
ATOM   529  C CE  B LYS A 1 64  ? -2.236  21.386  13.184  0.25 18.38 ?  103 LYS A CE  1 
ATOM   530  N NZ  A LYS A 1 64  ? -0.686  21.362  13.085  0.25 34.45 ?  103 LYS A NZ  1 
ATOM   531  N NZ  B LYS A 1 64  ? -2.761  21.914  14.468  0.25 17.33 ?  103 LYS A NZ  1 
ATOM   532  N N   . TYR A 1 65  ? -3.862  19.230  7.771   1.00 21.30 ?  104 TYR A N   1 
ATOM   533  C CA  . TYR A 1 65  ? -3.898  20.071  6.560   1.00 20.68 ?  104 TYR A CA  1 
ATOM   534  C C   . TYR A 1 65  ? -4.341  21.457  7.004   1.00 19.36 ?  104 TYR A C   1 
ATOM   535  O O   . TYR A 1 65  ? -5.456  21.595  7.478   1.00 21.56 ?  104 TYR A O   1 
ATOM   536  C CB  . TYR A 1 65  ? -4.839  19.428  5.555   1.00 20.53 ?  104 TYR A CB  1 
ATOM   537  C CG  . TYR A 1 65  ? -4.699  19.978  4.161   1.00 22.21 ?  104 TYR A CG  1 
ATOM   538  C CD1 . TYR A 1 65  ? -3.585  19.702  3.392   1.00 22.65 ?  104 TYR A CD1 1 
ATOM   539  C CD2 . TYR A 1 65  ? -5.710  20.739  3.589   1.00 23.77 ?  104 TYR A CD2 1 
ATOM   540  C CE1 . TYR A 1 65  ? -3.462  20.163  2.090   1.00 24.50 ?  104 TYR A CE1 1 
ATOM   541  C CE2 . TYR A 1 65  ? -5.603  21.204  2.288   1.00 23.11 ?  104 TYR A CE2 1 
ATOM   542  C CZ  . TYR A 1 65  ? -4.484  20.912  1.535   1.00 25.32 ?  104 TYR A CZ  1 
ATOM   543  O OH  . TYR A 1 65  ? -4.390  21.357  0.253   1.00 26.91 ?  104 TYR A OH  1 
ATOM   544  N N   . VAL A 1 66  ? -3.439  22.431  6.897   1.00 20.43 ?  105 VAL A N   1 
ATOM   545  C CA  . VAL A 1 66  ? -3.661  23.805  7.422   1.00 22.36 ?  105 VAL A CA  1 
ATOM   546  C C   . VAL A 1 66  ? -3.210  24.786  6.343   1.00 19.85 ?  105 VAL A C   1 
ATOM   547  O O   . VAL A 1 66  ? -2.060  24.657  5.887   1.00 20.77 ?  105 VAL A O   1 
ATOM   548  C CB  . VAL A 1 66  ? -2.887  23.989  8.739   1.00 24.30 ?  105 VAL A CB  1 
ATOM   549  C CG1 . VAL A 1 66  ? -2.801  25.438  9.192   1.00 26.69 ?  105 VAL A CG1 1 
ATOM   550  C CG2 . VAL A 1 66  ? -3.463  23.123  9.847   1.00 25.63 ?  105 VAL A CG2 1 
ATOM   551  N N   . ASN A 1 67  ? -4.089  25.700  5.946   1.00 22.63 ?  106 ASN A N   1 
ATOM   552  C CA  . ASN A 1 67  ? -3.754  26.754  4.956   1.00 24.39 ?  106 ASN A CA  1 
ATOM   553  C C   . ASN A 1 67  ? -3.225  26.099  3.673   1.00 22.87 ?  106 ASN A C   1 
ATOM   554  O O   . ASN A 1 67  ? -2.220  26.552  3.107   1.00 22.26 ?  106 ASN A O   1 
ATOM   555  C CB  . ASN A 1 67  ? -2.749  27.728  5.570   1.00 24.32 ?  106 ASN A CB  1 
ATOM   556  C CG  . ASN A 1 67  ? -3.260  28.417  6.822   1.00 23.92 ?  106 ASN A CG  1 
ATOM   557  O OD1 . ASN A 1 67  ? -4.452  28.533  7.036   1.00 26.42 ?  106 ASN A OD1 1 
ATOM   558  N ND2 . ASN A 1 67  ? -2.352  28.956  7.623   1.00 28.21 ?  106 ASN A ND2 1 
ATOM   559  N N   . GLY A 1 68  ? -3.837  24.987  3.249   1.00 23.25 ?  107 GLY A N   1 
ATOM   560  C CA  . GLY A 1 68  ? -3.488  24.351  1.964   1.00 24.70 ?  107 GLY A CA  1 
ATOM   561  C C   . GLY A 1 68  ? -2.184  23.570  2.006   1.00 22.48 ?  107 GLY A C   1 
ATOM   562  O O   . GLY A 1 68  ? -1.655  23.254  0.923   1.00 25.32 ?  107 GLY A O   1 
ATOM   563  N N   . GLU A 1 69  ? -1.671  23.253  3.201   1.00 22.37 ?  108 GLU A N   1 
ATOM   564  C CA  . GLU A 1 69  ? -0.374  22.540  3.351   1.00 25.32 ?  108 GLU A CA  1 
ATOM   565  C C   . GLU A 1 69  ? -0.486  21.474  4.440   1.00 22.10 ?  108 GLU A C   1 
ATOM   566  O O   . GLU A 1 69  ? -1.146  21.707  5.473   1.00 23.17 ?  108 GLU A O   1 
ATOM   567  C CB  . GLU A 1 69  ? 0.762   23.489  3.783   1.00 28.39 ?  108 GLU A CB  1 
ATOM   568  C CG  . GLU A 1 69  ? 0.992   24.656  2.844   1.00 35.97 ?  108 GLU A CG  1 
ATOM   569  C CD  . GLU A 1 69  ? 1.250   24.271  1.394   1.00 38.90 ?  108 GLU A CD  1 
ATOM   570  O OE1 . GLU A 1 69  ? 1.725   23.143  1.167   1.00 38.79 ?  108 GLU A OE1 1 
ATOM   571  O OE2 . GLU A 1 69  ? 0.953   25.092  0.489   1.00 45.14 ?  108 GLU A OE2 1 
ATOM   572  N N   . TRP A 1 70  ? 0.205   20.365  4.247   1.00 20.49 ?  109 TRP A N   1 
ATOM   573  C CA  . TRP A 1 70  ? 0.333   19.379  5.344   1.00 21.70 ?  109 TRP A CA  1 
ATOM   574  C C   . TRP A 1 70  ? 1.421   19.795  6.325   1.00 21.61 ?  109 TRP A C   1 
ATOM   575  O O   . TRP A 1 70  ? 2.558   20.055  5.897   1.00 24.04 ?  109 TRP A O   1 
ATOM   576  C CB  . TRP A 1 70  ? 0.627   18.008  4.795   1.00 22.29 ?  109 TRP A CB  1 
ATOM   577  C CG  . TRP A 1 70  ? -0.570  17.416  4.147   1.00 19.74 ?  109 TRP A CG  1 
ATOM   578  C CD1 . TRP A 1 70  ? -0.841  17.378  2.818   1.00 22.86 ?  109 TRP A CD1 1 
ATOM   579  C CD2 . TRP A 1 70  ? -1.641  16.741  4.810   1.00 20.46 ?  109 TRP A CD2 1 
ATOM   580  N NE1 . TRP A 1 70  ? -2.020  16.722  2.613   1.00 21.13 ?  109 TRP A NE1 1 
ATOM   581  C CE2 . TRP A 1 70  ? -2.524  16.315  3.804   1.00 20.31 ?  109 TRP A CE2 1 
ATOM   582  C CE3 . TRP A 1 70  ? -1.935  16.453  6.141   1.00 20.09 ?  109 TRP A CE3 1 
ATOM   583  C CZ2 . TRP A 1 70  ? -3.674  15.592  4.094   1.00 20.07 ?  109 TRP A CZ2 1 
ATOM   584  C CZ3 . TRP A 1 70  ? -3.044  15.698  6.422   1.00 21.49 ?  109 TRP A CZ3 1 
ATOM   585  C CH2 . TRP A 1 70  ? -3.926  15.322  5.412   1.00 20.85 ?  109 TRP A CH2 1 
ATOM   586  N N   . VAL A 1 71  ? 1.100   19.754  7.600   1.00 21.77 ?  110 VAL A N   1 
ATOM   587  C CA  . VAL A 1 71  ? 2.060   20.123  8.680   1.00 22.94 ?  110 VAL A CA  1 
ATOM   588  C C   . VAL A 1 71  ? 1.893   19.141  9.820   1.00 21.80 ?  110 VAL A C   1 
ATOM   589  O O   . VAL A 1 71  ? 0.867   18.462  9.980   1.00 20.07 ?  110 VAL A O   1 
ATOM   590  C CB  . VAL A 1 71  ? 1.829   21.568  9.158   1.00 22.69 ?  110 VAL A CB  1 
ATOM   591  C CG1 . VAL A 1 71  ? 2.035   22.581  8.051   1.00 23.91 ?  110 VAL A CG1 1 
ATOM   592  C CG2 . VAL A 1 71  ? 0.433   21.709  9.733   1.00 21.80 ?  110 VAL A CG2 1 
ATOM   593  N N   . PRO A 1 72  ? 2.922   19.045  10.678  1.00 24.70 ?  111 PRO A N   1 
ATOM   594  C CA  . PRO A 1 72  ? 2.828   18.194  11.856  1.00 24.23 ?  111 PRO A CA  1 
ATOM   595  C C   . PRO A 1 72  ? 1.632   18.609  12.719  1.00 24.87 ?  111 PRO A C   1 
ATOM   596  O O   . PRO A 1 72  ? 1.455   19.820  12.953  1.00 27.45 ?  111 PRO A O   1 
ATOM   597  C CB  . PRO A 1 72  ? 4.201   18.382  12.529  1.00 24.42 ?  111 PRO A CB  1 
ATOM   598  C CG  . PRO A 1 72  ? 5.123   18.805  11.383  1.00 26.05 ?  111 PRO A CG  1 
ATOM   599  C CD  . PRO A 1 72  ? 4.246   19.666  10.512  1.00 25.90 ?  111 PRO A CD  1 
ATOM   600  N N   . GLY A 1 73  ? 0.837   17.626  13.144  1.00 23.37 ?  112 GLY A N   1 
ATOM   601  C CA  . GLY A 1 73  ? -0.476  17.811  13.787  1.00 25.84 ?  112 GLY A CA  1 
ATOM   602  C C   . GLY A 1 73  ? -0.640  17.165  15.153  1.00 25.58 ?  112 GLY A C   1 
ATOM   603  O O   . GLY A 1 73  ? -1.714  17.323  15.725  1.00 27.97 ?  112 GLY A O   1 
ATOM   604  N N   . GLY A 1 74  ? 0.399   16.546  15.709  1.00 26.79 ?  113 GLY A N   1 
ATOM   605  C CA  . GLY A 1 74  ? 0.348   15.906  17.039  1.00 27.99 ?  113 GLY A CA  1 
ATOM   606  C C   . GLY A 1 74  ? 1.443   14.871  17.221  1.00 26.07 ?  113 GLY A C   1 
ATOM   607  O O   . GLY A 1 74  ? 2.149   14.552  16.241  1.00 27.20 ?  113 GLY A O   1 
ATOM   608  N N   . LYS A 1 75  ? 1.617   14.365  18.445  1.00 28.99 ?  114 LYS A N   1 
ATOM   609  C CA  . LYS A 1 75  ? 2.473   13.175  18.658  1.00 34.81 ?  114 LYS A CA  1 
ATOM   610  C C   . LYS A 1 75  ? 1.750   12.032  17.952  1.00 35.53 ?  114 LYS A C   1 
ATOM   611  O O   . LYS A 1 75  ? 0.567   12.160  17.642  1.00 40.12 ?  114 LYS A O   1 
ATOM   612  C CB  . LYS A 1 75  ? 2.740   12.942  20.145  1.00 40.11 ?  114 LYS A CB  1 
ATOM   613  C CG  . LYS A 1 75  ? 3.656   13.964  20.811  1.00 41.87 ?  114 LYS A CG  1 
ATOM   614  C CD  . LYS A 1 75  ? 4.104   13.519  22.210  1.00 46.75 ?  114 LYS A CD  1 
ATOM   615  C CE  . LYS A 1 75  ? 5.499   13.969  22.601  1.00 47.18 ?  114 LYS A CE  1 
ATOM   616  N NZ  . LYS A 1 75  ? 6.281   12.868  23.226  1.00 54.98 ?  114 LYS A NZ  1 
ATOM   617  N N   . PRO A 1 76  ? 2.452   10.944  17.566  1.00 42.76 ?  115 PRO A N   1 
ATOM   618  C CA  . PRO A 1 76  ? 1.806   9.828   16.884  1.00 43.22 ?  115 PRO A CA  1 
ATOM   619  C C   . PRO A 1 76  ? 0.974   9.078   17.930  1.00 44.19 ?  115 PRO A C   1 
ATOM   620  O O   . PRO A 1 76  ? 1.414   8.936   19.072  1.00 36.54 ?  115 PRO A O   1 
ATOM   621  C CB  . PRO A 1 76  ? 2.944   8.960   16.317  1.00 43.57 ?  115 PRO A CB  1 
ATOM   622  C CG  . PRO A 1 76  ? 4.176   9.355   17.140  1.00 46.19 ?  115 PRO A CG  1 
ATOM   623  C CD  . PRO A 1 76  ? 3.875   10.682  17.828  1.00 42.76 ?  115 PRO A CD  1 
ATOM   624  N N   . GLU A 1 77  ? -0.221  8.664   17.522  1.00 41.89 ?  116 GLU A N   1 
ATOM   625  C CA  . GLU A 1 77  ? -1.083  7.746   18.302  1.00 42.27 ?  116 GLU A CA  1 
ATOM   626  C C   . GLU A 1 77  ? -0.380  6.383   18.340  1.00 43.57 ?  116 GLU A C   1 
ATOM   627  O O   . GLU A 1 77  ? 0.499   6.122   17.516  1.00 42.19 ?  116 GLU A O   1 
ATOM   628  C CB  . GLU A 1 77  ? -2.473  7.753   17.661  1.00 44.15 ?  116 GLU A CB  1 
ATOM   629  C CG  . GLU A 1 77  ? -3.069  9.160   17.551  1.00 44.24 ?  116 GLU A CG  1 
ATOM   630  C CD  . GLU A 1 77  ? -4.318  9.277   16.692  1.00 49.74 ?  116 GLU A CD  1 
ATOM   631  O OE1 . GLU A 1 77  ? -4.816  8.223   16.212  1.00 48.37 ?  116 GLU A OE1 1 
ATOM   632  O OE2 . GLU A 1 77  ? -4.797  10.429  16.495  1.00 45.71 ?  116 GLU A OE2 1 
ATOM   633  N N   . PRO A 1 78  ? -0.688  5.491   19.315  1.00 38.92 ?  117 PRO A N   1 
ATOM   634  C CA  . PRO A 1 78  ? -0.233  4.102   19.271  1.00 36.25 ?  117 PRO A CA  1 
ATOM   635  C C   . PRO A 1 78  ? -0.409  3.511   17.870  1.00 32.42 ?  117 PRO A C   1 
ATOM   636  O O   . PRO A 1 78  ? -1.435  3.746   17.253  1.00 30.38 ?  117 PRO A O   1 
ATOM   637  C CB  . PRO A 1 78  ? -1.169  3.383   20.261  1.00 37.48 ?  117 PRO A CB  1 
ATOM   638  C CG  . PRO A 1 78  ? -1.496  4.460   21.283  1.00 39.53 ?  117 PRO A CG  1 
ATOM   639  C CD  . PRO A 1 78  ? -1.471  5.775   20.528  1.00 38.86 ?  117 PRO A CD  1 
ATOM   640  N N   . GLN A 1 79  ? 0.602   2.780   17.412  1.00 33.92 ?  118 GLN A N   1 
ATOM   641  C CA  . GLN A 1 79  ? 0.653   2.218   16.040  1.00 36.88 ?  118 GLN A CA  1 
ATOM   642  C C   . GLN A 1 79  ? -0.544  1.294   15.834  1.00 37.40 ?  118 GLN A C   1 
ATOM   643  O O   . GLN A 1 79  ? -0.857  0.535   16.741  1.00 31.80 ?  118 GLN A O   1 
ATOM   644  C CB  . GLN A 1 79  ? 1.980   1.507   15.810  1.00 42.95 ?  118 GLN A CB  1 
ATOM   645  C CG  . GLN A 1 79  ? 3.157   2.469   15.853  1.00 52.97 ?  118 GLN A CG  1 
ATOM   646  C CD  . GLN A 1 79  ? 4.320   1.992   15.017  1.00 64.63 ?  118 GLN A CD  1 
ATOM   647  O OE1 . GLN A 1 79  ? 4.595   0.790   14.925  1.00 71.62 ?  118 GLN A OE1 1 
ATOM   648  N NE2 . GLN A 1 79  ? 5.017   2.942   14.409  1.00 63.53 ?  118 GLN A NE2 1 
ATOM   649  N N   . ALA A 1 80  ? -1.174  1.375   14.660  1.00 37.98 ?  119 ALA A N   1 
ATOM   650  C CA  . ALA A 1 80  ? -2.158  0.380   14.174  1.00 38.70 ?  119 ALA A CA  1 
ATOM   651  C C   . ALA A 1 80  ? -1.517  -1.003  14.311  1.00 40.53 ?  119 ALA A C   1 
ATOM   652  O O   . ALA A 1 80  ? -0.291  -1.130  14.272  1.00 34.54 ?  119 ALA A O   1 
ATOM   653  C CB  . ALA A 1 80  ? -2.549  0.700   12.742  1.00 36.95 ?  119 ALA A CB  1 
ATOM   654  N N   . PRO A 1 81  ? -2.288  -2.090  14.527  1.00 44.76 ?  120 PRO A N   1 
ATOM   655  C CA  . PRO A 1 81  ? -1.701  -3.435  14.510  1.00 46.80 ?  120 PRO A CA  1 
ATOM   656  C C   . PRO A 1 81  ? -1.085  -3.753  13.134  1.00 48.04 ?  120 PRO A C   1 
ATOM   657  O O   . PRO A 1 81  ? -1.568  -3.228  12.145  1.00 37.82 ?  120 PRO A O   1 
ATOM   658  C CB  . PRO A 1 81  ? -2.892  -4.360  14.814  1.00 48.74 ?  120 PRO A CB  1 
ATOM   659  C CG  . PRO A 1 81  ? -4.116  -3.537  14.455  1.00 45.44 ?  120 PRO A CG  1 
ATOM   660  C CD  . PRO A 1 81  ? -3.740  -2.104  14.773  1.00 47.52 ?  120 PRO A CD  1 
ATOM   661  N N   . SER A 1 82  ? -0.039  -4.584  13.093  1.00 49.92 ?  121 SER A N   1 
ATOM   662  C CA  . SER A 1 82  ? 0.667   -4.970  11.842  1.00 53.76 ?  121 SER A CA  1 
ATOM   663  C C   . SER A 1 82  ? -0.196  -5.972  11.062  1.00 47.94 ?  121 SER A C   1 
ATOM   664  O O   . SER A 1 82  ? 0.030   -7.198  11.189  1.00 57.92 ?  121 SER A O   1 
ATOM   665  C CB  . SER A 1 82  ? 2.062   -5.487  12.122  1.00 60.72 ?  121 SER A CB  1 
ATOM   666  O OG  . SER A 1 82  ? 2.986   -4.406  12.239  1.00 65.12 ?  121 SER A OG  1 
ATOM   667  N N   . CYS A 1 83  ? -1.184  -5.460  10.328  1.00 38.05 ?  122 CYS A N   1 
ATOM   668  C CA  . CYS A 1 83  ? -2.101  -6.243  9.467   1.00 34.26 ?  122 CYS A CA  1 
ATOM   669  C C   . CYS A 1 83  ? -1.346  -6.606  8.182   1.00 34.12 ?  122 CYS A C   1 
ATOM   670  O O   . CYS A 1 83  ? -0.655  -5.735  7.634   1.00 32.73 ?  122 CYS A O   1 
ATOM   671  C CB  . CYS A 1 83  ? -3.362  -5.469  9.098   1.00 37.15 ?  122 CYS A CB  1 
ATOM   672  S SG  . CYS A 1 83  ? -4.432  -5.022  10.494  1.00 38.99 ?  122 CYS A SG  1 
ATOM   673  N N   . VAL A 1 84  ? -1.514  -7.828  7.690   1.00 32.07 ?  123 VAL A N   1 
ATOM   674  C CA  . VAL A 1 84  ? -0.846  -8.264  6.436   1.00 31.40 ?  123 VAL A CA  1 
ATOM   675  C C   . VAL A 1 84  ? -1.920  -8.725  5.466   1.00 30.36 ?  123 VAL A C   1 
ATOM   676  O O   . VAL A 1 84  ? -2.792  -9.477  5.889   1.00 31.38 ?  123 VAL A O   1 
ATOM   677  C CB  . VAL A 1 84  ? 0.177   -9.374  6.689   1.00 31.25 ?  123 VAL A CB  1 
ATOM   678  C CG1 . VAL A 1 84  ? 0.711   -9.873  5.364   1.00 32.34 ?  123 VAL A CG1 1 
ATOM   679  C CG2 . VAL A 1 84  ? 1.303   -8.914  7.602   1.00 32.56 ?  123 VAL A CG2 1 
ATOM   680  N N   . TYR A 1 85  ? -1.900  -8.225  4.231   1.00 25.26 ?  124 TYR A N   1 
ATOM   681  C CA  . TYR A 1 85  ? -2.849  -8.673  3.194   1.00 24.15 ?  124 TYR A CA  1 
ATOM   682  C C   . TYR A 1 85  ? -2.153  -9.743  2.352   1.00 23.52 ?  124 TYR A C   1 
ATOM   683  O O   . TYR A 1 85  ? -1.074  -9.496  1.869   1.00 24.18 ?  124 TYR A O   1 
ATOM   684  C CB  . TYR A 1 85  ? -3.307  -7.500  2.335   1.00 23.81 ?  124 TYR A CB  1 
ATOM   685  C CG  . TYR A 1 85  ? -4.212  -7.845  1.182   1.00 23.52 ?  124 TYR A CG  1 
ATOM   686  C CD1 . TYR A 1 85  ? -5.571  -8.079  1.379   1.00 26.01 ?  124 TYR A CD1 1 
ATOM   687  C CD2 . TYR A 1 85  ? -3.734  -7.877  -0.116  1.00 22.61 ?  124 TYR A CD2 1 
ATOM   688  C CE1 . TYR A 1 85  ? -6.413  -8.360  0.314   1.00 25.16 ?  124 TYR A CE1 1 
ATOM   689  C CE2 . TYR A 1 85  ? -4.564  -8.144  -1.192  1.00 23.78 ?  124 TYR A CE2 1 
ATOM   690  C CZ  . TYR A 1 85  ? -5.908  -8.391  -0.974  1.00 24.91 ?  124 TYR A CZ  1 
ATOM   691  O OH  . TYR A 1 85  ? -6.704  -8.646  -2.044  1.00 25.30 ?  124 TYR A OH  1 
ATOM   692  N N   . ILE A 1 86  ? -2.802  -10.886 2.139   1.00 23.41 ?  125 ILE A N   1 
ATOM   693  C CA  . ILE A 1 86  ? -2.244  -11.933 1.242   1.00 23.94 ?  125 ILE A CA  1 
ATOM   694  C C   . ILE A 1 86  ? -2.837  -11.714 -0.143  1.00 21.61 ?  125 ILE A C   1 
ATOM   695  O O   . ILE A 1 86  ? -4.092  -11.677 -0.300  1.00 22.61 ?  125 ILE A O   1 
ATOM   696  C CB  . ILE A 1 86  ? -2.548  -13.339 1.768   1.00 26.45 ?  125 ILE A CB  1 
ATOM   697  C CG1 . ILE A 1 86  ? -2.023  -13.548 3.187   1.00 30.95 ?  125 ILE A CG1 1 
ATOM   698  C CG2 . ILE A 1 86  ? -2.004  -14.379 0.798   1.00 27.63 ?  125 ILE A CG2 1 
ATOM   699  C CD1 . ILE A 1 86  ? -2.692  -14.722 3.894   1.00 33.69 ?  125 ILE A CD1 1 
ATOM   700  N N   . HIS A 1 87  ? -1.999  -11.539 -1.148  1.00 20.57 ?  126 HIS A N   1 
ATOM   701  C CA  . HIS A 1 87  ? -2.493  -11.399 -2.537  1.00 21.26 ?  126 HIS A CA  1 
ATOM   702  C C   . HIS A 1 87  ? -3.367  -12.606 -2.870  1.00 23.04 ?  126 HIS A C   1 
ATOM   703  O O   . HIS A 1 87  ? -2.934  -13.708 -2.643  1.00 22.31 ?  126 HIS A O   1 
ATOM   704  C CB  . HIS A 1 87  ? -1.373  -11.262 -3.554  1.00 20.73 ?  126 HIS A CB  1 
ATOM   705  C CG  . HIS A 1 87  ? -1.896  -10.870 -4.880  1.00 23.07 ?  126 HIS A CG  1 
ATOM   706  N ND1 . HIS A 1 87  ? -2.570  -11.760 -5.700  1.00 23.52 ?  126 HIS A ND1 1 
ATOM   707  C CD2 . HIS A 1 87  ? -1.943  -9.676  -5.496  1.00 21.91 ?  126 HIS A CD2 1 
ATOM   708  C CE1 . HIS A 1 87  ? -2.945  -11.137 -6.792  1.00 25.70 ?  126 HIS A CE1 1 
ATOM   709  N NE2 . HIS A 1 87  ? -2.582  -9.855  -6.694  1.00 25.24 ?  126 HIS A NE2 1 
ATOM   710  N N   . PRO A 1 88  ? -4.616  -12.448 -3.360  1.00 25.48 ?  127 PRO A N   1 
ATOM   711  C CA  . PRO A 1 88  ? -5.496  -13.604 -3.557  1.00 27.89 ?  127 PRO A CA  1 
ATOM   712  C C   . PRO A 1 88  ? -5.033  -14.659 -4.590  1.00 28.02 ?  127 PRO A C   1 
ATOM   713  O O   . PRO A 1 88  ? -5.575  -15.751 -4.590  1.00 26.77 ?  127 PRO A O   1 
ATOM   714  C CB  . PRO A 1 88  ? -6.826  -12.985 -4.035  1.00 29.71 ?  127 PRO A CB  1 
ATOM   715  C CG  . PRO A 1 88  ? -6.473  -11.613 -4.548  1.00 29.73 ?  127 PRO A CG  1 
ATOM   716  C CD  . PRO A 1 88  ? -5.261  -11.181 -3.744  1.00 27.84 ?  127 PRO A CD  1 
ATOM   717  N N   . ASP A 1 89  ? -4.043  -14.361 -5.431  1.00 22.69 ?  128 ASP A N   1 
ATOM   718  C CA  . ASP A 1 89  ? -3.463  -15.366 -6.372  1.00 24.34 ?  128 ASP A CA  1 
ATOM   719  C C   . ASP A 1 89  ? -2.556  -16.326 -5.598  1.00 23.86 ?  128 ASP A C   1 
ATOM   720  O O   . ASP A 1 89  ? -2.138  -17.331 -6.213  1.00 25.21 ?  128 ASP A O   1 
ATOM   721  C CB  . ASP A 1 89  ? -2.689  -14.724 -7.531  1.00 24.68 ?  128 ASP A CB  1 
ATOM   722  C CG  . ASP A 1 89  ? -3.515  -13.939 -8.546  1.00 26.01 ?  128 ASP A CG  1 
ATOM   723  O OD1 . ASP A 1 89  ? -4.759  -13.812 -8.339  1.00 29.84 ?  128 ASP A OD1 1 
ATOM   724  O OD2 . ASP A 1 89  ? -2.915  -13.432 -9.531  1.00 27.32 ?  128 ASP A OD2 1 
ATOM   725  N N   . SER A 1 90  ? -2.241  -16.060 -4.323  1.00 23.42 ?  129 SER A N   1 
ATOM   726  C CA  . SER A 1 90  ? -1.271  -16.858 -3.533  1.00 22.48 ?  129 SER A CA  1 
ATOM   727  C C   . SER A 1 90  ? -1.891  -18.184 -3.126  1.00 23.80 ?  129 SER A C   1 
ATOM   728  O O   . SER A 1 90  ? -3.076  -18.242 -2.860  1.00 26.36 ?  129 SER A O   1 
ATOM   729  C CB  . SER A 1 90  ? -0.777  -16.190 -2.292  1.00 22.79 ?  129 SER A CB  1 
ATOM   730  O OG  . SER A 1 90  ? -0.272  -14.901 -2.567  1.00 20.23 ?  129 SER A OG  1 
ATOM   731  N N   . PRO A 1 91  ? -1.104  -19.264 -2.990  1.00 23.46 ?  130 PRO A N   1 
ATOM   732  C CA  . PRO A 1 91  ? 0.259   -19.332 -3.495  1.00 24.63 ?  130 PRO A CA  1 
ATOM   733  C C   . PRO A 1 91  ? 0.243   -19.621 -5.003  1.00 25.02 ?  130 PRO A C   1 
ATOM   734  O O   . PRO A 1 91  ? -0.723  -20.111 -5.535  1.00 24.38 ?  130 PRO A O   1 
ATOM   735  C CB  . PRO A 1 91  ? 0.853   -20.502 -2.718  1.00 24.73 ?  130 PRO A CB  1 
ATOM   736  C CG  . PRO A 1 91  ? -0.351  -21.459 -2.585  1.00 25.08 ?  130 PRO A CG  1 
ATOM   737  C CD  . PRO A 1 91  ? -1.531  -20.538 -2.385  1.00 24.45 ?  130 PRO A CD  1 
ATOM   738  N N   . ASN A 1 92  ? 1.327   -19.307 -5.704  1.00 23.39 ?  131 ASN A N   1 
ATOM   739  C CA  . ASN A 1 92  ? 1.335   -19.504 -7.167  1.00 21.91 ?  131 ASN A CA  1 
ATOM   740  C C   . ASN A 1 92  ? 2.764   -19.626 -7.673  1.00 22.95 ?  131 ASN A C   1 
ATOM   741  O O   . ASN A 1 92  ? 3.717   -19.231 -6.979  1.00 20.84 ?  131 ASN A O   1 
ATOM   742  C CB  . ASN A 1 92  ? 0.530   -18.404 -7.863  1.00 23.40 ?  131 ASN A CB  1 
ATOM   743  C CG  . ASN A 1 92  ? -0.330  -18.948 -8.982  1.00 28.06 ?  131 ASN A CG  1 
ATOM   744  O OD1 . ASN A 1 92  ? 0.147   -19.736 -9.812  1.00 26.51 ?  131 ASN A OD1 1 
ATOM   745  N ND2 . ASN A 1 92  ? -1.573  -18.488 -9.042  1.00 28.54 ?  131 ASN A ND2 1 
ATOM   746  N N   . PHE A 1 93  ? 2.912   -20.130 -8.887  1.00 23.57 ?  132 PHE A N   1 
ATOM   747  C CA  . PHE A 1 93  ? 4.249   -20.361 -9.472  1.00 22.68 ?  132 PHE A CA  1 
ATOM   748  C C   . PHE A 1 93  ? 4.919   -19.015 -9.716  1.00 20.31 ?  132 PHE A C   1 
ATOM   749  O O   . PHE A 1 93  ? 4.202   -18.049 -10.047 1.00 21.07 ?  132 PHE A O   1 
ATOM   750  C CB  . PHE A 1 93  ? 4.133   -21.109 -10.788 1.00 23.29 ?  132 PHE A CB  1 
ATOM   751  C CG  . PHE A 1 93  ? 3.615   -22.505 -10.594 1.00 23.49 ?  132 PHE A CG  1 
ATOM   752  C CD1 . PHE A 1 93  ? 4.468   -23.494 -10.146 1.00 23.74 ?  132 PHE A CD1 1 
ATOM   753  C CD2 . PHE A 1 93  ? 2.282   -22.800 -10.787 1.00 25.17 ?  132 PHE A CD2 1 
ATOM   754  C CE1 . PHE A 1 93  ? 3.999   -24.786 -9.963  1.00 25.85 ?  132 PHE A CE1 1 
ATOM   755  C CE2 . PHE A 1 93  ? 1.823   -24.098 -10.615 1.00 24.83 ?  132 PHE A CE2 1 
ATOM   756  C CZ  . PHE A 1 93  ? 2.688   -25.076 -10.209 1.00 23.21 ?  132 PHE A CZ  1 
ATOM   757  N N   . GLY A 1 94  ? 6.246   -18.997 -9.639  1.00 21.27 ?  133 GLY A N   1 
ATOM   758  C CA  . GLY A 1 94  ? 7.051   -17.884 -10.165 1.00 20.15 ?  133 GLY A CA  1 
ATOM   759  C C   . GLY A 1 94  ? 6.549   -17.463 -11.536 1.00 21.52 ?  133 GLY A C   1 
ATOM   760  O O   . GLY A 1 94  ? 6.450   -16.259 -11.826 1.00 20.65 ?  133 GLY A O   1 
ATOM   761  N N   . ALA A 1 95  ? 6.223   -18.407 -12.414 1.00 21.43 ?  134 ALA A N   1 
ATOM   762  C CA  . ALA A 1 95  ? 5.870   -18.036 -13.799 1.00 22.47 ?  134 ALA A CA  1 
ATOM   763  C C   . ALA A 1 95  ? 4.611   -17.162 -13.766 1.00 23.06 ?  134 ALA A C   1 
ATOM   764  O O   . ALA A 1 95  ? 4.518   -16.237 -14.560 1.00 23.31 ?  134 ALA A O   1 
ATOM   765  C CB  . ALA A 1 95  ? 5.695   -19.269 -14.664 1.00 23.84 ?  134 ALA A CB  1 
ATOM   766  N N   . HIS A 1 96  ? 3.656   -17.476 -12.888 1.00 22.42 ?  135 HIS A N   1 
ATOM   767  C CA  . HIS A 1 96  ? 2.375   -16.740 -12.765 1.00 24.10 ?  135 HIS A CA  1 
ATOM   768  C C   . HIS A 1 96  ? 2.649   -15.289 -12.372 1.00 21.79 ?  135 HIS A C   1 
ATOM   769  O O   . HIS A 1 96  ? 2.101   -14.369 -13.004 1.00 23.86 ?  135 HIS A O   1 
ATOM   770  C CB  . HIS A 1 96  ? 1.486   -17.409 -11.722 1.00 25.53 ?  135 HIS A CB  1 
ATOM   771  C CG  . HIS A 1 96  ? 0.266   -16.617 -11.435 1.00 26.56 ?  135 HIS A CG  1 
ATOM   772  N ND1 . HIS A 1 96  ? -0.899  -16.769 -12.182 1.00 30.89 ?  135 HIS A ND1 1 
ATOM   773  C CD2 . HIS A 1 96  ? 0.026   -15.647 -10.521 1.00 25.42 ?  135 HIS A CD2 1 
ATOM   774  C CE1 . HIS A 1 96  ? -1.809  -15.929 -11.714 1.00 31.87 ?  135 HIS A CE1 1 
ATOM   775  N NE2 . HIS A 1 96  ? -1.278  -15.246 -10.690 1.00 28.60 ?  135 HIS A NE2 1 
ATOM   776  N N   . TRP A 1 97  ? 3.502   -15.102 -11.369 1.00 22.58 ?  136 TRP A N   1 
ATOM   777  C CA  . TRP A 1 97  ? 3.804   -13.751 -10.836 1.00 20.62 ?  136 TRP A CA  1 
ATOM   778  C C   . TRP A 1 97  ? 4.572   -12.931 -11.866 1.00 21.71 ?  136 TRP A C   1 
ATOM   779  O O   . TRP A 1 97  ? 4.417   -11.700 -11.855 1.00 22.00 ?  136 TRP A O   1 
ATOM   780  C CB  . TRP A 1 97  ? 4.560   -13.834 -9.516  1.00 19.28 ?  136 TRP A CB  1 
ATOM   781  C CG  . TRP A 1 97  ? 3.859   -14.592 -8.433  1.00 18.39 ?  136 TRP A CG  1 
ATOM   782  C CD1 . TRP A 1 97  ? 4.262   -15.778 -7.882  1.00 19.90 ?  136 TRP A CD1 1 
ATOM   783  C CD2 . TRP A 1 97  ? 2.664   -14.214 -7.717  1.00 19.53 ?  136 TRP A CD2 1 
ATOM   784  N NE1 . TRP A 1 97  ? 3.409   -16.154 -6.881  1.00 20.01 ?  136 TRP A NE1 1 
ATOM   785  C CE2 . TRP A 1 97  ? 2.398   -15.234 -6.774  1.00 19.56 ?  136 TRP A CE2 1 
ATOM   786  C CE3 . TRP A 1 97  ? 1.773   -13.138 -7.802  1.00 19.05 ?  136 TRP A CE3 1 
ATOM   787  C CZ2 . TRP A 1 97  ? 1.331   -15.175 -5.877  1.00 19.88 ?  136 TRP A CZ2 1 
ATOM   788  C CZ3 . TRP A 1 97  ? 0.719   -13.077 -6.919  1.00 18.90 ?  136 TRP A CZ3 1 
ATOM   789  C CH2 . TRP A 1 97  ? 0.497   -14.087 -5.974  1.00 19.34 ?  136 TRP A CH2 1 
ATOM   790  N N   . MET A 1 98  ? 5.371   -13.563 -12.731 1.00 21.15 ?  137 MET A N   1 
ATOM   791  C CA  . MET A 1 98  ? 6.266   -12.809 -13.645 1.00 21.35 ?  137 MET A CA  1 
ATOM   792  C C   . MET A 1 98  ? 5.603   -12.557 -15.019 1.00 21.91 ?  137 MET A C   1 
ATOM   793  O O   . MET A 1 98  ? 6.119   -11.722 -15.765 1.00 25.81 ?  137 MET A O   1 
ATOM   794  C CB  . MET A 1 98  ? 7.586   -13.561 -13.833 1.00 21.51 ?  137 MET A CB  1 
ATOM   795  C CG  . MET A 1 98  ? 8.425   -13.632 -12.583 1.00 22.64 ?  137 MET A CG  1 
ATOM   796  S SD  . MET A 1 98  ? 10.058  -14.359 -12.823 1.00 22.71 ?  137 MET A SD  1 
ATOM   797  C CE  . MET A 1 98  ? 9.546   -16.042 -13.197 1.00 22.58 ?  137 MET A CE  1 
ATOM   798  N N   . LYS A 1 99  ? 4.508   -13.222 -15.350 1.00 23.45 ?  138 LYS A N   1 
ATOM   799  C CA  . LYS A 1 99  ? 3.962   -13.187 -16.733 1.00 27.07 ?  138 LYS A CA  1 
ATOM   800  C C   . LYS A 1 99  ? 3.234   -11.861 -16.965 1.00 29.91 ?  138 LYS A C   1 
ATOM   801  O O   . LYS A 1 99  ? 3.109   -11.447 -18.114 1.00 29.52 ?  138 LYS A O   1 
ATOM   802  C CB  . LYS A 1 99  ? 3.014   -14.364 -16.971 1.00 31.96 ?  138 LYS A CB  1 
ATOM   803  C CG  . LYS A 1 99  ? 1.681   -14.254 -16.266 1.00 36.47 ?  138 LYS A CG  1 
ATOM   804  C CD  . LYS A 1 99  ? 0.748   -15.428 -16.514 1.00 40.95 ?  138 LYS A CD  1 
ATOM   805  C CE  . LYS A 1 99  ? -0.595  -15.224 -15.842 1.00 46.81 ?  138 LYS A CE  1 
ATOM   806  N NZ  . LYS A 1 99  ? -1.492  -16.386 -16.040 1.00 50.75 ?  138 LYS A NZ  1 
ATOM   807  N N   . ALA A 1 100 ? 2.753   -11.239 -15.893 1.00 27.52 ?  139 ALA A N   1 
ATOM   808  C CA  . ALA A 1 100 ? 1.961   -9.991  -15.934 1.00 28.96 ?  139 ALA A CA  1 
ATOM   809  C C   . ALA A 1 100 ? 2.126   -9.280  -14.605 1.00 27.20 ?  139 ALA A C   1 
ATOM   810  O O   . ALA A 1 100 ? 2.333   -9.925  -13.583 1.00 24.11 ?  139 ALA A O   1 
ATOM   811  C CB  . ALA A 1 100 ? 0.498   -10.303 -16.191 1.00 27.57 ?  139 ALA A CB  1 
ATOM   812  N N   . PRO A 1 101 ? 1.940   -7.947  -14.577 1.00 28.36 ?  140 PRO A N   1 
ATOM   813  C CA  . PRO A 1 101 ? 2.010   -7.196  -13.327 1.00 26.08 ?  140 PRO A CA  1 
ATOM   814  C C   . PRO A 1 101 ? 1.086   -7.766  -12.240 1.00 23.00 ?  140 PRO A C   1 
ATOM   815  O O   . PRO A 1 101 ? 0.003   -8.247  -12.522 1.00 23.82 ?  140 PRO A O   1 
ATOM   816  C CB  . PRO A 1 101 ? 1.589   -5.775  -13.730 1.00 28.55 ?  140 PRO A CB  1 
ATOM   817  C CG  . PRO A 1 101 ? 1.910   -5.702  -15.212 1.00 31.10 ?  140 PRO A CG  1 
ATOM   818  C CD  . PRO A 1 101 ? 1.618   -7.097  -15.735 1.00 30.64 ?  140 PRO A CD  1 
ATOM   819  N N   . VAL A 1 102 ? 1.568   -7.707  -11.014 1.00 22.57 ?  141 VAL A N   1 
ATOM   820  C CA  . VAL A 1 102 ? 0.867   -8.189  -9.787  1.00 23.02 ?  141 VAL A CA  1 
ATOM   821  C C   . VAL A 1 102 ? 0.132   -6.974  -9.219  1.00 23.90 ?  141 VAL A C   1 
ATOM   822  O O   . VAL A 1 102 ? 0.791   -5.996  -8.850  1.00 22.67 ?  141 VAL A O   1 
ATOM   823  C CB  . VAL A 1 102 ? 1.870   -8.777  -8.780  1.00 23.80 ?  141 VAL A CB  1 
ATOM   824  C CG1 . VAL A 1 102 ? 1.190   -9.287  -7.531  1.00 25.18 ?  141 VAL A CG1 1 
ATOM   825  C CG2 . VAL A 1 102 ? 2.718   -9.872  -9.427  1.00 24.02 ?  141 VAL A CG2 1 
ATOM   826  N N   A SER A 1 103 ? -1.199  -7.054  -9.158  0.25 23.70 ?  142 SER A N   1 
ATOM   827  N N   B SER A 1 103 ? -1.199  -7.042  -9.148  0.25 24.37 ?  142 SER A N   1 
ATOM   828  C CA  A SER A 1 103 ? -2.111  -5.932  -8.807  0.25 23.93 ?  142 SER A CA  1 
ATOM   829  C CA  B SER A 1 103 ? -2.079  -5.894  -8.801  0.25 24.97 ?  142 SER A CA  1 
ATOM   830  C C   A SER A 1 103 ? -2.804  -6.213  -7.470  0.25 23.17 ?  142 SER A C   1 
ATOM   831  C C   B SER A 1 103 ? -2.841  -6.174  -7.502  0.25 23.70 ?  142 SER A C   1 
ATOM   832  O O   A SER A 1 103 ? -3.455  -7.262  -7.346  0.25 24.48 ?  142 SER A O   1 
ATOM   833  O O   B SER A 1 103 ? -3.584  -7.166  -7.444  0.25 24.75 ?  142 SER A O   1 
ATOM   834  C CB  A SER A 1 103 ? -3.128  -5.701  -9.898  0.25 24.42 ?  142 SER A CB  1 
ATOM   835  C CB  B SER A 1 103 ? -3.023  -5.580  -9.931  0.25 26.29 ?  142 SER A CB  1 
ATOM   836  O OG  A SER A 1 103 ? -4.068  -4.711  -9.508  0.25 24.89 ?  142 SER A OG  1 
ATOM   837  O OG  B SER A 1 103 ? -2.302  -5.137  -11.071 0.25 28.78 ?  142 SER A OG  1 
ATOM   838  N N   . PHE A 1 104 ? -2.695  -5.286  -6.520  1.00 22.43 ?  143 PHE A N   1 
ATOM   839  C CA  . PHE A 1 104 ? -3.357  -5.387  -5.206  1.00 22.44 ?  143 PHE A CA  1 
ATOM   840  C C   . PHE A 1 104 ? -4.679  -4.615  -5.258  1.00 23.95 ?  143 PHE A C   1 
ATOM   841  O O   . PHE A 1 104 ? -4.974  -3.817  -4.373  1.00 24.62 ?  143 PHE A O   1 
ATOM   842  C CB  . PHE A 1 104 ? -2.369  -4.875  -4.165  1.00 22.68 ?  143 PHE A CB  1 
ATOM   843  C CG  . PHE A 1 104 ? -1.251  -5.843  -3.910  1.00 22.96 ?  143 PHE A CG  1 
ATOM   844  C CD1 . PHE A 1 104 ? -1.374  -6.831  -2.944  1.00 23.70 ?  143 PHE A CD1 1 
ATOM   845  C CD2 . PHE A 1 104 ? -0.071  -5.752  -4.629  1.00 25.35 ?  143 PHE A CD2 1 
ATOM   846  C CE1 . PHE A 1 104 ? -0.343  -7.735  -2.722  1.00 23.47 ?  143 PHE A CE1 1 
ATOM   847  C CE2 . PHE A 1 104 ? 0.969   -6.633  -4.380  1.00 24.17 ?  143 PHE A CE2 1 
ATOM   848  C CZ  . PHE A 1 104 ? 0.825   -7.627  -3.447  1.00 25.55 ?  143 PHE A CZ  1 
ATOM   849  N N   . SER A 1 105 ? -5.491  -4.884  -6.276  1.00 25.26 ?  144 SER A N   1 
ATOM   850  C CA  . SER A 1 105 ? -6.717  -4.096  -6.571  1.00 27.16 ?  144 SER A CA  1 
ATOM   851  C C   . SER A 1 105 ? -7.775  -4.249  -5.465  1.00 27.99 ?  144 SER A C   1 
ATOM   852  O O   . SER A 1 105 ? -8.562  -3.309  -5.323  1.00 31.02 ?  144 SER A O   1 
ATOM   853  C CB  . SER A 1 105 ? -7.252  -4.454  -7.930  1.00 29.45 ?  144 SER A CB  1 
ATOM   854  O OG  . SER A 1 105 ? -7.624  -5.807  -7.939  1.00 32.29 ?  144 SER A OG  1 
ATOM   855  N N   . LYS A 1 106 ? -7.823  -5.356  -4.718  1.00 27.61 ?  145 LYS A N   1 
ATOM   856  C CA  . LYS A 1 106 ? -8.953  -5.647  -3.782  1.00 28.76 ?  145 LYS A CA  1 
ATOM   857  C C   . LYS A 1 106 ? -8.621  -5.361  -2.309  1.00 30.27 ?  145 LYS A C   1 
ATOM   858  O O   . LYS A 1 106 ? -9.538  -5.506  -1.451  1.00 32.23 ?  145 LYS A O   1 
ATOM   859  C CB  . LYS A 1 106 ? -9.378  -7.115  -3.869  1.00 32.97 ?  145 LYS A CB  1 
ATOM   860  C CG  . LYS A 1 106 ? -9.461  -7.697  -5.274  1.00 40.43 ?  145 LYS A CG  1 
ATOM   861  C CD  . LYS A 1 106 ? -10.534 -7.114  -6.143  1.00 50.72 ?  145 LYS A CD  1 
ATOM   862  C CE  . LYS A 1 106 ? -11.097 -8.118  -7.137  1.00 57.25 ?  145 LYS A CE  1 
ATOM   863  N NZ  . LYS A 1 106 ? -12.464 -7.737  -7.574  1.00 62.13 ?  145 LYS A NZ  1 
ATOM   864  N N   . VAL A 1 107 ? -7.383  -5.011  -1.970  1.00 24.17 ?  146 VAL A N   1 
ATOM   865  C CA  . VAL A 1 107 ? -7.066  -4.627  -0.564  1.00 24.47 ?  146 VAL A CA  1 
ATOM   866  C C   . VAL A 1 107 ? -7.944  -3.423  -0.168  1.00 22.59 ?  146 VAL A C   1 
ATOM   867  O O   . VAL A 1 107 ? -8.158  -2.522  -1.005  1.00 23.77 ?  146 VAL A O   1 
ATOM   868  C CB  . VAL A 1 107 ? -5.561  -4.363  -0.344  1.00 25.41 ?  146 VAL A CB  1 
ATOM   869  C CG1 . VAL A 1 107 ? -5.071  -3.141  -1.104  1.00 25.91 ?  146 VAL A CG1 1 
ATOM   870  C CG2 . VAL A 1 107 ? -5.250  -4.263  1.145   1.00 25.85 ?  146 VAL A CG2 1 
ATOM   871  N N   . LYS A 1 108 ? -8.461  -3.433  1.063   1.00 24.60 ?  147 LYS A N   1 
ATOM   872  C CA  . LYS A 1 108 ? -9.339  -2.374  1.629   1.00 25.76 ?  147 LYS A CA  1 
ATOM   873  C C   . LYS A 1 108 ? -8.694  -1.774  2.881   1.00 23.60 ?  147 LYS A C   1 
ATOM   874  O O   . LYS A 1 108 ? -8.155  -2.516  3.711   1.00 24.69 ?  147 LYS A O   1 
ATOM   875  C CB  . LYS A 1 108 ? -10.725 -2.943  1.943   1.00 28.73 ?  147 LYS A CB  1 
ATOM   876  C CG  . LYS A 1 108 ? -11.641 -3.013  0.745   1.00 31.96 ?  147 LYS A CG  1 
ATOM   877  C CD  . LYS A 1 108 ? -12.960 -3.723  1.008   1.00 39.16 ?  147 LYS A CD  1 
ATOM   878  C CE  . LYS A 1 108 ? -13.991 -3.361  -0.034  1.00 43.42 ?  147 LYS A CE  1 
ATOM   879  N NZ  . LYS A 1 108 ? -15.271 -4.073  0.185   1.00 48.82 ?  147 LYS A NZ  1 
ATOM   880  N N   . LEU A 1 109 ? -8.630  -0.446  2.936   1.00 24.81 ?  148 LEU A N   1 
ATOM   881  C CA  . LEU A 1 109 ? -8.084  0.285   4.098   1.00 23.13 ?  148 LEU A CA  1 
ATOM   882  C C   . LEU A 1 109 ? -9.259  0.678   5.000   1.00 22.82 ?  148 LEU A C   1 
ATOM   883  O O   . LEU A 1 109 ? -10.263 1.208   4.487   1.00 23.12 ?  148 LEU A O   1 
ATOM   884  C CB  . LEU A 1 109 ? -7.296  1.496   3.598   1.00 23.24 ?  148 LEU A CB  1 
ATOM   885  C CG  . LEU A 1 109 ? -6.274  1.190   2.508   1.00 22.68 ?  148 LEU A CG  1 
ATOM   886  C CD1 . LEU A 1 109 ? -5.569  2.483   2.106   1.00 21.98 ?  148 LEU A CD1 1 
ATOM   887  C CD2 . LEU A 1 109 ? -5.304  0.106   2.969   1.00 23.96 ?  148 LEU A CD2 1 
ATOM   888  N N   . THR A 1 110 ? -9.131  0.369   6.287   1.00 26.28 ?  149 THR A N   1 
ATOM   889  C CA  . THR A 1 110 ? -10.186 0.634   7.292   1.00 26.93 ?  149 THR A CA  1 
ATOM   890  C C   . THR A 1 110 ? -9.616  1.402   8.481   1.00 26.86 ?  149 THR A C   1 
ATOM   891  O O   . THR A 1 110 ? -8.407  1.308   8.760   1.00 26.43 ?  149 THR A O   1 
ATOM   892  C CB  . THR A 1 110 ? -10.841 -0.680  7.743   1.00 27.34 ?  149 THR A CB  1 
ATOM   893  O OG1 . THR A 1 110 ? -11.978 -0.268  8.496   1.00 31.63 ?  149 THR A OG1 1 
ATOM   894  C CG2 . THR A 1 110 ? -9.921  -1.564  8.554   1.00 28.05 ?  149 THR A CG2 1 
ATOM   895  N N   . ASN A 1 111 ? -10.513 2.042   9.230   1.00 28.81 ?  150 ASN A N   1 
ATOM   896  C CA  . ASN A 1 111 ? -10.218 2.622   10.566  1.00 33.15 ?  150 ASN A CA  1 
ATOM   897  C C   . ASN A 1 111 ? -10.981 1.865   11.673  1.00 38.60 ?  150 ASN A C   1 
ATOM   898  O O   . ASN A 1 111 ? -10.970 2.362   12.824  1.00 36.40 ?  150 ASN A O   1 
ATOM   899  C CB  . ASN A 1 111 ? -10.512 4.121   10.588  1.00 32.57 ?  150 ASN A CB  1 
ATOM   900  C CG  . ASN A 1 111 ? -11.939 4.499   10.238  1.00 34.13 ?  150 ASN A CG  1 
ATOM   901  O OD1 . ASN A 1 111 ? -12.265 5.684   10.244  1.00 37.67 ?  150 ASN A OD1 1 
ATOM   902  N ND2 . ASN A 1 111 ? -12.798 3.535   9.939   1.00 28.65 ?  150 ASN A ND2 1 
ATOM   903  N N   . LYS A 1 112 ? -11.562 0.695   11.361  1.00 42.74 ?  151 LYS A N   1 
ATOM   904  C CA  . LYS A 1 112 ? -12.259 -0.191  12.333  1.00 49.35 ?  151 LYS A CA  1 
ATOM   905  C C   . LYS A 1 112 ? -11.858 -1.646  12.074  1.00 52.57 ?  151 LYS A C   1 
ATOM   906  O O   . LYS A 1 112 ? -12.002 -2.105  10.923  1.00 42.12 ?  151 LYS A O   1 
ATOM   907  C CB  . LYS A 1 112 ? -13.780 -0.064  12.213  1.00 59.44 ?  151 LYS A CB  1 
ATOM   908  C CG  . LYS A 1 112 ? -14.405 1.152   12.894  1.00 72.68 ?  151 LYS A CG  1 
ATOM   909  C CD  . LYS A 1 112 ? -14.959 0.880   14.298  1.00 80.41 ?  151 LYS A CD  1 
ATOM   910  C CE  . LYS A 1 112 ? -16.163 1.733   14.662  1.00 84.23 ?  151 LYS A CE  1 
ATOM   911  N NZ  . LYS A 1 112 ? -15.807 3.158   14.866  1.00 83.09 ?  151 LYS A NZ  1 
ATOM   912  N N   . LEU A 1 113 ? -11.398 -2.329  13.125  1.00 59.03 ?  152 LEU A N   1 
ATOM   913  C CA  . LEU A 1 113 ? -11.187 -3.803  13.191  1.00 66.99 ?  152 LEU A CA  1 
ATOM   914  C C   . LEU A 1 113 ? -12.531 -4.551  13.082  1.00 65.02 ?  152 LEU A C   1 
ATOM   915  O O   . LEU A 1 113 ? -12.965 -5.117  14.096  1.00 68.53 ?  152 LEU A O   1 
ATOM   916  C CB  . LEU A 1 113 ? -10.459 -4.138  14.505  1.00 72.98 ?  152 LEU A CB  1 
ATOM   917  C CG  . LEU A 1 113 ? -10.990 -3.552  15.831  1.00 80.54 ?  152 LEU A CG  1 
ATOM   918  C CD1 . LEU A 1 113 ? -10.253 -2.280  16.244  1.00 78.62 ?  152 LEU A CD1 1 
ATOM   919  C CD2 . LEU A 1 113 ? -12.501 -3.305  15.863  1.00 80.15 ?  152 LEU A CD2 1 
ATOM   920  N N   . ASN A 1 114 ? -13.163 -4.602  11.901  1.00 66.16 ?  153 ASN A N   1 
ATOM   921  C CA  . ASN A 1 114 ? -14.512 -5.218  11.742  1.00 66.88 ?  153 ASN A CA  1 
ATOM   922  C C   . ASN A 1 114 ? -14.499 -6.313  10.658  1.00 69.58 ?  153 ASN A C   1 
ATOM   923  O O   . ASN A 1 114 ? -15.542 -6.485  9.975   1.00 56.47 ?  153 ASN A O   1 
ATOM   924  C CB  . ASN A 1 114 ? -15.583 -4.151  11.495  1.00 66.91 ?  153 ASN A CB  1 
ATOM   925  C CG  . ASN A 1 114 ? -15.568 -3.608  10.084  1.00 65.78 ?  153 ASN A CG  1 
ATOM   926  O OD1 . ASN A 1 114 ? -14.548 -3.673  9.404   1.00 63.20 ?  153 ASN A OD1 1 
ATOM   927  N ND2 . ASN A 1 114 ? -16.703 -3.095  9.635   1.00 64.14 ?  153 ASN A ND2 1 
ATOM   928  N N   . GLY A 1 115 ? -13.373 -7.025  10.514  1.00 69.11 ?  154 GLY A N   1 
ATOM   929  C CA  . GLY A 1 115 ? -13.247 -8.282  9.744   1.00 66.21 ?  154 GLY A CA  1 
ATOM   930  C C   . GLY A 1 115 ? -12.812 -8.061  8.301   1.00 65.85 ?  154 GLY A C   1 
ATOM   931  O O   . GLY A 1 115 ? -12.186 -7.007  8.007   1.00 56.95 ?  154 GLY A O   1 
ATOM   932  N N   . GLY A 1 116 ? -13.076 -9.064  7.453   1.00 61.81 ?  155 GLY A N   1 
ATOM   933  C CA  . GLY A 1 116 ? -12.984 -9.022  5.980   1.00 59.09 ?  155 GLY A CA  1 
ATOM   934  C C   . GLY A 1 116 ? -11.562 -8.931  5.438   1.00 56.42 ?  155 GLY A C   1 
ATOM   935  O O   . GLY A 1 116 ? -11.432 -8.537  4.269   1.00 55.36 ?  155 GLY A O   1 
ATOM   936  N N   . GLY A 1 117 ? -10.539 -9.306  6.217   1.00 54.86 ?  156 GLY A N   1 
ATOM   937  C CA  . GLY A 1 117 ? -9.118  -9.229  5.808   1.00 50.41 ?  156 GLY A CA  1 
ATOM   938  C C   . GLY A 1 117 ? -8.739  -7.832  5.321   1.00 51.57 ?  156 GLY A C   1 
ATOM   939  O O   . GLY A 1 117 ? -8.122  -7.722  4.240   1.00 50.01 ?  156 GLY A O   1 
ATOM   940  N N   . GLN A 1 118 ? -9.114  -6.797  6.082   1.00 48.57 ?  157 GLN A N   1 
ATOM   941  C CA  . GLN A 1 118 ? -8.882  -5.364  5.755   1.00 43.52 ?  157 GLN A CA  1 
ATOM   942  C C   . GLN A 1 118 ? -7.587  -4.917  6.438   1.00 42.91 ?  157 GLN A C   1 
ATOM   943  O O   . GLN A 1 118 ? -7.035  -5.680  7.267   1.00 41.39 ?  157 GLN A O   1 
ATOM   944  C CB  . GLN A 1 118 ? -10.078 -4.528  6.214   1.00 47.09 ?  157 GLN A CB  1 
ATOM   945  C CG  . GLN A 1 118 ? -11.352 -4.791  5.430   1.00 48.53 ?  157 GLN A CG  1 
ATOM   946  C CD  . GLN A 1 118 ? -12.561 -4.120  6.035   1.00 51.20 ?  157 GLN A CD  1 
ATOM   947  O OE1 . GLN A 1 118 ? -12.473 -3.382  7.010   1.00 55.69 ?  157 GLN A OE1 1 
ATOM   948  N NE2 . GLN A 1 118 ? -13.719 -4.380  5.451   1.00 59.04 ?  157 GLN A NE2 1 
ATOM   949  N N   . ILE A 1 119 ? -7.090  -3.723  6.119   1.00 30.96 ?  158 ILE A N   1 
ATOM   950  C CA  . ILE A 1 119 ? -5.862  -3.212  6.769   1.00 29.13 ?  158 ILE A CA  1 
ATOM   951  C C   . ILE A 1 119 ? -6.248  -2.005  7.631   1.00 26.89 ?  158 ILE A C   1 
ATOM   952  O O   . ILE A 1 119 ? -6.685  -0.978  7.079   1.00 24.82 ?  158 ILE A O   1 
ATOM   953  C CB  . ILE A 1 119 ? -4.809  -2.814  5.727   1.00 25.90 ?  158 ILE A CB  1 
ATOM   954  C CG1 . ILE A 1 119 ? -4.458  -3.973  4.791   1.00 29.93 ?  158 ILE A CG1 1 
ATOM   955  C CG2 . ILE A 1 119 ? -3.602  -2.227  6.425   1.00 27.82 ?  158 ILE A CG2 1 
ATOM   956  C CD1 . ILE A 1 119 ? -3.414  -4.902  5.333   1.00 30.61 ?  158 ILE A CD1 1 
ATOM   957  N N   . MET A 1 120 ? -6.055  -2.127  8.932   1.00 27.12 ?  159 MET A N   1 
ATOM   958  C CA  . MET A 1 120 ? -6.324  -1.025  9.874   1.00 29.83 ?  159 MET A CA  1 
ATOM   959  C C   . MET A 1 120 ? -5.226  0.038   9.756   1.00 24.65 ?  159 MET A C   1 
ATOM   960  O O   . MET A 1 120 ? -4.059  -0.323  9.959   1.00 29.70 ?  159 MET A O   1 
ATOM   961  C CB  . MET A 1 120 ? -6.315  -1.547  11.309  1.00 34.06 ?  159 MET A CB  1 
ATOM   962  C CG  . MET A 1 120 ? -6.441  -0.425  12.286  1.00 38.63 ?  159 MET A CG  1 
ATOM   963  S SD  . MET A 1 120 ? -8.180  -0.114  12.445  1.00 52.34 ?  159 MET A SD  1 
ATOM   964  C CE  . MET A 1 120 ? -8.447  -1.106  13.914  1.00 54.49 ?  159 MET A CE  1 
ATOM   965  N N   . LEU A 1 121 ? -5.593  1.297   9.499   1.00 24.04 ?  160 LEU A N   1 
ATOM   966  C CA  . LEU A 1 121 ? -4.665  2.452   9.545   1.00 23.34 ?  160 LEU A CA  1 
ATOM   967  C C   . LEU A 1 121 ? -5.198  3.491   10.529  1.00 23.99 ?  160 LEU A C   1 
ATOM   968  O O   . LEU A 1 121 ? -6.402  3.502   10.800  1.00 26.94 ?  160 LEU A O   1 
ATOM   969  C CB  . LEU A 1 121 ? -4.501  3.040   8.135   1.00 24.10 ?  160 LEU A CB  1 
ATOM   970  C CG  . LEU A 1 121 ? -3.979  2.085   7.054   1.00 22.53 ?  160 LEU A CG  1 
ATOM   971  C CD1 . LEU A 1 121 ? -3.778  2.806   5.727   1.00 22.62 ?  160 LEU A CD1 1 
ATOM   972  C CD2 . LEU A 1 121 ? -2.693  1.418   7.453   1.00 22.55 ?  160 LEU A CD2 1 
ATOM   973  N N   . ASN A 1 122 ? -4.321  4.351   11.035  1.00 24.01 ?  161 ASN A N   1 
ATOM   974  C CA  . ASN A 1 122 ? -4.712  5.504   11.879  1.00 24.50 ?  161 ASN A CA  1 
ATOM   975  C C   . ASN A 1 122 ? -4.871  6.722   10.958  1.00 24.20 ?  161 ASN A C   1 
ATOM   976  O O   . ASN A 1 122 ? -3.924  7.045   10.236  1.00 23.70 ?  161 ASN A O   1 
ATOM   977  C CB  . ASN A 1 122 ? -3.707  5.769   12.992  1.00 25.21 ?  161 ASN A CB  1 
ATOM   978  C CG  . ASN A 1 122 ? -3.621  4.625   13.979  1.00 29.58 ?  161 ASN A CG  1 
ATOM   979  O OD1 . ASN A 1 122 ? -4.571  3.854   14.126  1.00 31.75 ?  161 ASN A OD1 1 
ATOM   980  N ND2 . ASN A 1 122 ? -2.489  4.511   14.639  1.00 30.50 ?  161 ASN A ND2 1 
ATOM   981  N N   . SER A 1 123 ? -6.026  7.378   11.004  1.00 25.70 ?  162 SER A N   1 
ATOM   982  C CA  . SER A 1 123 ? -6.289  8.600   10.213  1.00 25.71 ?  162 SER A CA  1 
ATOM   983  C C   . SER A 1 123 ? -5.254  9.648   10.620  1.00 23.58 ?  162 SER A C   1 
ATOM   984  O O   . SER A 1 123 ? -4.808  9.656   11.800  1.00 22.51 ?  162 SER A O   1 
ATOM   985  C CB  . SER A 1 123 ? -7.691  9.096   10.381  1.00 31.65 ?  162 SER A CB  1 
ATOM   986  O OG  . SER A 1 123 ? -7.832  9.657   11.664  1.00 39.94 ?  162 SER A OG  1 
ATOM   987  N N   . LEU A 1 124 ? -4.809  10.393  9.616   1.00 21.92 ?  163 LEU A N   1 
ATOM   988  C CA  . LEU A 1 124 ? -3.852  11.516  9.732   1.00 21.69 ?  163 LEU A CA  1 
ATOM   989  C C   . LEU A 1 124 ? -2.448  11.029  10.073  1.00 21.50 ?  163 LEU A C   1 
ATOM   990  O O   . LEU A 1 124 ? -1.578  11.885  10.417  1.00 20.70 ?  163 LEU A O   1 
ATOM   991  C CB  . LEU A 1 124 ? -4.392  12.543  10.741  1.00 22.55 ?  163 LEU A CB  1 
ATOM   992  C CG  . LEU A 1 124 ? -5.732  13.181  10.349  1.00 25.73 ?  163 LEU A CG  1 
ATOM   993  C CD1 . LEU A 1 124 ? -6.158  14.277  11.327  1.00 27.52 ?  163 LEU A CD1 1 
ATOM   994  C CD2 . LEU A 1 124 ? -5.711  13.743  8.944   1.00 23.97 ?  163 LEU A CD2 1 
ATOM   995  N N   . HIS A 1 125 ? -2.162  9.758   9.806   1.00 21.42 ?  164 HIS A N   1 
ATOM   996  C CA  . HIS A 1 125 ? -0.789  9.211   9.776   1.00 18.77 ?  164 HIS A CA  1 
ATOM   997  C C   . HIS A 1 125 ? -0.404  8.768   8.361   1.00 18.86 ?  164 HIS A C   1 
ATOM   998  O O   . HIS A 1 125 ? -1.300  8.371   7.539   1.00 19.03 ?  164 HIS A O   1 
ATOM   999  C CB  . HIS A 1 125 ? -0.620  8.076   10.758  1.00 20.80 ?  164 HIS A CB  1 
ATOM   1000 C CG  . HIS A 1 125 ? -0.850  8.487   12.160  1.00 23.84 ?  164 HIS A CG  1 
ATOM   1001 N ND1 . HIS A 1 125 ? -2.086  8.897   12.592  1.00 23.86 ?  164 HIS A ND1 1 
ATOM   1002 C CD2 . HIS A 1 125 ? -0.040  8.467   13.241  1.00 27.71 ?  164 HIS A CD2 1 
ATOM   1003 C CE1 . HIS A 1 125 ? -2.011  9.186   13.881  1.00 24.54 ?  164 HIS A CE1 1 
ATOM   1004 N NE2 . HIS A 1 125 ? -0.783  8.925   14.302  1.00 23.59 ?  164 HIS A NE2 1 
ATOM   1005 N N   . LYS A 1 126 ? 0.880   8.913   8.093   1.00 19.63 ?  165 LYS A N   1 
ATOM   1006 C CA  . LYS A 1 126 ? 1.498   8.638   6.776   1.00 19.38 ?  165 LYS A CA  1 
ATOM   1007 C C   . LYS A 1 126 ? 2.024   7.213   6.791   1.00 19.37 ?  165 LYS A C   1 
ATOM   1008 O O   . LYS A 1 126 ? 2.646   6.800   7.780   1.00 18.85 ?  165 LYS A O   1 
ATOM   1009 C CB  . LYS A 1 126 ? 2.627   9.616   6.472   1.00 21.99 ?  165 LYS A CB  1 
ATOM   1010 C CG  . LYS A 1 126 ? 3.163   9.526   5.048   1.00 24.42 ?  165 LYS A CG  1 
ATOM   1011 C CD  . LYS A 1 126 ? 4.319   10.469  4.798   1.00 28.71 ?  165 LYS A CD  1 
ATOM   1012 C CE  . LYS A 1 126 ? 3.816   11.898  4.663   1.00 33.32 ?  165 LYS A CE  1 
ATOM   1013 N NZ  . LYS A 1 126 ? 4.907   12.843  4.342   1.00 35.02 ?  165 LYS A NZ  1 
ATOM   1014 N N   . TYR A 1 127 ? 1.737   6.486   5.717   1.00 19.60 ?  166 TYR A N   1 
ATOM   1015 C CA  . TYR A 1 127 ? 2.111   5.074   5.531   1.00 17.88 ?  166 TYR A CA  1 
ATOM   1016 C C   . TYR A 1 127 ? 2.821   4.905   4.200   1.00 18.41 ?  166 TYR A C   1 
ATOM   1017 O O   . TYR A 1 127 ? 2.518   5.631   3.249   1.00 18.71 ?  166 TYR A O   1 
ATOM   1018 C CB  . TYR A 1 127 ? 0.839   4.216   5.613   1.00 18.75 ?  166 TYR A CB  1 
ATOM   1019 C CG  . TYR A 1 127 ? 0.177   4.214   6.971   1.00 18.62 ?  166 TYR A CG  1 
ATOM   1020 C CD1 . TYR A 1 127 ? 0.674   3.401   7.980   1.00 18.66 ?  166 TYR A CD1 1 
ATOM   1021 C CD2 . TYR A 1 127 ? -0.875  5.073   7.283   1.00 17.98 ?  166 TYR A CD2 1 
ATOM   1022 C CE1 . TYR A 1 127 ? 0.119   3.399   9.248   1.00 19.47 ?  166 TYR A CE1 1 
ATOM   1023 C CE2 . TYR A 1 127 ? -1.435  5.080   8.557   1.00 19.29 ?  166 TYR A CE2 1 
ATOM   1024 C CZ  . TYR A 1 127 ? -0.957  4.217   9.533   1.00 20.50 ?  166 TYR A CZ  1 
ATOM   1025 O OH  . TYR A 1 127 ? -1.463  4.208   10.808  1.00 22.71 ?  166 TYR A OH  1 
ATOM   1026 N N   . GLU A 1 128 ? 3.692   3.895   4.162   1.00 19.34 ?  167 GLU A N   1 
ATOM   1027 C CA  . GLU A 1 128 ? 4.391   3.421   2.944   1.00 20.94 ?  167 GLU A CA  1 
ATOM   1028 C C   . GLU A 1 128 ? 4.048   1.952   2.741   1.00 21.64 ?  167 GLU A C   1 
ATOM   1029 O O   . GLU A 1 128 ? 4.450   1.099   3.543   1.00 21.17 ?  167 GLU A O   1 
ATOM   1030 C CB  . GLU A 1 128 ? 5.876   3.629   3.144   1.00 25.70 ?  167 GLU A CB  1 
ATOM   1031 C CG  . GLU A 1 128 ? 6.659   3.483   1.847   1.00 28.63 ?  167 GLU A CG  1 
ATOM   1032 C CD  . GLU A 1 128 ? 8.117   3.748   2.107   1.00 33.57 ?  167 GLU A CD  1 
ATOM   1033 O OE1 . GLU A 1 128 ? 8.762   2.825   2.632   1.00 36.61 ?  167 GLU A OE1 1 
ATOM   1034 O OE2 . GLU A 1 128 ? 8.569   4.899   1.932   1.00 38.44 ?  167 GLU A OE2 1 
ATOM   1035 N N   . PRO A 1 129 ? 3.366   1.625   1.626   1.00 21.71 ?  168 PRO A N   1 
ATOM   1036 C CA  . PRO A 1 129 ? 3.170   0.231   1.221   1.00 20.03 ?  168 PRO A CA  1 
ATOM   1037 C C   . PRO A 1 129 ? 4.469   -0.563  1.098   1.00 19.57 ?  168 PRO A C   1 
ATOM   1038 O O   . PRO A 1 129 ? 5.477   -0.043  0.596   1.00 20.36 ?  168 PRO A O   1 
ATOM   1039 C CB  . PRO A 1 129 ? 2.549   0.380   -0.163  1.00 21.32 ?  168 PRO A CB  1 
ATOM   1040 C CG  . PRO A 1 129 ? 1.757   1.670   -0.054  1.00 21.25 ?  168 PRO A CG  1 
ATOM   1041 C CD  . PRO A 1 129 ? 2.689   2.570   0.711   1.00 20.94 ?  168 PRO A CD  1 
ATOM   1042 N N   . ARG A 1 130 ? 4.408   -1.823  1.500   1.00 19.61 ?  169 ARG A N   1 
ATOM   1043 C CA  . ARG A 1 130 ? 5.572   -2.736  1.491   1.00 20.16 ?  169 ARG A CA  1 
ATOM   1044 C C   . ARG A 1 130 ? 5.081   -4.099  1.021   1.00 20.22 ?  169 ARG A C   1 
ATOM   1045 O O   . ARG A 1 130 ? 4.076   -4.606  1.534   1.00 20.75 ?  169 ARG A O   1 
ATOM   1046 C CB  . ARG A 1 130 ? 6.222   -2.767  2.870   1.00 23.09 ?  169 ARG A CB  1 
ATOM   1047 C CG  . ARG A 1 130 ? 7.456   -3.653  2.972   1.00 24.42 ?  169 ARG A CG  1 
ATOM   1048 C CD  . ARG A 1 130 ? 8.090   -3.550  4.353   1.00 25.15 ?  169 ARG A CD  1 
ATOM   1049 N NE  . ARG A 1 130 ? 7.199   -3.947  5.441   1.00 26.50 ?  169 ARG A NE  1 
ATOM   1050 C CZ  . ARG A 1 130 ? 7.572   -4.101  6.718   1.00 27.41 ?  169 ARG A CZ  1 
ATOM   1051 N NH1 . ARG A 1 130 ? 8.808   -3.827  7.095   1.00 28.18 ?  169 ARG A NH1 1 
ATOM   1052 N NH2 . ARG A 1 130 ? 6.693   -4.495  7.615   1.00 27.60 ?  169 ARG A NH2 1 
ATOM   1053 N N   . ILE A 1 131 ? 5.747   -4.643  0.023   1.00 20.94 ?  170 ILE A N   1 
ATOM   1054 C CA  . ILE A 1 131 ? 5.424   -5.989  -0.497  1.00 20.44 ?  170 ILE A CA  1 
ATOM   1055 C C   . ILE A 1 131 ? 6.472   -6.979  -0.009  1.00 21.33 ?  170 ILE A C   1 
ATOM   1056 O O   . ILE A 1 131 ? 7.666   -6.651  0.009   1.00 24.21 ?  170 ILE A O   1 
ATOM   1057 C CB  . ILE A 1 131 ? 5.313   -5.957  -2.028  1.00 24.04 ?  170 ILE A CB  1 
ATOM   1058 C CG1 . ILE A 1 131 ? 4.044   -5.196  -2.432  1.00 24.92 ?  170 ILE A CG1 1 
ATOM   1059 C CG2 . ILE A 1 131 ? 5.369   -7.372  -2.600  1.00 24.76 ?  170 ILE A CG2 1 
ATOM   1060 C CD1 . ILE A 1 131 ? 3.968   -4.853  -3.916  1.00 27.35 ?  170 ILE A CD1 1 
ATOM   1061 N N   . HIS A 1 132 ? 5.997   -8.153  0.376   1.00 20.71 ?  171 HIS A N   1 
ATOM   1062 C CA  . HIS A 1 132 ? 6.823   -9.286  0.823   1.00 21.13 ?  171 HIS A CA  1 
ATOM   1063 C C   . HIS A 1 132 ? 6.573   -10.445 -0.120  1.00 20.30 ?  171 HIS A C   1 
ATOM   1064 O O   . HIS A 1 132 ? 5.425   -10.717 -0.467  1.00 19.71 ?  171 HIS A O   1 
ATOM   1065 C CB  . HIS A 1 132 ? 6.490   -9.706  2.244   1.00 23.70 ?  171 HIS A CB  1 
ATOM   1066 C CG  . HIS A 1 132 ? 6.511   -8.557  3.195   1.00 26.87 ?  171 HIS A CG  1 
ATOM   1067 N ND1 . HIS A 1 132 ? 7.687   -8.066  3.689   1.00 27.19 ?  171 HIS A ND1 1 
ATOM   1068 C CD2 . HIS A 1 132 ? 5.531   -7.736  3.643   1.00 30.61 ?  171 HIS A CD2 1 
ATOM   1069 C CE1 . HIS A 1 132 ? 7.438   -7.030  4.475   1.00 30.72 ?  171 HIS A CE1 1 
ATOM   1070 N NE2 . HIS A 1 132 ? 6.123   -6.806  4.467   1.00 29.45 ?  171 HIS A NE2 1 
ATOM   1071 N N   . ILE A 1 133 ? 7.650   -11.099 -0.535  0.54 18.67 ?  172 ILE A N   1 
ATOM   1072 C CA  . ILE A 1 133 ? 7.574   -12.405 -1.243  0.54 18.80 ?  172 ILE A CA  1 
ATOM   1073 C C   . ILE A 1 133 ? 8.080   -13.459 -0.261  0.54 18.51 ?  172 ILE A C   1 
ATOM   1074 O O   . ILE A 1 133 ? 9.047   -13.151 0.538   0.54 18.88 ?  172 ILE A O   1 
ATOM   1075 C CB  . ILE A 1 133 ? 8.348   -12.373 -2.572  0.54 19.05 ?  172 ILE A CB  1 
ATOM   1076 C CG1 . ILE A 1 133 ? 7.946   -11.158 -3.416  0.54 19.38 ?  172 ILE A CG1 1 
ATOM   1077 C CG2 . ILE A 1 133 ? 8.156   -13.670 -3.332  0.54 18.44 ?  172 ILE A CG2 1 
ATOM   1078 C CD1 . ILE A 1 133 ? 8.885   -10.859 -4.559  0.54 19.76 ?  172 ILE A CD1 1 
ATOM   1079 N N   . VAL A 1 134 ? 7.418   -14.635 -0.292  0.54 19.33 ?  173 VAL A N   1 
ATOM   1080 C CA  . VAL A 1 134 ? 7.788   -15.830 0.512   0.54 20.54 ?  173 VAL A CA  1 
ATOM   1081 C C   . VAL A 1 134 ? 7.664   -17.043 -0.410  0.54 20.27 ?  173 VAL A C   1 
ATOM   1082 O O   . VAL A 1 134 ? 6.830   -16.990 -1.347  0.54 20.03 ?  173 VAL A O   1 
ATOM   1083 C CB  . VAL A 1 134 ? 6.891   -15.933 1.760   0.54 21.91 ?  173 VAL A CB  1 
ATOM   1084 C CG1 . VAL A 1 134 ? 6.833   -17.342 2.329   0.54 23.59 ?  173 VAL A CG1 1 
ATOM   1085 C CG2 . VAL A 1 134 ? 7.315   -14.932 2.826   0.54 21.51 ?  173 VAL A CG2 1 
ATOM   1086 N N   . ARG A 1 135 ? 8.494   -18.062 -0.187  0.54 21.05 ?  174 ARG A N   1 
ATOM   1087 C CA  . ARG A 1 135 ? 8.531   -19.272 -1.043  0.54 21.12 ?  174 ARG A CA  1 
ATOM   1088 C C   . ARG A 1 135 ? 7.881   -20.439 -0.295  0.54 21.98 ?  174 ARG A C   1 
ATOM   1089 O O   . ARG A 1 135 ? 8.309   -20.722 0.839   0.54 22.00 ?  174 ARG A O   1 
ATOM   1090 C CB  . ARG A 1 135 ? 9.971   -19.592 -1.441  0.54 22.00 ?  174 ARG A CB  1 
ATOM   1091 C CG  . ARG A 1 135 ? 10.101  -20.815 -2.330  0.54 22.10 ?  174 ARG A CG  1 
ATOM   1092 C CD  . ARG A 1 135 ? 11.424  -20.810 -3.056  0.54 22.78 ?  174 ARG A CD  1 
ATOM   1093 N NE  . ARG A 1 135 ? 11.773  -22.137 -3.521  0.54 22.44 ?  174 ARG A NE  1 
ATOM   1094 C CZ  . ARG A 1 135 ? 12.702  -22.408 -4.428  0.54 23.67 ?  174 ARG A CZ  1 
ATOM   1095 N NH1 . ARG A 1 135 ? 12.921  -23.665 -4.771  0.54 23.23 ?  174 ARG A NH1 1 
ATOM   1096 N NH2 . ARG A 1 135 ? 13.405  -21.434 -4.988  0.54 24.09 ?  174 ARG A NH2 1 
ATOM   1097 N N   . VAL A 1 136 ? 6.915   -21.098 -0.940  0.54 22.81 ?  175 VAL A N   1 
ATOM   1098 C CA  . VAL A 1 136 ? 6.225   -22.319 -0.425  0.54 24.59 ?  175 VAL A CA  1 
ATOM   1099 C C   . VAL A 1 136 ? 7.270   -23.428 -0.250  0.54 26.09 ?  175 VAL A C   1 
ATOM   1100 O O   . VAL A 1 136 ? 8.048   -23.660 -1.201  0.54 24.51 ?  175 VAL A O   1 
ATOM   1101 C CB  . VAL A 1 136 ? 5.106   -22.780 -1.379  0.54 25.83 ?  175 VAL A CB  1 
ATOM   1102 C CG1 . VAL A 1 136 ? 4.439   -24.061 -0.896  0.54 25.75 ?  175 VAL A CG1 1 
ATOM   1103 C CG2 . VAL A 1 136 ? 4.065   -21.694 -1.610  0.54 26.94 ?  175 VAL A CG2 1 
ATOM   1104 N N   . GLY A 1 137 ? 7.274   -24.095 0.909   0.54 27.09 ?  176 GLY A N   1 
ATOM   1105 C CA  . GLY A 1 137 ? 8.141   -25.255 1.205   0.54 27.99 ?  176 GLY A CA  1 
ATOM   1106 C C   . GLY A 1 137 ? 9.447   -24.844 1.861   0.54 29.75 ?  176 GLY A C   1 
ATOM   1107 O O   . GLY A 1 137 ? 10.014  -25.657 2.622   0.54 31.22 ?  176 GLY A O   1 
ATOM   1108 N N   . ASP A 1 138 ? 9.905   -23.619 1.585   0.54 29.42 ?  177 ASP A N   1 
ATOM   1109 C CA  . ASP A 1 138 ? 11.197  -23.061 2.062   0.54 29.33 ?  177 ASP A CA  1 
ATOM   1110 C C   . ASP A 1 138 ? 11.387  -23.357 3.549   0.54 29.69 ?  177 ASP A C   1 
ATOM   1111 O O   . ASP A 1 138 ? 10.658  -22.823 4.384   0.54 30.13 ?  177 ASP A O   1 
ATOM   1112 C CB  . ASP A 1 138 ? 11.242  -21.554 1.801   0.54 29.53 ?  177 ASP A CB  1 
ATOM   1113 C CG  . ASP A 1 138 ? 12.550  -20.903 2.199   0.54 30.63 ?  177 ASP A CG  1 
ATOM   1114 O OD1 . ASP A 1 138 ? 13.489  -21.644 2.539   0.54 31.46 ?  177 ASP A OD1 1 
ATOM   1115 O OD2 . ASP A 1 138 ? 12.612  -19.660 2.167   0.54 30.50 ?  177 ASP A OD2 1 
ATOM   1116 N N   . PRO A 1 139 ? 12.379  -24.192 3.943   0.54 29.74 ?  178 PRO A N   1 
ATOM   1117 C CA  . PRO A 1 139 ? 12.668  -24.408 5.363   0.54 30.22 ?  178 PRO A CA  1 
ATOM   1118 C C   . PRO A 1 139 ? 13.243  -23.138 6.018   0.54 29.42 ?  178 PRO A C   1 
ATOM   1119 O O   . PRO A 1 139 ? 13.067  -22.951 7.209   0.54 29.58 ?  178 PRO A O   1 
ATOM   1120 C CB  . PRO A 1 139 ? 13.670  -25.578 5.366   0.54 31.26 ?  178 PRO A CB  1 
ATOM   1121 C CG  . PRO A 1 139 ? 14.299  -25.566 3.985   0.54 32.13 ?  178 PRO A CG  1 
ATOM   1122 C CD  . PRO A 1 139 ? 13.251  -24.984 3.058   0.54 31.52 ?  178 PRO A CD  1 
ATOM   1123 N N   . GLN A 1 140 ? 13.866  -22.274 5.209   0.54 27.90 ?  179 GLN A N   1 
ATOM   1124 C CA  . GLN A 1 140 ? 14.531  -21.022 5.657   0.54 26.26 ?  179 GLN A CA  1 
ATOM   1125 C C   . GLN A 1 140 ? 13.496  -19.934 5.980   0.54 26.41 ?  179 GLN A C   1 
ATOM   1126 O O   . GLN A 1 140 ? 13.887  -18.940 6.618   0.54 25.96 ?  179 GLN A O   1 
ATOM   1127 C CB  . GLN A 1 140 ? 15.483  -20.523 4.571   0.54 25.87 ?  179 GLN A CB  1 
ATOM   1128 C CG  . GLN A 1 140 ? 16.407  -19.411 5.035   0.54 25.25 ?  179 GLN A CG  1 
ATOM   1129 C CD  . GLN A 1 140 ? 17.579  -19.227 4.105   0.54 25.49 ?  179 GLN A CD  1 
ATOM   1130 O OE1 . GLN A 1 140 ? 17.504  -18.498 3.116   0.54 22.99 ?  179 GLN A OE1 1 
ATOM   1131 N NE2 . GLN A 1 140 ? 18.677  -19.893 4.428   0.54 25.12 ?  179 GLN A NE2 1 
ATOM   1132 N N   . ARG A 1 141 ? 12.274  -20.097 5.468   0.54 26.39 ?  180 ARG A N   1 
ATOM   1133 C CA  . ARG A 1 141 ? 11.190  -19.099 5.659   0.54 28.08 ?  180 ARG A CA  1 
ATOM   1134 C C   . ARG A 1 141 ? 11.689  -17.729 5.193   0.54 27.95 ?  180 ARG A C   1 
ATOM   1135 O O   . ARG A 1 141 ? 11.397  -16.720 5.816   0.54 26.88 ?  180 ARG A O   1 
ATOM   1136 C CB  . ARG A 1 141 ? 10.676  -19.134 7.096   0.54 30.32 ?  180 ARG A CB  1 
ATOM   1137 C CG  . ARG A 1 141 ? 9.573   -20.166 7.257   0.54 33.64 ?  180 ARG A CG  1 
ATOM   1138 C CD  . ARG A 1 141 ? 9.455   -20.823 8.605   0.54 35.49 ?  180 ARG A CD  1 
ATOM   1139 N NE  . ARG A 1 141 ? 9.840   -19.875 9.615   0.54 38.11 ?  180 ARG A NE  1 
ATOM   1140 C CZ  . ARG A 1 141 ? 10.690  -20.133 10.581  0.54 38.84 ?  180 ARG A CZ  1 
ATOM   1141 N NH1 . ARG A 1 141 ? 11.255  -21.319 10.694  0.54 38.24 ?  180 ARG A NH1 1 
ATOM   1142 N NH2 . ARG A 1 141 ? 10.970  -19.189 11.442  0.54 41.23 ?  180 ARG A NH2 1 
ATOM   1143 N N   . MET A 1 142 ? 12.425  -17.744 4.097   0.54 27.72 ?  181 MET A N   1 
ATOM   1144 C CA  . MET A 1 142 ? 13.002  -16.531 3.474   0.54 27.41 ?  181 MET A CA  1 
ATOM   1145 C C   . MET A 1 142 ? 11.849  -15.581 3.138   0.54 26.69 ?  181 MET A C   1 
ATOM   1146 O O   . MET A 1 142 ? 10.873  -16.029 2.511   0.54 25.32 ?  181 MET A O   1 
ATOM   1147 C CB  . MET A 1 142 ? 13.781  -16.877 2.204   0.54 28.28 ?  181 MET A CB  1 
ATOM   1148 C CG  . MET A 1 142 ? 14.557  -15.715 1.626   0.54 28.95 ?  181 MET A CG  1 
ATOM   1149 S SD  . MET A 1 142 ? 15.754  -16.286 0.392   0.54 30.57 ?  181 MET A SD  1 
ATOM   1150 C CE  . MET A 1 142 ? 15.903  -14.833 -0.646  0.54 28.46 ?  181 MET A CE  1 
ATOM   1151 N N   . ILE A 1 143 ? 11.937  -14.347 3.627   0.54 26.09 ?  182 ILE A N   1 
ATOM   1152 C CA  . ILE A 1 143 ? 11.045  -13.220 3.239   0.54 26.13 ?  182 ILE A CA  1 
ATOM   1153 C C   . ILE A 1 143 ? 11.927  -12.192 2.535   0.54 24.96 ?  182 ILE A C   1 
ATOM   1154 O O   . ILE A 1 143 ? 13.029  -11.931 3.040   0.54 25.77 ?  182 ILE A O   1 
ATOM   1155 C CB  . ILE A 1 143 ? 10.328  -12.581 4.444   0.54 28.12 ?  182 ILE A CB  1 
ATOM   1156 C CG1 . ILE A 1 143 ? 9.952   -13.588 5.535   0.54 30.04 ?  182 ILE A CG1 1 
ATOM   1157 C CG2 . ILE A 1 143 ? 9.118   -11.791 3.965   0.54 28.54 ?  182 ILE A CG2 1 
ATOM   1158 C CD1 . ILE A 1 143 ? 9.493   -12.944 6.826   0.54 29.52 ?  182 ILE A CD1 1 
ATOM   1159 N N   . THR A 1 144 ? 11.447  -11.635 1.424   0.54 22.35 ?  183 THR A N   1 
ATOM   1160 C CA  . THR A 1 144 ? 11.965  -10.372 0.853   0.54 21.13 ?  183 THR A CA  1 
ATOM   1161 C C   . THR A 1 144 ? 11.004  -9.254  1.252   0.54 21.50 ?  183 THR A C   1 
ATOM   1162 O O   . THR A 1 144 ? 9.815   -9.537  1.460   0.54 22.24 ?  183 THR A O   1 
ATOM   1163 C CB  . THR A 1 144 ? 12.151  -10.464 -0.665  0.54 20.70 ?  183 THR A CB  1 
ATOM   1164 O OG1 . THR A 1 144 ? 10.865  -10.592 -1.268  0.54 20.22 ?  183 THR A OG1 1 
ATOM   1165 C CG2 . THR A 1 144 ? 13.021  -11.625 -1.087  0.54 21.13 ?  183 THR A CG2 1 
ATOM   1166 N N   . SER A 1 145 ? 11.523  -8.037  1.380   0.54 21.13 ?  184 SER A N   1 
ATOM   1167 C CA  . SER A 1 145 ? 10.729  -6.815  1.639   0.54 22.01 ?  184 SER A CA  1 
ATOM   1168 C C   . SER A 1 145 ? 11.065  -5.800  0.555   0.54 21.58 ?  184 SER A C   1 
ATOM   1169 O O   . SER A 1 145 ? 12.258  -5.648  0.235   0.54 20.23 ?  184 SER A O   1 
ATOM   1170 C CB  . SER A 1 145 ? 10.988  -6.269  3.009   0.54 23.48 ?  184 SER A CB  1 
ATOM   1171 O OG  . SER A 1 145 ? 10.746  -7.264  3.982   0.54 24.26 ?  184 SER A OG  1 
ATOM   1172 N N   . HIS A 1 146 ? 10.040  -5.188  -0.023  0.54 20.52 ?  185 HIS A N   1 
ATOM   1173 C CA  . HIS A 1 146 ? 10.182  -4.191  -1.112  0.54 20.54 ?  185 HIS A CA  1 
ATOM   1174 C C   . HIS A 1 146 ? 9.363   -2.963  -0.708  0.54 22.06 ?  185 HIS A C   1 
ATOM   1175 O O   . HIS A 1 146 ? 8.135   -3.099  -0.582  0.54 20.91 ?  185 HIS A O   1 
ATOM   1176 C CB  . HIS A 1 146 ? 9.759   -4.827  -2.443  0.54 19.40 ?  185 HIS A CB  1 
ATOM   1177 C CG  . HIS A 1 146 ? 10.441  -6.126  -2.732  0.54 18.69 ?  185 HIS A CG  1 
ATOM   1178 N ND1 . HIS A 1 146 ? 9.972   -7.334  -2.258  0.54 18.70 ?  185 HIS A ND1 1 
ATOM   1179 C CD2 . HIS A 1 146 ? 11.560  -6.415  -3.428  0.54 17.92 ?  185 HIS A CD2 1 
ATOM   1180 C CE1 . HIS A 1 146 ? 10.763  -8.303  -2.660  0.54 16.98 ?  185 HIS A CE1 1 
ATOM   1181 N NE2 . HIS A 1 146 ? 11.740  -7.774  -3.385  0.54 18.27 ?  185 HIS A NE2 1 
ATOM   1182 N N   . CYS A 1 147 ? 10.027  -1.827  -0.464  0.54 24.35 ?  186 CYS A N   1 
ATOM   1183 C CA  . CYS A 1 147 ? 9.384   -0.545  -0.075  0.54 27.66 ?  186 CYS A CA  1 
ATOM   1184 C C   . CYS A 1 147 ? 9.235   0.333   -1.322  0.54 27.29 ?  186 CYS A C   1 
ATOM   1185 O O   . CYS A 1 147 ? 10.184  0.397   -2.120  0.54 26.74 ?  186 CYS A O   1 
ATOM   1186 C CB  . CYS A 1 147 ? 10.195  0.197   0.987   0.54 30.25 ?  186 CYS A CB  1 
ATOM   1187 S SG  . CYS A 1 147 ? 10.615  -0.810  2.466   0.54 37.01 ?  186 CYS A SG  1 
ATOM   1188 N N   . PHE A 1 148 ? 8.091   1.004   -1.468  0.54 26.76 ?  187 PHE A N   1 
ATOM   1189 C CA  . PHE A 1 148 ? 7.787   1.909   -2.606  0.54 27.20 ?  187 PHE A CA  1 
ATOM   1190 C C   . PHE A 1 148 ? 7.485   3.299   -2.060  0.54 27.31 ?  187 PHE A C   1 
ATOM   1191 O O   . PHE A 1 148 ? 6.331   3.608   -1.759  0.54 25.51 ?  187 PHE A O   1 
ATOM   1192 C CB  . PHE A 1 148 ? 6.622   1.341   -3.415  0.54 27.33 ?  187 PHE A CB  1 
ATOM   1193 C CG  . PHE A 1 148 ? 6.842   -0.091  -3.824  0.54 27.35 ?  187 PHE A CG  1 
ATOM   1194 C CD1 . PHE A 1 148 ? 7.601   -0.398  -4.941  0.54 26.98 ?  187 PHE A CD1 1 
ATOM   1195 C CD2 . PHE A 1 148 ? 6.344   -1.128  -3.051  0.54 27.46 ?  187 PHE A CD2 1 
ATOM   1196 C CE1 . PHE A 1 148 ? 7.825   -1.718  -5.301  0.54 27.42 ?  187 PHE A CE1 1 
ATOM   1197 C CE2 . PHE A 1 148 ? 6.571   -2.447  -3.412  0.54 27.90 ?  187 PHE A CE2 1 
ATOM   1198 C CZ  . PHE A 1 148 ? 7.310   -2.739  -4.534  0.54 27.77 ?  187 PHE A CZ  1 
ATOM   1199 N N   . PRO A 1 149 ? 8.509   4.163   -1.868  0.54 28.86 ?  188 PRO A N   1 
ATOM   1200 C CA  . PRO A 1 149 ? 8.279   5.515   -1.362  0.54 28.11 ?  188 PRO A CA  1 
ATOM   1201 C C   . PRO A 1 149 ? 7.442   6.414   -2.287  0.54 26.98 ?  188 PRO A C   1 
ATOM   1202 O O   . PRO A 1 149 ? 6.910   7.384   -1.771  0.54 24.98 ?  188 PRO A O   1 
ATOM   1203 C CB  . PRO A 1 149 ? 9.686   6.103   -1.185  0.54 28.91 ?  188 PRO A CB  1 
ATOM   1204 C CG  . PRO A 1 149 ? 10.561  5.261   -2.092  0.54 29.43 ?  188 PRO A CG  1 
ATOM   1205 C CD  . PRO A 1 149 ? 9.938   3.879   -2.073  0.54 30.47 ?  188 PRO A CD  1 
ATOM   1206 N N   . GLU A 1 150 ? 7.346   6.091   -3.586  1.00 26.53 ?  189 GLU A N   1 
ATOM   1207 C CA  . GLU A 1 150 ? 6.465   6.829   -4.526  1.00 25.08 ?  189 GLU A CA  1 
ATOM   1208 C C   . GLU A 1 150 ? 5.005   6.664   -4.092  1.00 21.24 ?  189 GLU A C   1 
ATOM   1209 O O   . GLU A 1 150 ? 4.175   7.446   -4.536  1.00 20.24 ?  189 GLU A O   1 
ATOM   1210 C CB  . GLU A 1 150 ? 6.590   6.284   -5.948  1.00 27.94 ?  189 GLU A CB  1 
ATOM   1211 C CG  . GLU A 1 150 ? 8.008   6.339   -6.490  1.00 31.43 ?  189 GLU A CG  1 
ATOM   1212 C CD  . GLU A 1 150 ? 8.803   5.053   -6.383  1.00 31.14 ?  189 GLU A CD  1 
ATOM   1213 O OE1 . GLU A 1 150 ? 9.609   4.829   -7.305  1.00 39.48 ?  189 GLU A OE1 1 
ATOM   1214 O OE2 . GLU A 1 150 ? 8.628   4.293   -5.403  1.00 35.05 ?  189 GLU A OE2 1 
ATOM   1215 N N   . THR A 1 151 ? 4.681   5.623   -3.319  1.00 20.64 ?  190 THR A N   1 
ATOM   1216 C CA  . THR A 1 151 ? 3.282   5.251   -3.017  1.00 19.78 ?  190 THR A CA  1 
ATOM   1217 C C   . THR A 1 151 ? 2.924   5.702   -1.592  1.00 19.90 ?  190 THR A C   1 
ATOM   1218 O O   . THR A 1 151 ? 1.873   5.362   -1.129  1.00 18.63 ?  190 THR A O   1 
ATOM   1219 C CB  . THR A 1 151 ? 3.037   3.751   -3.217  1.00 20.60 ?  190 THR A CB  1 
ATOM   1220 O OG1 . THR A 1 151 ? 3.726   3.041   -2.193  1.00 20.70 ?  190 THR A OG1 1 
ATOM   1221 C CG2 . THR A 1 151 ? 3.494   3.278   -4.588  1.00 20.11 ?  190 THR A CG2 1 
ATOM   1222 N N   . GLN A 1 152 ? 3.771   6.472   -0.919  1.00 17.89 ?  191 GLN A N   1 
ATOM   1223 C CA  . GLN A 1 152 ? 3.426   6.988   0.427   1.00 19.57 ?  191 GLN A CA  1 
ATOM   1224 C C   . GLN A 1 152 ? 2.129   7.795   0.364   1.00 18.13 ?  191 GLN A C   1 
ATOM   1225 O O   . GLN A 1 152 ? 1.894   8.565   -0.592  1.00 18.23 ?  191 GLN A O   1 
ATOM   1226 C CB  . GLN A 1 152 ? 4.545   7.882   0.936   1.00 22.21 ?  191 GLN A CB  1 
ATOM   1227 C CG  . GLN A 1 152 ? 5.733   7.101   1.431   1.00 27.04 ?  191 GLN A CG  1 
ATOM   1228 C CD  . GLN A 1 152 ? 6.844   8.044   1.808   1.00 32.94 ?  191 GLN A CD  1 
ATOM   1229 O OE1 . GLN A 1 152 ? 6.706   9.266   1.739   1.00 36.90 ?  191 GLN A OE1 1 
ATOM   1230 N NE2 . GLN A 1 152 ? 7.957   7.466   2.217   1.00 40.39 ?  191 GLN A NE2 1 
ATOM   1231 N N   . PHE A 1 153 ? 1.325   7.704   1.401   1.00 18.39 ?  192 PHE A N   1 
ATOM   1232 C CA  . PHE A 1 153 ? 0.069   8.488   1.471   1.00 18.11 ?  192 PHE A CA  1 
ATOM   1233 C C   . PHE A 1 153 ? -0.281  8.736   2.929   1.00 17.74 ?  192 PHE A C   1 
ATOM   1234 O O   . PHE A 1 153 ? 0.196   7.970   3.822   1.00 17.20 ?  192 PHE A O   1 
ATOM   1235 C CB  . PHE A 1 153 ? -1.073  7.733   0.794   1.00 16.77 ?  192 PHE A CB  1 
ATOM   1236 C CG  . PHE A 1 153 ? -1.398  6.411   1.425   1.00 17.53 ?  192 PHE A CG  1 
ATOM   1237 C CD1 . PHE A 1 153 ? -2.305  6.345   2.465   1.00 17.34 ?  192 PHE A CD1 1 
ATOM   1238 C CD2 . PHE A 1 153 ? -0.798  5.234   0.987   1.00 18.94 ?  192 PHE A CD2 1 
ATOM   1239 C CE1 . PHE A 1 153 ? -2.620  5.126   3.056   1.00 16.87 ?  192 PHE A CE1 1 
ATOM   1240 C CE2 . PHE A 1 153 ? -1.072  4.030   1.614   1.00 18.17 ?  192 PHE A CE2 1 
ATOM   1241 C CZ  . PHE A 1 153 ? -1.972  3.986   2.658   1.00 18.75 ?  192 PHE A CZ  1 
ATOM   1242 N N   . ILE A 1 154 ? -1.154  9.724   3.142   1.00 17.41 ?  193 ILE A N   1 
ATOM   1243 C CA  . ILE A 1 154 ? -1.776  9.934   4.463   1.00 17.37 ?  193 ILE A CA  1 
ATOM   1244 C C   . ILE A 1 154 ? -3.162  9.286   4.432   1.00 17.59 ?  193 ILE A C   1 
ATOM   1245 O O   . ILE A 1 154 ? -3.975  9.624   3.517   1.00 18.17 ?  193 ILE A O   1 
ATOM   1246 C CB  . ILE A 1 154 ? -1.828  11.407  4.822   1.00 19.34 ?  193 ILE A CB  1 
ATOM   1247 C CG1 . ILE A 1 154 ? -0.399  11.968  4.819   1.00 19.12 ?  193 ILE A CG1 1 
ATOM   1248 C CG2 . ILE A 1 154 ? -2.548  11.582  6.149   1.00 20.20 ?  193 ILE A CG2 1 
ATOM   1249 C CD1 . ILE A 1 154 ? -0.332  13.442  4.937   1.00 20.73 ?  193 ILE A CD1 1 
ATOM   1250 N N   . ALA A 1 155 ? -3.456  8.486   5.448   1.00 19.40 ?  194 ALA A N   1 
ATOM   1251 C CA  . ALA A 1 155 ? -4.805  7.918   5.664   1.00 19.67 ?  194 ALA A CA  1 
ATOM   1252 C C   . ALA A 1 155 ? -5.709  9.047   6.163   1.00 22.28 ?  194 ALA A C   1 
ATOM   1253 O O   . ALA A 1 155 ? -5.252  9.792   7.052   1.00 25.03 ?  194 ALA A O   1 
ATOM   1254 C CB  . ALA A 1 155 ? -4.749  6.809   6.675   1.00 22.38 ?  194 ALA A CB  1 
ATOM   1255 N N   . VAL A 1 156 ? -6.877  9.219   5.580   1.00 20.66 ?  195 VAL A N   1 
ATOM   1256 C CA  . VAL A 1 156 ? -7.853  10.282  5.990   1.00 21.51 ?  195 VAL A CA  1 
ATOM   1257 C C   . VAL A 1 156 ? -9.257  9.668   6.062   1.00 24.14 ?  195 VAL A C   1 
ATOM   1258 O O   . VAL A 1 156 ? -9.485  8.680   5.377   1.00 22.89 ?  195 VAL A O   1 
ATOM   1259 C CB  . VAL A 1 156 ? -7.812  11.448  4.997   1.00 21.28 ?  195 VAL A CB  1 
ATOM   1260 C CG1 . VAL A 1 156 ? -6.461  12.138  4.971   1.00 21.66 ?  195 VAL A CG1 1 
ATOM   1261 C CG2 . VAL A 1 156 ? -8.229  11.032  3.595   1.00 21.25 ?  195 VAL A CG2 1 
ATOM   1262 N N   . THR A 1 157 ? -10.179 10.268  6.819   1.00 24.76 ?  196 THR A N   1 
ATOM   1263 C CA  . THR A 1 157 ? -11.620 9.886   6.802   1.00 26.26 ?  196 THR A CA  1 
ATOM   1264 C C   . THR A 1 157 ? -12.325 10.588  5.640   1.00 26.52 ?  196 THR A C   1 
ATOM   1265 O O   . THR A 1 157 ? -13.373 10.120  5.237   1.00 28.55 ?  196 THR A O   1 
ATOM   1266 C CB  . THR A 1 157 ? -12.277 10.180  8.159   1.00 27.55 ?  196 THR A CB  1 
ATOM   1267 O OG1 . THR A 1 157 ? -12.019 11.559  8.440   1.00 29.90 ?  196 THR A OG1 1 
ATOM   1268 C CG2 . THR A 1 157 ? -11.722 9.297   9.254   1.00 29.38 ?  196 THR A CG2 1 
ATOM   1269 N N   . ALA A 1 158 ? -11.726 11.640  5.092   1.00 24.62 ?  197 ALA A N   1 
ATOM   1270 C CA  . ALA A 1 158 ? -12.255 12.456  3.987   1.00 25.89 ?  197 ALA A CA  1 
ATOM   1271 C C   . ALA A 1 158 ? -11.094 13.244  3.389   1.00 24.51 ?  197 ALA A C   1 
ATOM   1272 O O   . ALA A 1 158 ? -10.156 13.601  4.139   1.00 22.32 ?  197 ALA A O   1 
ATOM   1273 C CB  . ALA A 1 158 ? -13.354 13.387  4.479   1.00 26.07 ?  197 ALA A CB  1 
ATOM   1274 N N   . TYR A 1 159 ? -11.149 13.519  2.093   1.00 23.43 ?  198 TYR A N   1 
ATOM   1275 C CA  . TYR A 1 159 ? -10.021 14.201  1.419   1.00 21.91 ?  198 TYR A CA  1 
ATOM   1276 C C   . TYR A 1 159 ? -9.911  15.599  1.995   1.00 24.08 ?  198 TYR A C   1 
ATOM   1277 O O   . TYR A 1 159 ? -10.935 16.253  2.190   1.00 22.88 ?  198 TYR A O   1 
ATOM   1278 C CB  . TYR A 1 159 ? -10.162 14.220  -0.097  1.00 23.17 ?  198 TYR A CB  1 
ATOM   1279 C CG  . TYR A 1 159 ? -10.043 12.860  -0.731  1.00 23.84 ?  198 TYR A CG  1 
ATOM   1280 C CD1 . TYR A 1 159 ? -8.977  12.015  -0.435  1.00 24.40 ?  198 TYR A CD1 1 
ATOM   1281 C CD2 . TYR A 1 159 ? -10.979 12.431  -1.658  1.00 25.95 ?  198 TYR A CD2 1 
ATOM   1282 C CE1 . TYR A 1 159 ? -8.858  10.767  -1.033  1.00 23.49 ?  198 TYR A CE1 1 
ATOM   1283 C CE2 . TYR A 1 159 ? -10.881 11.180  -2.254  1.00 26.63 ?  198 TYR A CE2 1 
ATOM   1284 C CZ  . TYR A 1 159 ? -9.821  10.346  -1.936  1.00 26.33 ?  198 TYR A CZ  1 
ATOM   1285 O OH  . TYR A 1 159 ? -9.668  9.122   -2.527  1.00 27.62 ?  198 TYR A OH  1 
ATOM   1286 N N   . GLN A 1 160 ? -8.676  15.998  2.287   1.00 20.78 ?  199 GLN A N   1 
ATOM   1287 C CA  . GLN A 1 160 ? -8.326  17.335  2.801   1.00 21.25 ?  199 GLN A CA  1 
ATOM   1288 C C   . GLN A 1 160 ? -8.003  18.255  1.625   1.00 22.15 ?  199 GLN A C   1 
ATOM   1289 O O   . GLN A 1 160 ? -8.541  19.352  1.590   1.00 23.29 ?  199 GLN A O   1 
ATOM   1290 C CB  . GLN A 1 160 ? -7.133  17.212  3.752   1.00 21.97 ?  199 GLN A CB  1 
ATOM   1291 C CG  . GLN A 1 160 ? -7.382  16.269  4.915   1.00 22.64 ?  199 GLN A CG  1 
ATOM   1292 C CD  . GLN A 1 160 ? -8.534  16.724  5.775   1.00 26.62 ?  199 GLN A CD  1 
ATOM   1293 O OE1 . GLN A 1 160 ? -8.446  17.737  6.453   1.00 24.21 ?  199 GLN A OE1 1 
ATOM   1294 N NE2 . GLN A 1 160 ? -9.619  15.959  5.780   1.00 24.64 ?  199 GLN A NE2 1 
ATOM   1295 N N   . ASN A 1 161 ? -7.166  17.817  0.688   1.00 20.45 ?  200 ASN A N   1 
ATOM   1296 C CA  . ASN A 1 161 ? -6.645  18.638  -0.426  1.00 21.85 ?  200 ASN A CA  1 
ATOM   1297 C C   . ASN A 1 161 ? -7.609  18.553  -1.612  1.00 24.26 ?  200 ASN A C   1 
ATOM   1298 O O   . ASN A 1 161 ? -7.867  17.417  -2.107  1.00 24.65 ?  200 ASN A O   1 
ATOM   1299 C CB  . ASN A 1 161 ? -5.233  18.169  -0.773  1.00 21.98 ?  200 ASN A CB  1 
ATOM   1300 C CG  . ASN A 1 161 ? -4.528  18.952  -1.849  1.00 19.78 ?  200 ASN A CG  1 
ATOM   1301 O OD1 . ASN A 1 161 ? -5.107  19.801  -2.517  1.00 23.05 ?  200 ASN A OD1 1 
ATOM   1302 N ND2 . ASN A 1 161 ? -3.250  18.671  -2.026  1.00 23.03 ?  200 ASN A ND2 1 
ATOM   1303 N N   . GLU A 1 162 ? -8.116  19.693  -2.062  1.00 24.48 ?  201 GLU A N   1 
ATOM   1304 C CA  . GLU A 1 162 ? -9.092  19.714  -3.176  1.00 25.76 ?  201 GLU A CA  1 
ATOM   1305 C C   . GLU A 1 162 ? -8.431  19.182  -4.436  1.00 23.52 ?  201 GLU A C   1 
ATOM   1306 O O   . GLU A 1 162 ? -9.100  18.647  -5.250  1.00 22.59 ?  201 GLU A O   1 
ATOM   1307 C CB  . GLU A 1 162 ? -9.552  21.135  -3.488  1.00 28.41 ?  201 GLU A CB  1 
ATOM   1308 C CG  . GLU A 1 162 ? -10.390 21.729  -2.403  1.00 35.59 ?  201 GLU A CG  1 
ATOM   1309 C CD  . GLU A 1 162 ? -10.969 23.071  -2.794  1.00 41.63 ?  201 GLU A CD  1 
ATOM   1310 O OE1 . GLU A 1 162 ? -11.257 23.887  -1.909  1.00 42.01 ?  201 GLU A OE1 1 
ATOM   1311 O OE2 . GLU A 1 162 ? -11.124 23.273  -3.984  1.00 52.64 ?  201 GLU A OE2 1 
ATOM   1312 N N   . GLU A 1 163 ? -7.154  19.447  -4.584  1.00 23.57 ?  202 GLU A N   1 
ATOM   1313 C CA  . GLU A 1 163 ? -6.410  18.945  -5.764  1.00 25.18 ?  202 GLU A CA  1 
ATOM   1314 C C   . GLU A 1 163 ? -6.359  17.410  -5.758  1.00 22.82 ?  202 GLU A C   1 
ATOM   1315 O O   . GLU A 1 163 ? -6.291  16.837  -6.867  1.00 21.99 ?  202 GLU A O   1 
ATOM   1316 C CB  . GLU A 1 163 ? -5.000  19.511  -5.794  1.00 27.20 ?  202 GLU A CB  1 
ATOM   1317 C CG  . GLU A 1 163 ? -4.917  20.951  -6.228  1.00 30.61 ?  202 GLU A CG  1 
ATOM   1318 C CD  . GLU A 1 163 ? -3.468  21.342  -6.449  1.00 35.48 ?  202 GLU A CD  1 
ATOM   1319 O OE1 . GLU A 1 163 ? -2.795  21.708  -5.467  1.00 38.96 ?  202 GLU A OE1 1 
ATOM   1320 O OE2 . GLU A 1 163 ? -2.990  21.183  -7.577  1.00 42.54 ?  202 GLU A OE2 1 
ATOM   1321 N N   . ILE A 1 164 ? -6.323  16.750  -4.592  1.00 20.75 ?  203 ILE A N   1 
ATOM   1322 C CA  . ILE A 1 164 ? -6.362  15.259  -4.514  1.00 21.86 ?  203 ILE A CA  1 
ATOM   1323 C C   . ILE A 1 164 ? -7.746  14.781  -4.935  1.00 23.89 ?  203 ILE A C   1 
ATOM   1324 O O   . ILE A 1 164 ? -7.843  13.821  -5.750  1.00 23.92 ?  203 ILE A O   1 
ATOM   1325 C CB  . ILE A 1 164 ? -5.938  14.727  -3.129  1.00 20.82 ?  203 ILE A CB  1 
ATOM   1326 C CG1 . ILE A 1 164 ? -4.432  14.884  -2.909  1.00 22.03 ?  203 ILE A CG1 1 
ATOM   1327 C CG2 . ILE A 1 164 ? -6.418  13.299  -2.915  1.00 20.59 ?  203 ILE A CG2 1 
ATOM   1328 C CD1 . ILE A 1 164 ? -3.552  14.020  -3.788  1.00 25.77 ?  203 ILE A CD1 1 
ATOM   1329 N N   . THR A 1 165 ? -8.799  15.376  -4.391  1.00 25.05 ?  204 THR A N   1 
ATOM   1330 C CA  . THR A 1 165 ? -10.174 15.003  -4.763  1.00 23.50 ?  204 THR A CA  1 
ATOM   1331 C C   . THR A 1 165 ? -10.287 15.044  -6.291  1.00 23.01 ?  204 THR A C   1 
ATOM   1332 O O   . THR A 1 165 ? -10.833 14.089  -6.859  1.00 26.06 ?  204 THR A O   1 
ATOM   1333 C CB  . THR A 1 165 ? -11.200 15.917  -4.093  1.00 26.00 ?  204 THR A CB  1 
ATOM   1334 O OG1 . THR A 1 165 ? -10.831 15.987  -2.716  1.00 25.23 ?  204 THR A OG1 1 
ATOM   1335 C CG2 . THR A 1 165 ? -12.612 15.381  -4.252  1.00 25.74 ?  204 THR A CG2 1 
ATOM   1336 N N   . ALA A 1 166 ? -9.712  16.063  -6.922  1.00 21.91 ?  205 ALA A N   1 
ATOM   1337 C CA  . ALA A 1 166 ? -9.814  16.325  -8.382  1.00 22.53 ?  205 ALA A CA  1 
ATOM   1338 C C   . ALA A 1 166 ? -8.932  15.338  -9.157  1.00 23.41 ?  205 ALA A C   1 
ATOM   1339 O O   . ALA A 1 166 ? -9.384  14.799  -10.191 1.00 23.75 ?  205 ALA A O   1 
ATOM   1340 C CB  . ALA A 1 166 ? -9.438  17.757  -8.700  1.00 25.95 ?  205 ALA A CB  1 
ATOM   1341 N N   . LEU A 1 167 ? -7.727  15.055  -8.658  1.00 23.63 ?  206 LEU A N   1 
ATOM   1342 C CA  . LEU A 1 167 ? -6.827  14.042  -9.279  1.00 23.35 ?  206 LEU A CA  1 
ATOM   1343 C C   . LEU A 1 167 ? -7.494  12.662  -9.284  1.00 21.23 ?  206 LEU A C   1 
ATOM   1344 O O   . LEU A 1 167 ? -7.324  11.932  -10.289 1.00 23.41 ?  206 LEU A O   1 
ATOM   1345 C CB  . LEU A 1 167 ? -5.529  13.990  -8.490  1.00 25.35 ?  206 LEU A CB  1 
ATOM   1346 C CG  . LEU A 1 167 ? -4.216  14.338  -9.175  1.00 31.36 ?  206 LEU A CG  1 
ATOM   1347 C CD1 . LEU A 1 167 ? -3.121  13.384  -8.743  1.00 29.72 ?  206 LEU A CD1 1 
ATOM   1348 C CD2 . LEU A 1 167 ? -4.274  14.397  -10.676 1.00 31.45 ?  206 LEU A CD2 1 
ATOM   1349 N N   . LYS A 1 168 ? -8.112  12.271  -8.185  1.00 22.53 ?  207 LYS A N   1 
ATOM   1350 C CA  . LYS A 1 168 ? -8.739  10.936  -7.988  1.00 24.44 ?  207 LYS A CA  1 
ATOM   1351 C C   . LYS A 1 168 ? -9.855  10.777  -9.021  1.00 27.26 ?  207 LYS A C   1 
ATOM   1352 O O   . LYS A 1 168 ? -9.991  9.680   -9.600  1.00 31.61 ?  207 LYS A O   1 
ATOM   1353 C CB  . LYS A 1 168 ? -9.300  10.792  -6.568  1.00 26.63 ?  207 LYS A CB  1 
ATOM   1354 C CG  . LYS A 1 168 ? -8.258  10.826  -5.456  1.00 26.42 ?  207 LYS A CG  1 
ATOM   1355 C CD  . LYS A 1 168 ? -7.710  9.470   -5.096  1.00 27.39 ?  207 LYS A CD  1 
ATOM   1356 C CE  . LYS A 1 168 ? -6.648  9.508   -4.006  1.00 26.27 ?  207 LYS A CE  1 
ATOM   1357 N NZ  . LYS A 1 168 ? -6.630  8.232   -3.251  1.00 25.74 ?  207 LYS A NZ  1 
ATOM   1358 N N   . ILE A 1 169 ? -10.594 11.850  -9.266  1.00 26.81 ?  208 ILE A N   1 
ATOM   1359 C CA  . ILE A 1 169 ? -11.724 11.851  -10.254 1.00 31.14 ?  208 ILE A CA  1 
ATOM   1360 C C   . ILE A 1 169 ? -11.150 11.800  -11.669 1.00 28.74 ?  208 ILE A C   1 
ATOM   1361 O O   . ILE A 1 169 ? -11.691 11.025  -12.485 1.00 32.80 ?  208 ILE A O   1 
ATOM   1362 C CB  . ILE A 1 169 ? -12.643 13.072  -10.039 1.00 31.66 ?  208 ILE A CB  1 
ATOM   1363 C CG1 . ILE A 1 169 ? -13.591 12.832  -8.861  1.00 33.04 ?  208 ILE A CG1 1 
ATOM   1364 C CG2 . ILE A 1 169 ? -13.400 13.418  -11.319 1.00 33.35 ?  208 ILE A CG2 1 
ATOM   1365 C CD1 . ILE A 1 169 ? -14.179 14.106  -8.306  1.00 36.64 ?  208 ILE A CD1 1 
ATOM   1366 N N   . LYS A 1 170 ? -10.113 12.591  -11.964 1.00 26.45 ?  209 LYS A N   1 
ATOM   1367 C CA  . LYS A 1 170 ? -9.496  12.693  -13.313 1.00 25.72 ?  209 LYS A CA  1 
ATOM   1368 C C   . LYS A 1 170 ? -8.949  11.324  -13.719 1.00 32.82 ?  209 LYS A C   1 
ATOM   1369 O O   . LYS A 1 170 ? -9.299  10.845  -14.827 1.00 33.60 ?  209 LYS A O   1 
ATOM   1370 C CB  . LYS A 1 170 ? -8.332  13.693  -13.348 1.00 28.62 ?  209 LYS A CB  1 
ATOM   1371 C CG  . LYS A 1 170 ? -7.586  13.808  -14.677 1.00 30.31 ?  209 LYS A CG  1 
ATOM   1372 C CD  . LYS A 1 170 ? -6.634  14.991  -14.762 1.00 29.61 ?  209 LYS A CD  1 
ATOM   1373 C CE  . LYS A 1 170 ? -5.773  15.016  -16.014 1.00 31.76 ?  209 LYS A CE  1 
ATOM   1374 N NZ  . LYS A 1 170 ? -6.566  15.181  -17.254 1.00 32.97 ?  209 LYS A NZ  1 
ATOM   1375 N N   . TYR A 1 171 ? -8.124  10.703  -12.871 1.00 28.83 ?  210 TYR A N   1 
ATOM   1376 C CA  . TYR A 1 171 ? -7.364  9.497   -13.297 1.00 28.83 ?  210 TYR A CA  1 
ATOM   1377 C C   . TYR A 1 171 ? -8.128  8.207   -12.993 1.00 27.61 ?  210 TYR A C   1 
ATOM   1378 O O   . TYR A 1 171 ? -7.675  7.171   -13.540 1.00 30.58 ?  210 TYR A O   1 
ATOM   1379 C CB  . TYR A 1 171 ? -5.948  9.510   -12.730 1.00 27.56 ?  210 TYR A CB  1 
ATOM   1380 C CG  . TYR A 1 171 ? -5.056  10.505  -13.408 1.00 29.15 ?  210 TYR A CG  1 
ATOM   1381 C CD1 . TYR A 1 171 ? -4.502  10.277  -14.663 1.00 28.92 ?  210 TYR A CD1 1 
ATOM   1382 C CD2 . TYR A 1 171 ? -4.782  11.706  -12.801 1.00 29.44 ?  210 TYR A CD2 1 
ATOM   1383 C CE1 . TYR A 1 171 ? -3.681  11.210  -15.274 1.00 31.44 ?  210 TYR A CE1 1 
ATOM   1384 C CE2 . TYR A 1 171 ? -3.961  12.641  -13.398 1.00 32.20 ?  210 TYR A CE2 1 
ATOM   1385 C CZ  . TYR A 1 171 ? -3.415  12.407  -14.639 1.00 31.24 ?  210 TYR A CZ  1 
ATOM   1386 O OH  . TYR A 1 171 ? -2.630  13.388  -15.167 1.00 31.06 ?  210 TYR A OH  1 
ATOM   1387 N N   . ASN A 1 172 ? -9.250  8.248   -12.262 1.00 30.83 ?  211 ASN A N   1 
ATOM   1388 C CA  . ASN A 1 172 ? -10.009 7.047   -11.809 1.00 34.19 ?  211 ASN A CA  1 
ATOM   1389 C C   . ASN A 1 172 ? -11.431 7.179   -12.344 1.00 40.70 ?  211 ASN A C   1 
ATOM   1390 O O   . ASN A 1 172 ? -11.584 7.290   -13.556 1.00 45.74 ?  211 ASN A O   1 
ATOM   1391 C CB  . ASN A 1 172 ? -10.025 6.862   -10.283 1.00 35.01 ?  211 ASN A CB  1 
ATOM   1392 C CG  . ASN A 1 172 ? -10.604 5.532   -9.829  1.00 36.42 ?  211 ASN A CG  1 
ATOM   1393 O OD1 . ASN A 1 172 ? -10.688 4.597   -10.611 1.00 38.42 ?  211 ASN A OD1 1 
ATOM   1394 N ND2 . ASN A 1 172 ? -10.988 5.427   -8.565  1.00 36.57 ?  211 ASN A ND2 1 
ATOM   1395 O OXT . ASN A 1 172 ? -12.392 7.182   -11.586 1.00 44.01 ?  211 ASN A OXT 1 
HETATM 1396 C C4  . K2P B 2 .   ? 11.564  -14.954 -1.584  0.54 22.14 ?  301 K2P A C4  1 
HETATM 1397 C C5  . K2P B 2 .   ? 11.946  -14.816 -2.893  0.54 22.49 ?  301 K2P A C5  1 
HETATM 1398 C C6  . K2P B 2 .   ? 12.654  -15.858 -3.485  0.54 23.28 ?  301 K2P A C6  1 
HETATM 1399 C C7  . K2P B 2 .   ? 14.126  -14.971 -5.066  0.54 26.98 ?  301 K2P A C7  1 
HETATM 1400 C C   . K2P B 2 .   ? 13.745  -18.173 -3.465  0.54 22.55 ?  301 K2P A C   1 
HETATM 1401 O O   . K2P B 2 .   ? 13.382  -18.477 -4.637  0.54 20.41 -1 301 K2P A O   1 
HETATM 1402 C C1  . K2P B 2 .   ? 12.988  -17.026 -2.797  0.54 21.63 ?  301 K2P A C1  1 
HETATM 1403 C C2  . K2P B 2 .   ? 12.593  -17.129 -1.465  0.54 21.34 ?  301 K2P A C2  1 
HETATM 1404 C C3  . K2P B 2 .   ? 11.880  -16.100 -0.862  0.54 21.40 ?  301 K2P A C3  1 
HETATM 1405 F F   . K2P B 2 .   ? 14.224  -14.694 -6.367  0.54 26.71 ?  301 K2P A F   1 
HETATM 1406 F F1  . K2P B 2 .   ? 15.172  -15.778 -4.766  0.54 28.44 ?  301 K2P A F1  1 
HETATM 1407 F F2  . K2P B 2 .   ? 14.291  -13.890 -4.347  0.54 28.62 ?  301 K2P A F2  1 
HETATM 1408 O O1  . K2P B 2 .   ? 14.633  -18.711 -2.782  0.54 21.87 ?  301 K2P A O1  1 
HETATM 1409 O O2  . K2P B 2 .   ? 12.998  -15.692 -4.811  0.54 24.79 ?  301 K2P A O2  1 
HETATM 1410 O O   . HOH C 3 .   ? 14.063  -2.355  -15.316 1.00 43.50 ?  401 HOH A O   1 
HETATM 1411 O O   . HOH C 3 .   ? 9.715   11.274  12.105  1.00 50.52 ?  402 HOH A O   1 
HETATM 1412 O O   . HOH C 3 .   ? -8.754  -9.915  -1.662  1.00 43.82 ?  403 HOH A O   1 
HETATM 1413 O O   . HOH C 3 .   ? 6.123   13.239  -7.362  1.00 45.98 ?  404 HOH A O   1 
HETATM 1414 O O   . HOH C 3 .   ? -1.131  26.341  0.892   1.00 46.66 ?  405 HOH A O   1 
HETATM 1415 O O   . HOH C 3 .   ? -10.646 -7.151  0.009   1.00 46.15 ?  406 HOH A O   1 
HETATM 1416 O O   . HOH C 3 .   ? -9.116  1.305   -7.051  1.00 38.70 ?  407 HOH A O   1 
HETATM 1417 O O   . HOH C 3 .   ? 15.783  -10.105 -13.041 1.00 31.40 ?  408 HOH A O   1 
HETATM 1418 O O   . HOH C 3 .   ? -11.739 3.622   -3.188  1.00 41.94 ?  409 HOH A O   1 
HETATM 1419 O O   . HOH C 3 .   ? 1.797   9.884   21.336  1.00 43.59 ?  410 HOH A O   1 
HETATM 1420 O O   . HOH C 3 .   ? -13.820 9.861   -11.932 1.00 37.49 ?  411 HOH A O   1 
HETATM 1421 O O   . HOH C 3 .   ? 9.534   10.478  0.171   1.00 44.47 ?  412 HOH A O   1 
HETATM 1422 O O   . HOH C 3 .   ? -0.808  -0.471  -16.238 1.00 33.89 ?  413 HOH A O   1 
HETATM 1423 O O   . HOH C 3 .   ? 2.043   22.279  12.831  1.00 34.21 ?  414 HOH A O   1 
HETATM 1424 O O   . HOH C 3 .   ? -1.903  21.451  -0.845  1.00 29.67 ?  415 HOH A O   1 
HETATM 1425 O O   . HOH C 3 .   ? -0.248  -3.224  7.580   1.00 21.50 ?  416 HOH A O   1 
HETATM 1426 O O   . HOH C 3 .   ? -8.558  -6.010  2.407   1.00 31.62 ?  417 HOH A O   1 
HETATM 1427 O O   . HOH C 3 .   ? -9.242  21.460  2.833   1.00 36.20 ?  418 HOH A O   1 
HETATM 1428 O O   . HOH C 3 .   ? 13.438  -15.980 -13.481 1.00 34.20 ?  419 HOH A O   1 
HETATM 1429 O O   . HOH C 3 .   ? -1.692  20.419  -3.549  1.00 30.08 ?  420 HOH A O   1 
HETATM 1430 O O   . HOH C 3 .   ? -2.539  15.707  -14.082 1.00 37.69 ?  421 HOH A O   1 
HETATM 1431 O O   . HOH C 3 .   ? 8.344   -21.751 4.092   1.00 47.61 ?  422 HOH A O   1 
HETATM 1432 O O   . HOH C 3 .   ? -6.528  -12.206 0.315   1.00 46.04 ?  423 HOH A O   1 
HETATM 1433 O O   . HOH C 3 .   ? -9.590  -1.689  -7.032  1.00 35.74 ?  424 HOH A O   1 
HETATM 1434 O O   . HOH C 3 .   ? 5.561   -3.676  -17.231 1.00 31.82 ?  425 HOH A O   1 
HETATM 1435 O O   . HOH C 3 .   ? 12.746  -15.143 7.353   1.00 37.54 ?  426 HOH A O   1 
HETATM 1436 O O   . HOH C 3 .   ? -7.232  -1.642  -3.255  1.00 25.78 ?  427 HOH A O   1 
HETATM 1437 O O   . HOH C 3 .   ? -0.295  19.399  -0.298  1.00 31.27 ?  428 HOH A O   1 
HETATM 1438 O O   . HOH C 3 .   ? 0.528   16.443  -9.359  1.00 31.59 ?  429 HOH A O   1 
HETATM 1439 O O   . HOH C 3 .   ? -7.292  22.817  6.083   1.00 28.43 ?  430 HOH A O   1 
HETATM 1440 O O   . HOH C 3 .   ? -3.965  -12.899 -11.865 1.00 31.20 ?  431 HOH A O   1 
HETATM 1441 O O   . HOH C 3 .   ? -16.240 -1.698  1.550   1.00 43.05 ?  432 HOH A O   1 
HETATM 1442 O O   . HOH C 3 .   ? -1.805  -2.090  9.790   1.00 28.12 ?  433 HOH A O   1 
HETATM 1443 O O   . HOH C 3 .   ? 9.481   1.953   -6.248  1.00 37.55 ?  434 HOH A O   1 
HETATM 1444 O O   . HOH C 3 .   ? -1.752  2.008   -16.888 1.00 30.93 ?  435 HOH A O   1 
HETATM 1445 O O   . HOH C 3 .   ? -8.387  3.728   0.551   1.00 26.51 ?  436 HOH A O   1 
HETATM 1446 O O   . HOH C 3 .   ? -11.815 8.361   -3.876  1.00 36.15 ?  437 HOH A O   1 
HETATM 1447 O O   . HOH C 3 .   ? -6.265  -11.929 -9.474  1.00 35.13 ?  438 HOH A O   1 
HETATM 1448 O O   . HOH C 3 .   ? 2.563   9.937   10.228  1.00 22.53 ?  439 HOH A O   1 
HETATM 1449 O O   . HOH C 3 .   ? -12.503 12.464  -5.555  1.00 37.44 ?  440 HOH A O   1 
HETATM 1450 O O   . HOH C 3 .   ? -2.970  16.232  -0.013  1.00 19.89 ?  441 HOH A O   1 
HETATM 1451 O O   . HOH C 3 .   ? 10.030  6.700   -9.167  1.00 52.82 ?  442 HOH A O   1 
HETATM 1452 O O   . HOH C 3 .   ? -7.868  3.805   13.022  1.00 48.12 ?  443 HOH A O   1 
HETATM 1453 O O   . HOH C 3 .   ? 3.554   0.891   -15.680 0.50 22.88 ?  444 HOH A O   1 
HETATM 1454 O O   . HOH C 3 .   ? -14.592 -11.107 8.318   1.00 60.17 ?  445 HOH A O   1 
HETATM 1455 O O   . HOH C 3 .   ? 2.140   -2.313  -17.702 1.00 24.12 ?  446 HOH A O   1 
HETATM 1456 O O   . HOH C 3 .   ? -4.185  22.261  -3.103  1.00 34.97 ?  447 HOH A O   1 
HETATM 1457 O O   . HOH C 3 .   ? 2.942   18.270  -1.493  1.00 39.48 ?  448 HOH A O   1 
HETATM 1458 O O   . HOH C 3 .   ? -10.959 16.219  -11.861 1.00 26.02 ?  449 HOH A O   1 
HETATM 1459 O O   . HOH C 3 .   ? 10.744  -6.273  -12.286 1.00 30.72 ?  450 HOH A O   1 
HETATM 1460 O O   . HOH C 3 .   ? -5.853  18.047  -9.257  1.00 22.40 ?  451 HOH A O   1 
HETATM 1461 O O   . HOH C 3 .   ? -7.961  -16.107 -3.334  1.00 58.73 ?  452 HOH A O   1 
HETATM 1462 O O   . HOH C 3 .   ? -12.113 -5.549  -2.328  1.00 41.09 ?  453 HOH A O   1 
HETATM 1463 O O   . HOH C 3 .   ? 2.682   7.084   10.487  1.00 32.30 ?  454 HOH A O   1 
HETATM 1464 O O   . HOH C 3 .   ? 12.745  -9.027  4.541   0.50 41.10 ?  455 HOH A O   1 
HETATM 1465 O O   . HOH C 3 .   ? 18.859  -19.156 0.834   1.00 34.42 ?  456 HOH A O   1 
HETATM 1466 O O   . HOH C 3 .   ? 0.847   -11.877 -12.370 1.00 30.31 ?  457 HOH A O   1 
HETATM 1467 O O   . HOH C 3 .   ? 0.345   -0.186  9.688   1.00 35.22 ?  458 HOH A O   1 
HETATM 1468 O O   . HOH C 3 .   ? -14.327 7.648   6.316   1.00 32.00 ?  459 HOH A O   1 
HETATM 1469 O O   . HOH C 3 .   ? 3.599   17.143  2.476   1.00 36.06 ?  460 HOH A O   1 
HETATM 1470 O O   . HOH C 3 .   ? -6.087  10.661  14.086  1.00 38.96 ?  461 HOH A O   1 
HETATM 1471 O O   . HOH C 3 .   ? 1.077   0.839   -9.322  1.00 20.79 ?  462 HOH A O   1 
HETATM 1472 O O   . HOH C 3 .   ? -10.590 7.106   11.913  1.00 37.94 ?  463 HOH A O   1 
HETATM 1473 O O   . HOH C 3 .   ? -5.744  -7.505  -4.369  1.00 28.93 ?  464 HOH A O   1 
HETATM 1474 O O   . HOH C 3 .   ? 10.051  0.759   -8.994  1.00 30.48 ?  465 HOH A O   1 
HETATM 1475 O O   . HOH C 3 .   ? 1.836   8.493   -3.377  1.00 18.99 ?  466 HOH A O   1 
HETATM 1476 O O   . HOH C 3 .   ? -11.976 18.292  -1.636  1.00 27.86 ?  467 HOH A O   1 
HETATM 1477 O O   . HOH C 3 .   ? -3.317  -9.279  9.260   1.00 47.37 ?  468 HOH A O   1 
HETATM 1478 O O   . HOH C 3 .   ? -13.519 12.972  0.713   1.00 33.07 ?  469 HOH A O   1 
HETATM 1479 O O   . HOH C 3 .   ? -3.210  16.075  13.352  1.00 28.30 ?  470 HOH A O   1 
HETATM 1480 O O   . HOH C 3 .   ? 12.952  -6.453  -14.025 1.00 37.38 ?  471 HOH A O   1 
HETATM 1481 O O   . HOH C 3 .   ? 4.576   12.281  -12.493 1.00 31.18 ?  472 HOH A O   1 
HETATM 1482 O O   . HOH C 3 .   ? 1.571   20.195  1.802   1.00 26.79 ?  473 HOH A O   1 
HETATM 1483 O O   . HOH C 3 .   ? 2.394   11.326  -0.523  1.00 20.52 ?  474 HOH A O   1 
HETATM 1484 O O   . HOH C 3 .   ? -0.942  -11.490 -9.997  1.00 26.20 ?  475 HOH A O   1 
HETATM 1485 O O   . HOH C 3 .   ? 11.374  -24.023 9.189   1.00 37.25 ?  476 HOH A O   1 
HETATM 1486 O O   . HOH C 3 .   ? 5.349   -9.243  -13.056 1.00 23.94 ?  477 HOH A O   1 
HETATM 1487 O O   . HOH C 3 .   ? -6.450  17.817  8.452   1.00 24.61 ?  478 HOH A O   1 
HETATM 1488 O O   . HOH C 3 .   ? -6.546  25.622  7.345   1.00 28.76 ?  479 HOH A O   1 
HETATM 1489 O O   . HOH C 3 .   ? -3.617  -19.095 -10.914 1.00 49.53 ?  480 HOH A O   1 
HETATM 1490 O O   . HOH C 3 .   ? 6.276   -16.088 -16.796 1.00 28.53 ?  481 HOH A O   1 
HETATM 1491 O O   . HOH C 3 .   ? 0.337   25.606  7.103   1.00 25.94 ?  482 HOH A O   1 
HETATM 1492 O O   . HOH C 3 .   ? 4.397   -12.837 -20.243 1.00 46.26 ?  483 HOH A O   1 
HETATM 1493 O O   . HOH C 3 .   ? 11.029  -2.975  5.521   1.00 38.44 ?  484 HOH A O   1 
HETATM 1494 O O   . HOH C 3 .   ? -7.914  6.456   12.934  1.00 30.93 ?  485 HOH A O   1 
HETATM 1495 O O   . HOH C 3 .   ? 8.340   -23.692 -4.044  1.00 26.42 ?  486 HOH A O   1 
HETATM 1496 O O   . HOH C 3 .   ? -2.641  -9.347  -10.073 1.00 30.77 ?  487 HOH A O   1 
HETATM 1497 O O   . HOH C 3 .   ? -4.880  -19.807 -1.284  1.00 46.39 ?  488 HOH A O   1 
HETATM 1498 O O   . HOH C 3 .   ? 0.378   3.082   12.688  1.00 27.74 ?  489 HOH A O   1 
HETATM 1499 O O   . HOH C 3 .   ? 15.904  -23.095 2.013   1.00 34.55 ?  490 HOH A O   1 
HETATM 1500 O O   . HOH C 3 .   ? -3.395  -1.306  -3.923  1.00 26.57 ?  491 HOH A O   1 
HETATM 1501 O O   . HOH C 3 .   ? -4.408  2.440   -10.471 1.00 31.94 ?  492 HOH A O   1 
HETATM 1502 O O   . HOH C 3 .   ? 9.750   3.334   -9.761  1.00 40.60 ?  493 HOH A O   1 
HETATM 1503 O O   . HOH C 3 .   ? -11.018 19.946  0.239   1.00 32.94 ?  494 HOH A O   1 
HETATM 1504 O O   . HOH C 3 .   ? -9.220  5.852   -0.897  1.00 38.90 ?  495 HOH A O   1 
HETATM 1505 O O   . HOH C 3 .   ? -17.824 2.147   6.117   1.00 33.56 ?  496 HOH A O   1 
HETATM 1506 O O   . HOH C 3 .   ? -13.911 0.258   -1.918  1.00 30.85 ?  497 HOH A O   1 
HETATM 1507 O O   . HOH C 3 .   ? -16.872 4.881   8.243   1.00 39.36 ?  498 HOH A O   1 
HETATM 1508 O O   . HOH C 3 .   ? 12.845  -13.593 -14.692 1.00 31.95 ?  499 HOH A O   1 
HETATM 1509 O O   . HOH C 3 .   ? -5.199  -3.843  -12.042 1.00 47.98 ?  500 HOH A O   1 
HETATM 1510 O O   . HOH C 3 .   ? 13.668  -3.136  -11.804 1.00 48.35 ?  501 HOH A O   1 
HETATM 1511 O O   . HOH C 3 .   ? 0.261   9.452   -15.440 1.00 41.80 ?  502 HOH A O   1 
HETATM 1512 O O   . HOH C 3 .   ? 0.455   28.149  7.607   1.00 29.32 ?  503 HOH A O   1 
HETATM 1513 O O   . HOH C 3 .   ? -6.494  -7.306  -10.180 1.00 41.38 ?  504 HOH A O   1 
HETATM 1514 O O   . HOH C 3 .   ? 10.481  -25.282 -4.726  1.00 39.45 ?  505 HOH A O   1 
HETATM 1515 O O   . HOH C 3 .   ? 10.896  -24.268 -1.567  1.00 30.17 ?  506 HOH A O   1 
HETATM 1516 O O   . HOH C 3 .   ? -0.592  -18.009 1.028   1.00 44.76 ?  507 HOH A O   1 
HETATM 1517 O O   . HOH C 3 .   ? 5.078   14.210  -0.653  1.00 40.56 ?  508 HOH A O   1 
HETATM 1518 O O   . HOH C 3 .   ? -5.370  -11.623 3.414   1.00 32.22 ?  509 HOH A O   1 
HETATM 1519 O O   . HOH C 3 .   ? 3.261   15.315  4.303   1.00 34.77 ?  510 HOH A O   1 
HETATM 1520 O O   . HOH C 3 .   ? -12.217 16.928  6.870   1.00 39.22 ?  511 HOH A O   1 
HETATM 1521 O O   . HOH C 3 .   ? -9.095  12.483  8.528   1.00 32.81 ?  512 HOH A O   1 
HETATM 1522 O O   . HOH C 3 .   ? 9.371   -18.803 2.899   1.00 49.44 ?  513 HOH A O   1 
HETATM 1523 O O   . HOH C 3 .   ? -6.685  24.509  4.108   1.00 26.51 ?  514 HOH A O   1 
HETATM 1524 O O   . HOH C 3 .   ? 4.713   0.614   11.129  1.00 31.54 ?  515 HOH A O   1 
HETATM 1525 O O   . HOH C 3 .   ? 9.356   8.856   -4.235  1.00 41.40 ?  516 HOH A O   1 
HETATM 1526 O O   . HOH C 3 .   ? -15.613 9.135   0.041   1.00 41.82 ?  517 HOH A O   1 
HETATM 1527 O O   . HOH C 3 .   ? -6.139  -8.698  -6.646  1.00 37.40 ?  518 HOH A O   1 
HETATM 1528 O O   . HOH C 3 .   ? 3.015   -3.069  9.425   1.00 39.76 ?  519 HOH A O   1 
HETATM 1529 O O   . HOH C 3 .   ? -3.346  18.825  -9.548  1.00 43.83 ?  520 HOH A O   1 
HETATM 1530 O O   . HOH C 3 .   ? -0.707  24.297  12.058  1.00 37.43 ?  521 HOH A O   1 
HETATM 1531 O O   . HOH C 3 .   ? -23.247 -1.356  13.709  1.00 50.49 ?  522 HOH A O   1 
HETATM 1532 O O   . HOH C 3 .   ? 5.267   -22.899 3.032   1.00 44.89 ?  523 HOH A O   1 
HETATM 1533 O O   . HOH C 3 .   ? -5.015  -9.474  -9.142  1.00 33.02 ?  524 HOH A O   1 
HETATM 1534 O O   . HOH C 3 .   ? 1.190   0.593   11.996  1.00 38.25 ?  525 HOH A O   1 
HETATM 1535 O O   . HOH C 3 .   ? -5.421  5.014   -14.487 1.00 49.33 ?  526 HOH A O   1 
HETATM 1536 O O   . HOH C 3 .   ? 5.155   -8.573  -15.753 1.00 36.70 ?  527 HOH A O   1 
HETATM 1537 O O   . HOH C 3 .   ? -10.447 6.400   -5.423  1.00 48.71 ?  528 HOH A O   1 
HETATM 1538 O O   . HOH C 3 .   ? 4.503   12.000  1.093   1.00 29.94 ?  529 HOH A O   1 
HETATM 1539 O O   . HOH C 3 .   ? 13.497  -27.019 -10.641 1.00 30.61 ?  530 HOH A O   1 
HETATM 1540 O O   . HOH C 3 .   ? -3.235  -18.014 0.562   1.00 36.94 ?  531 HOH A O   1 
HETATM 1541 O O   . HOH C 3 .   ? 12.766  -0.541  -8.526  1.00 54.61 ?  532 HOH A O   1 
HETATM 1542 O O   . HOH C 3 .   ? 5.735   11.075  20.260  1.00 51.89 ?  533 HOH A O   1 
HETATM 1543 O O   . HOH C 3 .   ? -2.491  17.085  19.869  1.00 25.64 ?  534 HOH A O   1 
HETATM 1544 O O   . HOH C 3 .   ? 20.995  -3.655  -14.006 1.00 53.46 ?  535 HOH A O   1 
HETATM 1545 O O   . HOH C 3 .   ? 2.321   10.819  -20.532 1.00 54.61 ?  536 HOH A O   1 
HETATM 1546 O O   . HOH C 3 .   ? 8.146   14.979  9.082   1.00 35.91 ?  537 HOH A O   1 
HETATM 1547 O O   . HOH C 3 .   ? 12.579  -4.263  -15.507 1.00 45.71 ?  538 HOH A O   1 
HETATM 1548 O O   . HOH C 3 .   ? -6.531  16.897  -11.619 1.00 26.96 ?  539 HOH A O   1 
HETATM 1549 O O   . HOH C 3 .   ? 15.238  -20.675 -12.475 1.00 44.48 ?  540 HOH A O   1 
HETATM 1550 O O   . HOH C 3 .   ? 10.225  -26.278 -16.980 1.00 35.59 ?  541 HOH A O   1 
HETATM 1551 O O   . HOH C 3 .   ? 8.994   5.860   11.694  1.00 51.78 ?  542 HOH A O   1 
HETATM 1552 O O   . HOH C 3 .   ? -9.068  17.709  -12.776 1.00 30.48 ?  543 HOH A O   1 
HETATM 1553 O O   . HOH C 3 .   ? 8.807   -18.846 14.699  1.00 46.64 ?  544 HOH A O   1 
HETATM 1554 O O   . HOH C 3 .   ? -2.622  25.503  12.842  1.00 38.60 ?  545 HOH A O   1 
HETATM 1555 O O   . HOH C 3 .   ? -12.207 15.288  -14.103 1.00 38.22 ?  546 HOH A O   1 
HETATM 1556 O O   . HOH C 3 .   ? -1.556  -12.295 -13.461 1.00 34.14 ?  547 HOH A O   1 
HETATM 1557 O O   . HOH C 3 .   ? -7.413  15.079  14.779  1.00 41.47 ?  548 HOH A O   1 
HETATM 1558 O O   . HOH C 3 .   ? 11.095  -26.803 -2.776  1.00 39.45 ?  549 HOH A O   1 
HETATM 1559 O O   . HOH C 3 .   ? -5.773  16.875  13.594  1.00 31.08 ?  550 HOH A O   1 
HETATM 1560 O O   . HOH C 3 .   ? -11.219 21.260  -7.830  1.00 32.78 ?  551 HOH A O   1 
HETATM 1561 O O   . HOH C 3 .   ? 8.167   -17.855 -16.189 1.00 42.80 ?  552 HOH A O   1 
HETATM 1562 O O   . HOH C 3 .   ? -7.194  20.404  -9.750  1.00 27.35 ?  553 HOH A O   1 
HETATM 1563 O O   . HOH C 3 .   ? -4.700  17.628  -13.530 1.00 38.98 ?  554 HOH A O   1 
HETATM 1564 O O   . HOH C 3 .   ? 0.734   25.598  10.016  1.00 29.10 ?  555 HOH A O   1 
HETATM 1565 O O   . HOH C 3 .   ? -5.232  4.461   21.763  1.00 33.31 ?  556 HOH A O   1 
HETATM 1566 O O   . HOH C 3 .   ? -9.241  20.230  -11.595 1.00 27.81 ?  557 HOH A O   1 
# 
